data_5A3I
#
_entry.id   5A3I
#
_cell.length_a   86.750
_cell.length_b   87.700
_cell.length_c   100.900
_cell.angle_alpha   78.67
_cell.angle_beta   84.66
_cell.angle_gamma   73.91
#
_symmetry.space_group_name_H-M   'P 1'
#
loop_
_entity.id
_entity.type
_entity.pdbx_description
1 polymer HEMAGGLUTININ
2 polymer HEMAGGLUTININ
3 polymer 'ANTI-HAEMAGGLUTININ HA1 FAB HEAVY CHAIN'
4 polymer 'ANTI-HAEMAGGLUTININ HA1 FAB LIGHT CHAIN'
5 polymer HEMAGGLUTININ
6 branched 2-acetamido-2-deoxy-beta-D-glucopyranose-(1-4)-2-acetamido-2-deoxy-beta-D-glucopyranose
7 non-polymer 2-acetamido-2-deoxy-beta-D-glucopyranose
#
loop_
_entity_poly.entity_id
_entity_poly.type
_entity_poly.pdbx_seq_one_letter_code
_entity_poly.pdbx_strand_id
1 'polypeptide(L)'
;DPDQICIGYHANNSTEQVDTIMEKNVTVTHAQDILEKTHNGKLCDLDGVKPLILRDCSVAGWLLGNPMCDEFINVPEWSY
IVEKANPVNDLCYPGDFNDYEELKHLLSRINHFEKIQIIPKSSWSSHEASLGVSSACPYQGKSSFFRNVVWLIKKDSTYP
TIKRSYNNTNQEDLLVLWGIHHPNDAAEQTKLYQNPTTYISVGTSTLNQRLVPRIATRSKVKGLSGRMEFFWTILKPNDA
INFESNGNFIAPEYAYKIVKKGDSTIMKSELEYGNCNTKCQTPMGAINSSMPFHNIHPLTIGECPKYVKSNRLVLAIGLR
NSPQRETR
;
A,E
2 'polypeptide(L)'
;GLFGAIAGFIEGGWQGMVDGWYGYHHSNEQGSGYAADKESTQKAIDGVTNKVNSIIDKMNTQFEAVGREFNNLERRIENL
NKKMEDGFLDVWTYNAELLVLMENERTLDFHDSNVKNLYDKVRLQLRDNAKELGNGCFEFYHKCDNECMESVRNGTYDYP
QYSEEA
;
B
3 'polypeptide(L)'
;EVQLVQSGAEVKKPGESLKISCKGSGYSFSDYWIGWVRQMPGEGLEWMGIIYPASSEIRYSPSFQGLVTISRDKSINTAS
LQWSSLKASDTAIYYCARHASCSARSCYWGPVDYWGQGTLVTVSSASTKGPSVFPLAPSSKSTSGGTAALGCLVKDYFPE
PVTVSWNSGALTSGVHTFPAVLQSSGLYSLSSVVTVPSSSLGTQTYICNVNHKPSNTKVDKRVEPKSCDK
;
C,G
4 'polypeptide(L)'
;DIVMTQSPLSLPVSPGEPASISCRSSQSLLHGNGYNYLDWYLQKPGQSPRLLIYLGSNRASGVPDRFSGSGSGTDFTLKI
SRVEAEDVGVYYCMQALQTPLTFGGGTKVEIKRTVAAPSVFIFPPSDEQLKSGTASVVCLLNNFYPREAKVQWKVDNALQ
SGNSQESVTEQDSKDSTYSLSSTLTLSKADYEKHKVYACEVTHQGLSSPVTKSFNRGEC
;
D,H
5 'polypeptide(L)'
;GLFGAIAGFIEGGWQGMVDGWYGYHHSNEQGSGYAADKESTQKAIDGVTNKVNSIIDKMNTQFEAVGKEFNNLERRIENL
NKKMEDGFLDVWTYNAELLVLMENERTLDFHDSNVKNLYDKVRLQLRDNAKELGNGCFEFYHKCDNECMESVRNGTYDYP
QYSEEA
;
F
#
# COMPACT_ATOMS: atom_id res chain seq x y z
N ASP A 1 -66.13 -34.64 24.59
CA ASP A 1 -65.00 -35.43 24.01
C ASP A 1 -64.25 -36.22 25.09
N PRO A 2 -63.51 -37.27 24.69
CA PRO A 2 -62.69 -38.01 25.64
C PRO A 2 -61.35 -37.32 25.87
N ASP A 3 -60.65 -37.75 26.92
CA ASP A 3 -59.32 -37.22 27.23
C ASP A 3 -58.29 -37.90 26.34
N GLN A 4 -57.22 -37.18 26.02
CA GLN A 4 -56.15 -37.72 25.17
C GLN A 4 -54.76 -37.14 25.51
N ILE A 5 -53.73 -37.86 25.08
CA ILE A 5 -52.34 -37.42 25.21
C ILE A 5 -51.64 -37.59 23.87
N CYS A 6 -50.79 -36.64 23.51
CA CYS A 6 -50.08 -36.67 22.23
C CYS A 6 -48.57 -36.56 22.41
N ILE A 7 -47.83 -37.00 21.38
CA ILE A 7 -46.37 -36.96 21.39
C ILE A 7 -45.85 -36.17 20.20
N GLY A 8 -44.92 -35.26 20.47
CA GLY A 8 -44.35 -34.39 19.44
C GLY A 8 -42.95 -33.92 19.80
N TYR A 9 -42.45 -32.94 19.05
CA TYR A 9 -41.10 -32.42 19.22
C TYR A 9 -41.04 -30.90 19.05
N HIS A 10 -39.90 -30.33 19.41
CA HIS A 10 -39.75 -28.86 19.54
C HIS A 10 -39.76 -28.13 18.20
N ALA A 11 -40.23 -26.89 18.26
CA ALA A 11 -40.19 -25.96 17.13
C ALA A 11 -39.99 -24.53 17.65
N ASN A 12 -39.49 -23.65 16.79
CA ASN A 12 -39.27 -22.25 17.16
C ASN A 12 -39.05 -21.35 15.92
N ASN A 13 -38.71 -20.08 16.17
CA ASN A 13 -38.48 -19.10 15.09
C ASN A 13 -37.07 -19.11 14.49
N SER A 14 -36.37 -20.25 14.61
CA SER A 14 -35.02 -20.39 14.06
C SER A 14 -35.03 -20.55 12.56
N THR A 15 -34.01 -19.98 11.90
CA THR A 15 -33.85 -20.11 10.45
C THR A 15 -32.44 -20.58 10.09
N GLU A 16 -31.74 -21.21 11.03
CA GLU A 16 -30.39 -21.69 10.79
C GLU A 16 -30.44 -22.98 9.99
N GLN A 17 -29.69 -23.01 8.89
CA GLN A 17 -29.70 -24.15 7.96
C GLN A 17 -28.43 -24.98 8.09
N VAL A 18 -28.53 -26.26 7.76
CA VAL A 18 -27.39 -27.18 7.76
C VAL A 18 -27.48 -28.14 6.58
N ASP A 19 -26.34 -28.72 6.21
CA ASP A 19 -26.28 -29.69 5.12
C ASP A 19 -26.07 -31.10 5.66
N THR A 20 -26.63 -32.08 4.95
CA THR A 20 -26.52 -33.49 5.32
C THR A 20 -26.09 -34.29 4.09
N ILE A 21 -26.15 -35.62 4.19
CA ILE A 21 -25.81 -36.49 3.07
C ILE A 21 -26.86 -36.33 1.97
N MET A 22 -28.12 -36.41 2.36
CA MET A 22 -29.24 -36.48 1.42
C MET A 22 -29.82 -35.11 1.09
N GLU A 23 -29.72 -34.16 2.02
CA GLU A 23 -30.32 -32.84 1.84
C GLU A 23 -29.29 -31.72 2.06
N LYS A 24 -29.50 -30.62 1.34
CA LYS A 24 -28.75 -29.38 1.56
C LYS A 24 -29.73 -28.29 2.01
N ASN A 25 -29.26 -27.42 2.90
CA ASN A 25 -30.08 -26.34 3.47
C ASN A 25 -31.33 -26.85 4.18
N VAL A 26 -31.12 -27.57 5.28
CA VAL A 26 -32.20 -28.06 6.12
C VAL A 26 -32.32 -27.18 7.36
N THR A 27 -33.43 -26.46 7.47
CA THR A 27 -33.67 -25.57 8.61
C THR A 27 -33.83 -26.39 9.89
N VAL A 28 -33.01 -26.07 10.90
CA VAL A 28 -33.05 -26.76 12.19
C VAL A 28 -33.30 -25.77 13.32
N THR A 29 -33.68 -26.29 14.48
CA THR A 29 -33.99 -25.45 15.64
C THR A 29 -32.74 -24.86 16.29
N HIS A 30 -31.66 -25.64 16.30
CA HIS A 30 -30.39 -25.20 16.88
C HIS A 30 -29.22 -25.70 16.03
N ALA A 31 -28.12 -24.94 16.04
CA ALA A 31 -26.94 -25.29 15.25
C ALA A 31 -25.67 -24.62 15.80
N GLN A 32 -24.53 -25.21 15.48
CA GLN A 32 -23.23 -24.74 15.98
C GLN A 32 -22.30 -24.46 14.80
N ASP A 33 -21.88 -23.21 14.67
CA ASP A 33 -20.88 -22.83 13.68
C ASP A 33 -19.50 -23.10 14.26
N ILE A 34 -18.65 -23.79 13.50
CA ILE A 34 -17.29 -24.13 13.96
C ILE A 34 -16.22 -23.56 13.04
N LEU A 35 -16.59 -22.58 12.21
CA LEU A 35 -15.68 -21.97 11.25
C LEU A 35 -15.62 -20.46 11.45
N GLU A 36 -14.42 -19.96 11.78
CA GLU A 36 -14.19 -18.52 11.89
C GLU A 36 -13.93 -17.93 10.51
N LYS A 37 -14.70 -16.91 10.13
CA LYS A 37 -14.63 -16.33 8.79
C LYS A 37 -14.20 -14.86 8.77
N THR A 38 -14.11 -14.22 9.93
CA THR A 38 -13.82 -12.79 10.01
C THR A 38 -12.48 -12.48 10.68
N HIS A 39 -11.94 -11.31 10.38
CA HIS A 39 -10.67 -10.83 10.94
C HIS A 39 -10.69 -9.31 10.98
N ASN A 40 -9.91 -8.72 11.89
CA ASN A 40 -9.88 -7.25 12.06
C ASN A 40 -9.18 -6.51 10.90
N GLY A 41 -8.35 -7.23 10.14
CA GLY A 41 -7.72 -6.66 8.95
C GLY A 41 -6.54 -5.76 9.25
N LYS A 42 -5.81 -6.06 10.32
CA LYS A 42 -4.67 -5.26 10.75
C LYS A 42 -3.51 -6.17 11.16
N LEU A 43 -2.28 -5.66 11.02
CA LEU A 43 -1.09 -6.35 11.53
C LEU A 43 -0.86 -5.90 12.97
N CYS A 44 -0.91 -6.87 13.90
CA CYS A 44 -0.86 -6.60 15.32
C CYS A 44 0.40 -7.16 15.97
N ASP A 45 0.55 -6.89 17.27
CA ASP A 45 1.58 -7.53 18.08
C ASP A 45 1.17 -8.98 18.37
N LEU A 46 2.12 -9.78 18.83
CA LEU A 46 1.85 -11.15 19.25
C LEU A 46 2.25 -11.30 20.71
N ASP A 47 1.26 -11.27 21.61
CA ASP A 47 1.47 -11.21 23.06
C ASP A 47 2.37 -10.03 23.46
N GLY A 48 2.09 -8.86 22.87
CA GLY A 48 2.84 -7.65 23.19
C GLY A 48 4.19 -7.52 22.51
N VAL A 49 4.54 -8.49 21.67
CA VAL A 49 5.81 -8.46 20.94
C VAL A 49 5.55 -8.02 19.50
N LYS A 50 6.08 -6.86 19.13
CA LYS A 50 5.85 -6.26 17.82
C LYS A 50 6.67 -6.97 16.73
N PRO A 51 6.06 -7.17 15.54
CA PRO A 51 6.79 -7.77 14.44
C PRO A 51 7.74 -6.79 13.74
N LEU A 52 8.71 -7.35 13.01
CA LEU A 52 9.58 -6.55 12.17
C LEU A 52 8.90 -6.31 10.83
N ILE A 53 8.47 -5.08 10.58
CA ILE A 53 7.78 -4.73 9.33
C ILE A 53 8.75 -3.96 8.41
N LEU A 54 9.10 -4.58 7.29
CA LEU A 54 10.16 -4.06 6.43
C LEU A 54 9.72 -2.98 5.43
N ARG A 55 8.44 -2.60 5.47
CA ARG A 55 7.87 -1.64 4.52
C ARG A 55 8.20 -2.04 3.07
N ASP A 56 8.97 -1.22 2.36
CA ASP A 56 9.32 -1.48 0.96
C ASP A 56 10.64 -2.23 0.83
N CYS A 57 11.22 -2.65 1.95
CA CYS A 57 12.47 -3.40 1.94
C CYS A 57 12.22 -4.90 1.88
N SER A 58 13.24 -5.62 1.41
CA SER A 58 13.24 -7.07 1.43
C SER A 58 14.15 -7.56 2.54
N VAL A 59 14.23 -8.87 2.72
CA VAL A 59 15.13 -9.47 3.70
C VAL A 59 16.59 -9.29 3.29
N ALA A 60 16.85 -9.44 2.00
CA ALA A 60 18.20 -9.25 1.45
C ALA A 60 18.71 -7.83 1.69
N GLY A 61 17.85 -6.85 1.45
CA GLY A 61 18.19 -5.45 1.70
C GLY A 61 18.45 -5.16 3.16
N TRP A 62 17.61 -5.71 4.03
CA TRP A 62 17.75 -5.54 5.48
C TRP A 62 19.09 -6.06 5.99
N LEU A 63 19.41 -7.32 5.68
CA LEU A 63 20.62 -7.96 6.18
C LEU A 63 21.89 -7.38 5.55
N LEU A 64 21.89 -7.23 4.22
CA LEU A 64 23.03 -6.64 3.50
C LEU A 64 23.22 -5.16 3.85
N GLY A 65 22.13 -4.49 4.23
CA GLY A 65 22.18 -3.08 4.61
C GLY A 65 21.99 -2.16 3.42
N ASN A 66 20.82 -2.24 2.79
CA ASN A 66 20.49 -1.38 1.67
C ASN A 66 20.36 0.07 2.14
N PRO A 67 20.93 1.03 1.38
CA PRO A 67 20.87 2.46 1.74
C PRO A 67 19.47 3.02 2.01
N MET A 68 18.46 2.49 1.31
CA MET A 68 17.08 2.93 1.51
C MET A 68 16.49 2.38 2.81
N CYS A 69 17.02 1.25 3.27
CA CYS A 69 16.53 0.56 4.46
C CYS A 69 17.25 1.03 5.73
N ASP A 70 17.10 2.32 6.05
CA ASP A 70 17.84 2.93 7.16
C ASP A 70 17.13 2.86 8.51
N GLU A 71 15.87 2.44 8.53
CA GLU A 71 15.18 2.21 9.80
C GLU A 71 15.66 0.92 10.46
N PHE A 72 16.07 -0.04 9.63
CA PHE A 72 16.32 -1.41 10.10
C PHE A 72 17.78 -1.69 10.45
N ILE A 73 18.49 -0.62 10.85
CA ILE A 73 19.77 -0.72 11.54
C ILE A 73 19.45 -1.02 13.00
N ASN A 74 19.96 -2.14 13.51
CA ASN A 74 19.74 -2.56 14.90
C ASN A 74 18.26 -2.62 15.30
N VAL A 75 17.54 -3.62 14.79
CA VAL A 75 16.13 -3.81 15.11
C VAL A 75 15.96 -4.60 16.41
N PRO A 76 14.91 -4.30 17.18
CA PRO A 76 14.63 -5.06 18.40
C PRO A 76 14.01 -6.41 18.08
N GLU A 77 13.88 -7.26 19.09
CA GLU A 77 13.32 -8.60 18.89
C GLU A 77 11.91 -8.54 18.29
N TRP A 78 11.57 -9.54 17.50
CA TRP A 78 10.28 -9.61 16.82
C TRP A 78 9.55 -10.92 17.10
N SER A 79 8.24 -10.89 16.91
CA SER A 79 7.40 -12.08 17.00
C SER A 79 7.36 -12.76 15.62
N TYR A 80 7.18 -11.95 14.58
CA TYR A 80 7.24 -12.42 13.20
C TYR A 80 7.75 -11.30 12.29
N ILE A 81 7.95 -11.62 11.02
CA ILE A 81 8.45 -10.66 10.04
C ILE A 81 7.44 -10.50 8.90
N VAL A 82 7.33 -9.28 8.40
CA VAL A 82 6.43 -8.98 7.28
C VAL A 82 7.24 -8.41 6.12
N GLU A 83 6.91 -8.85 4.91
CA GLU A 83 7.60 -8.42 3.70
C GLU A 83 6.59 -8.33 2.56
N LYS A 84 6.64 -7.26 1.79
CA LYS A 84 5.72 -7.06 0.67
C LYS A 84 6.05 -8.00 -0.48
N ALA A 85 5.12 -8.11 -1.44
CA ALA A 85 5.24 -9.06 -2.55
C ALA A 85 6.45 -8.73 -3.42
N ASN A 86 6.46 -7.51 -3.95
CA ASN A 86 7.53 -7.04 -4.81
C ASN A 86 8.19 -5.79 -4.22
N PRO A 87 9.03 -5.98 -3.19
CA PRO A 87 9.65 -4.83 -2.52
C PRO A 87 10.62 -4.10 -3.45
N VAL A 88 10.42 -2.80 -3.60
CA VAL A 88 11.24 -2.00 -4.52
C VAL A 88 12.71 -1.97 -4.11
N ASN A 89 12.97 -2.00 -2.81
CA ASN A 89 14.32 -2.04 -2.28
C ASN A 89 14.73 -3.48 -1.94
N ASP A 90 15.22 -4.19 -2.96
CA ASP A 90 15.72 -5.55 -2.78
C ASP A 90 17.26 -5.54 -2.90
N LEU A 91 17.78 -5.73 -4.11
CA LEU A 91 19.19 -5.53 -4.39
C LEU A 91 19.32 -4.35 -5.35
N CYS A 92 19.70 -3.19 -4.82
CA CYS A 92 19.85 -1.97 -5.60
C CYS A 92 20.75 -2.20 -6.81
N TYR A 93 21.94 -2.72 -6.56
CA TYR A 93 22.84 -3.14 -7.61
C TYR A 93 22.32 -4.48 -8.14
N PRO A 94 22.17 -4.62 -9.47
CA PRO A 94 21.60 -5.86 -10.01
C PRO A 94 22.42 -7.09 -9.63
N GLY A 95 21.79 -8.04 -8.95
CA GLY A 95 22.49 -9.23 -8.48
C GLY A 95 21.60 -10.33 -7.93
N ASP A 96 22.23 -11.43 -7.55
CA ASP A 96 21.52 -12.61 -7.04
C ASP A 96 21.89 -12.86 -5.58
N PHE A 97 21.29 -13.89 -4.99
CA PHE A 97 21.56 -14.27 -3.61
C PHE A 97 21.47 -15.79 -3.47
N ASN A 98 22.60 -16.42 -3.12
CA ASN A 98 22.66 -17.87 -3.02
C ASN A 98 21.98 -18.42 -1.76
N ASP A 99 21.16 -19.44 -1.94
CA ASP A 99 20.40 -20.07 -0.85
C ASP A 99 19.53 -19.06 -0.09
N TYR A 100 18.82 -18.23 -0.86
CA TYR A 100 18.00 -17.15 -0.31
C TYR A 100 16.76 -17.69 0.41
N GLU A 101 16.16 -18.74 -0.15
CA GLU A 101 15.00 -19.39 0.48
C GLU A 101 15.42 -20.20 1.70
N GLU A 102 16.62 -20.79 1.65
CA GLU A 102 17.18 -21.52 2.80
C GLU A 102 17.42 -20.57 3.96
N LEU A 103 17.87 -19.36 3.66
CA LEU A 103 18.07 -18.32 4.66
C LEU A 103 16.75 -17.88 5.28
N LYS A 104 15.72 -17.75 4.45
CA LYS A 104 14.38 -17.38 4.93
C LYS A 104 13.78 -18.46 5.83
N HIS A 105 14.04 -19.72 5.50
CA HIS A 105 13.61 -20.85 6.33
C HIS A 105 14.32 -20.81 7.70
N LEU A 106 15.60 -20.41 7.68
CA LEU A 106 16.37 -20.28 8.92
C LEU A 106 15.87 -19.13 9.80
N LEU A 107 15.29 -18.09 9.19
CA LEU A 107 14.75 -16.96 9.93
C LEU A 107 13.46 -17.30 10.70
N SER A 108 12.82 -18.41 10.37
CA SER A 108 11.68 -18.90 11.14
C SER A 108 12.11 -19.38 12.52
N ARG A 109 13.34 -19.89 12.61
CA ARG A 109 13.92 -20.32 13.90
C ARG A 109 14.37 -19.15 14.77
N ILE A 110 14.57 -17.98 14.17
CA ILE A 110 15.20 -16.84 14.85
C ILE A 110 14.21 -15.73 15.19
N ASN A 111 14.34 -15.18 16.40
CA ASN A 111 13.50 -14.07 16.87
C ASN A 111 14.23 -12.74 17.00
N HIS A 112 15.56 -12.76 17.11
CA HIS A 112 16.33 -11.54 17.33
C HIS A 112 17.82 -11.70 17.00
N PHE A 113 18.34 -10.76 16.22
CA PHE A 113 19.79 -10.65 15.95
C PHE A 113 20.39 -9.56 16.82
N GLU A 114 21.72 -9.49 16.82
CA GLU A 114 22.47 -8.34 17.33
C GLU A 114 23.66 -8.10 16.42
N LYS A 115 23.61 -7.02 15.65
CA LYS A 115 24.66 -6.71 14.68
C LYS A 115 25.94 -6.32 15.42
N ILE A 116 27.04 -6.96 15.05
CA ILE A 116 28.35 -6.61 15.60
C ILE A 116 29.34 -6.42 14.46
N GLN A 117 30.25 -5.47 14.63
CA GLN A 117 31.28 -5.21 13.62
C GLN A 117 32.38 -6.26 13.78
N ILE A 118 32.73 -6.93 12.68
CA ILE A 118 33.77 -7.96 12.69
C ILE A 118 35.06 -7.49 12.03
N ILE A 119 34.94 -6.78 10.90
CA ILE A 119 36.10 -6.26 10.16
C ILE A 119 35.86 -4.80 9.80
N PRO A 120 36.41 -3.86 10.59
CA PRO A 120 36.16 -2.44 10.33
C PRO A 120 36.75 -1.97 8.99
N LYS A 121 36.08 -1.01 8.35
CA LYS A 121 36.58 -0.40 7.10
C LYS A 121 38.01 0.13 7.25
N SER A 122 38.30 0.69 8.42
CA SER A 122 39.63 1.24 8.72
C SER A 122 40.77 0.24 8.50
N SER A 123 40.52 -1.04 8.79
CA SER A 123 41.54 -2.08 8.68
C SER A 123 42.10 -2.25 7.27
N TRP A 124 41.26 -2.00 6.26
CA TRP A 124 41.69 -2.13 4.86
C TRP A 124 42.60 -0.96 4.48
N SER A 125 43.88 -1.08 4.82
CA SER A 125 44.86 -0.03 4.58
C SER A 125 45.57 -0.19 3.23
N SER A 126 45.85 -1.43 2.85
CA SER A 126 46.49 -1.73 1.56
C SER A 126 45.53 -1.57 0.37
N HIS A 127 44.23 -1.53 0.65
CA HIS A 127 43.20 -1.35 -0.37
C HIS A 127 42.42 -0.06 -0.15
N GLU A 128 41.79 0.44 -1.20
CA GLU A 128 40.96 1.63 -1.12
C GLU A 128 39.50 1.22 -0.94
N ALA A 129 38.99 1.37 0.28
CA ALA A 129 37.62 0.98 0.62
C ALA A 129 36.60 2.12 0.49
N SER A 130 37.10 3.35 0.35
CA SER A 130 36.24 4.52 0.20
C SER A 130 35.41 4.43 -1.08
N LEU A 131 36.10 4.17 -2.19
CA LEU A 131 35.43 3.96 -3.48
C LEU A 131 34.85 2.54 -3.51
N GLY A 132 34.09 2.24 -4.55
CA GLY A 132 33.24 1.04 -4.59
C GLY A 132 31.80 1.43 -4.34
N VAL A 133 31.43 2.64 -4.74
CA VAL A 133 30.06 3.14 -4.65
C VAL A 133 29.37 2.97 -6.01
N SER A 134 28.08 3.27 -6.07
CA SER A 134 27.31 3.06 -7.30
C SER A 134 26.03 3.89 -7.35
N SER A 135 25.72 4.39 -8.54
CA SER A 135 24.44 5.05 -8.80
C SER A 135 23.35 3.99 -8.93
N ALA A 136 22.10 4.44 -8.76
CA ALA A 136 20.94 3.53 -8.65
C ALA A 136 21.00 2.67 -7.37
N CYS A 137 21.78 3.14 -6.40
CA CYS A 137 21.85 2.56 -5.06
C CYS A 137 22.25 3.68 -4.10
N PRO A 138 21.46 4.78 -4.08
CA PRO A 138 21.89 6.03 -3.45
C PRO A 138 21.77 6.09 -1.94
N TYR A 139 22.79 6.66 -1.29
CA TYR A 139 22.73 7.04 0.12
C TYR A 139 22.95 8.55 0.22
N GLN A 140 22.03 9.24 0.90
CA GLN A 140 22.12 10.68 1.14
C GLN A 140 22.14 11.48 -0.18
N GLY A 141 21.51 10.93 -1.22
CA GLY A 141 21.49 11.55 -2.55
C GLY A 141 22.65 11.11 -3.45
N LYS A 142 23.76 10.69 -2.84
CA LYS A 142 24.99 10.34 -3.56
C LYS A 142 25.02 8.87 -3.96
N SER A 143 25.92 8.54 -4.88
CA SER A 143 26.21 7.15 -5.23
C SER A 143 26.76 6.43 -4.00
N SER A 144 26.24 5.24 -3.74
CA SER A 144 26.61 4.49 -2.54
C SER A 144 26.45 2.98 -2.72
N PHE A 145 26.79 2.23 -1.68
CA PHE A 145 26.74 0.77 -1.71
C PHE A 145 26.12 0.25 -0.42
N PHE A 146 25.90 -1.07 -0.35
CA PHE A 146 25.40 -1.73 0.84
C PHE A 146 26.22 -1.35 2.08
N ARG A 147 25.53 -1.19 3.20
CA ARG A 147 26.15 -0.67 4.42
C ARG A 147 26.99 -1.73 5.15
N ASN A 148 26.51 -2.96 5.17
CA ASN A 148 27.15 -4.02 5.95
C ASN A 148 28.24 -4.79 5.23
N VAL A 149 28.48 -4.46 3.96
CA VAL A 149 29.56 -5.07 3.19
C VAL A 149 30.35 -4.00 2.45
N VAL A 150 31.62 -4.30 2.18
CA VAL A 150 32.55 -3.34 1.57
C VAL A 150 32.97 -3.81 0.18
N TRP A 151 32.75 -2.95 -0.81
CA TRP A 151 33.24 -3.18 -2.17
C TRP A 151 34.68 -2.66 -2.26
N LEU A 152 35.64 -3.58 -2.14
CA LEU A 152 37.06 -3.22 -2.19
C LEU A 152 37.54 -3.13 -3.63
N ILE A 153 38.34 -2.10 -3.92
CA ILE A 153 38.95 -1.93 -5.25
C ILE A 153 40.48 -1.72 -5.09
N LYS A 154 41.15 -1.39 -6.21
CA LYS A 154 42.60 -1.21 -6.22
C LYS A 154 43.03 0.04 -5.46
N LYS A 155 44.33 0.09 -5.11
CA LYS A 155 44.93 1.25 -4.47
C LYS A 155 46.28 1.53 -5.13
N ASP A 156 46.43 2.73 -5.69
CA ASP A 156 47.64 3.13 -6.40
C ASP A 156 48.04 2.10 -7.45
N SER A 157 47.08 1.73 -8.30
CA SER A 157 47.27 0.74 -9.36
C SER A 157 47.74 -0.61 -8.84
N THR A 158 47.23 -1.01 -7.68
CA THR A 158 47.62 -2.28 -7.05
C THR A 158 46.49 -2.84 -6.19
N TYR A 159 46.28 -4.16 -6.28
CA TYR A 159 45.33 -4.88 -5.45
C TYR A 159 46.06 -6.06 -4.81
N PRO A 160 46.75 -5.82 -3.67
CA PRO A 160 47.46 -6.91 -2.99
C PRO A 160 46.55 -8.05 -2.59
N THR A 161 47.08 -9.27 -2.63
CA THR A 161 46.30 -10.46 -2.25
C THR A 161 45.92 -10.39 -0.77
N ILE A 162 44.65 -10.64 -0.47
CA ILE A 162 44.11 -10.51 0.88
C ILE A 162 44.24 -11.82 1.65
N LYS A 163 44.52 -11.72 2.94
CA LYS A 163 44.51 -12.86 3.86
C LYS A 163 44.03 -12.41 5.24
N ARG A 164 42.71 -12.38 5.42
CA ARG A 164 42.11 -12.05 6.70
C ARG A 164 41.28 -13.21 7.24
N SER A 165 41.03 -13.19 8.54
CA SER A 165 40.16 -14.17 9.17
C SER A 165 39.63 -13.66 10.50
N TYR A 166 38.35 -13.90 10.75
CA TYR A 166 37.71 -13.54 12.02
C TYR A 166 37.39 -14.79 12.82
N ASN A 167 37.82 -14.79 14.09
CA ASN A 167 37.53 -15.87 15.02
C ASN A 167 36.36 -15.44 15.92
N ASN A 168 35.27 -16.23 15.89
CA ASN A 168 34.09 -15.94 16.70
C ASN A 168 34.35 -16.18 18.18
N THR A 169 34.76 -15.13 18.89
CA THR A 169 35.01 -15.19 20.33
C THR A 169 33.73 -15.02 21.16
N ASN A 170 32.60 -14.78 20.48
CA ASN A 170 31.30 -14.71 21.17
C ASN A 170 30.80 -16.12 21.49
N GLN A 171 29.80 -16.20 22.36
CA GLN A 171 29.18 -17.47 22.73
C GLN A 171 28.02 -17.86 21.81
N GLU A 172 27.57 -16.92 20.99
CA GLU A 172 26.43 -17.14 20.09
C GLU A 172 26.88 -17.42 18.66
N ASP A 173 26.01 -18.06 17.89
CA ASP A 173 26.26 -18.33 16.47
C ASP A 173 26.19 -17.03 15.68
N LEU A 174 27.03 -16.91 14.65
CA LEU A 174 27.18 -15.66 13.92
C LEU A 174 26.82 -15.84 12.45
N LEU A 175 25.87 -15.04 11.97
CA LEU A 175 25.51 -15.03 10.55
C LEU A 175 26.43 -14.05 9.83
N VAL A 176 27.15 -14.56 8.83
CA VAL A 176 28.12 -13.76 8.07
C VAL A 176 27.72 -13.70 6.60
N LEU A 177 27.83 -12.52 5.99
CA LEU A 177 27.48 -12.31 4.59
C LEU A 177 28.65 -11.69 3.83
N TRP A 178 29.02 -12.29 2.70
CA TRP A 178 30.01 -11.71 1.79
C TRP A 178 29.46 -11.75 0.37
N GLY A 179 30.29 -11.38 -0.61
CA GLY A 179 29.86 -11.40 -2.01
C GLY A 179 30.98 -11.38 -3.02
N ILE A 180 30.61 -11.60 -4.27
CA ILE A 180 31.54 -11.56 -5.40
C ILE A 180 30.95 -10.67 -6.50
N HIS A 181 31.81 -9.88 -7.12
CA HIS A 181 31.40 -9.02 -8.24
C HIS A 181 31.74 -9.68 -9.56
N HIS A 182 30.70 -10.07 -10.30
CA HIS A 182 30.88 -10.54 -11.67
C HIS A 182 30.99 -9.31 -12.58
N PRO A 183 32.18 -9.08 -13.15
CA PRO A 183 32.43 -7.83 -13.87
C PRO A 183 31.67 -7.72 -15.20
N ASN A 184 31.53 -6.50 -15.69
CA ASN A 184 30.86 -6.23 -16.95
C ASN A 184 31.67 -6.78 -18.13
N ASP A 185 32.96 -6.41 -18.17
CA ASP A 185 33.87 -6.87 -19.21
C ASP A 185 35.31 -6.94 -18.69
N ALA A 186 36.24 -7.35 -19.56
CA ALA A 186 37.66 -7.42 -19.20
C ALA A 186 38.27 -6.06 -18.88
N ALA A 187 37.77 -5.01 -19.52
CA ALA A 187 38.25 -3.64 -19.29
C ALA A 187 37.88 -3.12 -17.91
N GLU A 188 36.71 -3.53 -17.41
CA GLU A 188 36.25 -3.11 -16.08
C GLU A 188 37.05 -3.78 -14.97
N GLN A 189 37.30 -5.08 -15.11
CA GLN A 189 38.05 -5.84 -14.10
C GLN A 189 39.49 -5.33 -13.97
N THR A 190 40.08 -4.88 -15.08
CA THR A 190 41.39 -4.25 -15.05
C THR A 190 41.31 -2.88 -14.37
N LYS A 191 40.21 -2.16 -14.64
CA LYS A 191 39.98 -0.84 -14.06
C LYS A 191 39.78 -0.88 -12.55
N LEU A 192 39.03 -1.88 -12.08
CA LEU A 192 38.67 -1.97 -10.67
C LEU A 192 39.71 -2.71 -9.81
N TYR A 193 40.21 -3.84 -10.31
CA TYR A 193 41.04 -4.74 -9.51
C TYR A 193 42.46 -4.99 -10.05
N GLN A 194 42.72 -4.62 -11.30
CA GLN A 194 44.07 -4.72 -11.91
C GLN A 194 44.57 -6.17 -12.07
N ASN A 195 43.65 -7.14 -12.03
CA ASN A 195 44.00 -8.55 -12.12
C ASN A 195 43.04 -9.28 -13.07
N PRO A 196 43.54 -9.77 -14.22
CA PRO A 196 42.67 -10.42 -15.21
C PRO A 196 41.83 -11.58 -14.65
N THR A 197 42.49 -12.54 -14.01
CA THR A 197 41.82 -13.71 -13.45
C THR A 197 42.01 -13.76 -11.94
N THR A 198 40.97 -13.39 -11.19
CA THR A 198 41.01 -13.35 -9.73
C THR A 198 40.24 -14.53 -9.13
N TYR A 199 40.26 -14.63 -7.81
CA TYR A 199 39.55 -15.70 -7.10
C TYR A 199 39.10 -15.24 -5.71
N ILE A 200 38.14 -15.94 -5.14
CA ILE A 200 37.69 -15.70 -3.76
C ILE A 200 37.49 -17.05 -3.06
N SER A 201 38.30 -17.32 -2.05
CA SER A 201 38.18 -18.54 -1.27
C SER A 201 37.72 -18.23 0.16
N VAL A 202 36.70 -18.96 0.59
CA VAL A 202 36.13 -18.81 1.94
C VAL A 202 36.10 -20.18 2.60
N GLY A 203 36.56 -20.25 3.86
CA GLY A 203 36.67 -21.52 4.55
C GLY A 203 36.44 -21.44 6.06
N THR A 204 35.55 -22.31 6.55
CA THR A 204 35.34 -22.49 7.99
C THR A 204 35.64 -23.95 8.33
N SER A 205 35.25 -24.39 9.52
CA SER A 205 35.38 -25.79 9.90
C SER A 205 34.48 -26.69 9.04
N THR A 206 33.30 -26.19 8.70
CA THR A 206 32.34 -26.93 7.87
C THR A 206 32.46 -26.53 6.41
N LEU A 207 32.39 -25.23 6.15
CA LEU A 207 32.38 -24.70 4.78
C LEU A 207 33.78 -24.63 4.18
N ASN A 208 33.87 -24.90 2.88
CA ASN A 208 35.07 -24.65 2.09
C ASN A 208 34.68 -24.30 0.66
N GLN A 209 34.80 -23.02 0.31
CA GLN A 209 34.30 -22.49 -0.96
C GLN A 209 35.43 -21.94 -1.82
N ARG A 210 35.32 -22.17 -3.13
CA ARG A 210 36.24 -21.63 -4.12
C ARG A 210 35.43 -20.96 -5.22
N LEU A 211 35.67 -19.67 -5.47
CA LEU A 211 34.91 -18.92 -6.45
C LEU A 211 35.82 -18.24 -7.47
N VAL A 212 35.26 -17.99 -8.66
CA VAL A 212 35.93 -17.25 -9.73
C VAL A 212 34.91 -16.40 -10.48
N PRO A 213 35.21 -15.11 -10.68
CA PRO A 213 34.25 -14.23 -11.34
C PRO A 213 34.10 -14.51 -12.84
N ARG A 214 32.86 -14.62 -13.30
CA ARG A 214 32.56 -14.97 -14.69
C ARG A 214 32.35 -13.72 -15.53
N ILE A 215 32.86 -13.74 -16.76
CA ILE A 215 32.65 -12.65 -17.72
C ILE A 215 31.57 -13.08 -18.71
N ALA A 216 30.62 -12.19 -18.96
CA ALA A 216 29.51 -12.47 -19.88
C ALA A 216 28.82 -11.20 -20.35
N THR A 217 28.30 -11.23 -21.58
CA THR A 217 27.55 -10.11 -22.15
C THR A 217 26.10 -10.18 -21.69
N ARG A 218 25.82 -9.56 -20.55
CA ARG A 218 24.49 -9.62 -19.92
C ARG A 218 23.67 -8.38 -20.27
N SER A 219 22.36 -8.46 -20.06
CA SER A 219 21.44 -7.35 -20.33
C SER A 219 21.58 -6.27 -19.27
N LYS A 220 21.32 -5.02 -19.66
CA LYS A 220 21.47 -3.88 -18.76
C LYS A 220 20.25 -3.76 -17.83
N VAL A 221 20.47 -4.10 -16.56
CA VAL A 221 19.44 -3.95 -15.52
C VAL A 221 19.79 -2.74 -14.66
N LYS A 222 18.96 -1.70 -14.75
CA LYS A 222 19.20 -0.42 -14.05
C LYS A 222 20.48 0.26 -14.53
N GLY A 223 20.78 0.12 -15.83
CA GLY A 223 21.97 0.71 -16.43
C GLY A 223 23.28 0.09 -16.00
N LEU A 224 23.24 -1.20 -15.63
CA LEU A 224 24.44 -1.93 -15.18
C LEU A 224 24.37 -3.39 -15.60
N SER A 225 25.18 -3.75 -16.60
CA SER A 225 25.25 -5.14 -17.08
C SER A 225 26.06 -6.05 -16.14
N GLY A 226 27.04 -5.46 -15.44
CA GLY A 226 27.80 -6.18 -14.42
C GLY A 226 26.89 -6.61 -13.28
N ARG A 227 27.19 -7.76 -12.68
CA ARG A 227 26.30 -8.38 -11.70
C ARG A 227 27.01 -8.74 -10.39
N MET A 228 26.25 -8.74 -9.30
CA MET A 228 26.75 -9.12 -7.97
C MET A 228 26.13 -10.45 -7.54
N GLU A 229 26.79 -11.13 -6.62
CA GLU A 229 26.30 -12.41 -6.08
C GLU A 229 26.76 -12.54 -4.63
N PHE A 230 25.80 -12.76 -3.74
CA PHE A 230 26.08 -12.81 -2.30
C PHE A 230 25.85 -14.20 -1.73
N PHE A 231 26.64 -14.54 -0.70
CA PHE A 231 26.56 -15.84 -0.04
C PHE A 231 26.46 -15.65 1.48
N TRP A 232 26.31 -16.75 2.21
CA TRP A 232 26.21 -16.69 3.66
C TRP A 232 26.51 -18.02 4.34
N THR A 233 26.79 -17.94 5.65
CA THR A 233 27.05 -19.13 6.46
C THR A 233 26.92 -18.80 7.95
N ILE A 234 26.64 -19.81 8.76
CA ILE A 234 26.61 -19.66 10.21
C ILE A 234 27.98 -20.05 10.77
N LEU A 235 28.65 -19.09 11.40
CA LEU A 235 29.93 -19.34 12.05
C LEU A 235 29.69 -19.65 13.52
N LYS A 236 29.81 -20.93 13.88
CA LYS A 236 29.59 -21.37 15.26
C LYS A 236 30.69 -20.83 16.18
N PRO A 237 30.39 -20.68 17.48
CA PRO A 237 31.37 -20.15 18.45
C PRO A 237 32.73 -20.85 18.36
N ASN A 238 33.80 -20.08 18.55
CA ASN A 238 35.19 -20.58 18.51
C ASN A 238 35.69 -21.04 17.13
N ASP A 239 34.87 -20.91 16.08
CA ASP A 239 35.28 -21.28 14.74
C ASP A 239 35.62 -20.02 13.94
N ALA A 240 36.65 -20.11 13.11
CA ALA A 240 37.11 -18.96 12.33
C ALA A 240 36.70 -19.08 10.88
N ILE A 241 36.48 -17.94 10.23
CA ILE A 241 36.19 -17.88 8.80
C ILE A 241 37.38 -17.24 8.10
N ASN A 242 37.97 -17.96 7.14
CA ASN A 242 39.22 -17.53 6.51
C ASN A 242 38.98 -17.01 5.08
N PHE A 243 39.16 -15.71 4.90
CA PHE A 243 38.99 -15.08 3.59
C PHE A 243 40.33 -14.92 2.87
N GLU A 244 40.33 -15.22 1.57
CA GLU A 244 41.49 -14.96 0.72
C GLU A 244 41.03 -14.63 -0.69
N SER A 245 41.52 -13.51 -1.22
CA SER A 245 41.16 -13.06 -2.57
C SER A 245 42.13 -12.00 -3.08
N ASN A 246 42.20 -11.87 -4.40
CA ASN A 246 43.00 -10.84 -5.05
C ASN A 246 42.15 -9.97 -6.00
N GLY A 247 40.84 -9.94 -5.78
CA GLY A 247 39.92 -9.14 -6.60
C GLY A 247 38.48 -9.61 -6.56
N ASN A 248 37.58 -8.70 -6.91
CA ASN A 248 36.14 -8.96 -6.99
C ASN A 248 35.49 -9.34 -5.64
N PHE A 249 36.13 -8.99 -4.53
CA PHE A 249 35.70 -9.42 -3.21
C PHE A 249 34.89 -8.35 -2.49
N ILE A 250 33.61 -8.63 -2.27
CA ILE A 250 32.72 -7.74 -1.53
C ILE A 250 32.75 -8.15 -0.05
N ALA A 251 33.70 -7.59 0.70
CA ALA A 251 34.02 -8.05 2.05
C ALA A 251 32.96 -7.67 3.08
N PRO A 252 32.80 -8.49 4.14
CA PRO A 252 31.87 -8.17 5.22
C PRO A 252 32.46 -7.16 6.19
N GLU A 253 31.62 -6.26 6.71
CA GLU A 253 32.00 -5.39 7.81
C GLU A 253 31.31 -5.87 9.10
N TYR A 254 30.01 -6.12 9.00
CA TYR A 254 29.23 -6.61 10.15
C TYR A 254 28.74 -8.03 9.96
N ALA A 255 28.61 -8.76 11.07
CA ALA A 255 27.92 -10.04 11.12
C ALA A 255 26.72 -9.89 12.03
N TYR A 256 25.84 -10.89 12.03
CA TYR A 256 24.63 -10.87 12.85
C TYR A 256 24.65 -11.99 13.90
N LYS A 257 24.75 -11.59 15.16
CA LYS A 257 24.83 -12.52 16.28
C LYS A 257 23.44 -13.05 16.63
N ILE A 258 23.25 -14.37 16.54
CA ILE A 258 21.95 -14.99 16.79
C ILE A 258 21.72 -15.11 18.30
N VAL A 259 21.00 -14.14 18.87
CA VAL A 259 20.86 -14.03 20.32
C VAL A 259 19.59 -14.67 20.90
N LYS A 260 18.54 -14.79 20.08
CA LYS A 260 17.34 -15.52 20.48
C LYS A 260 16.80 -16.39 19.34
N LYS A 261 16.52 -17.65 19.66
CA LYS A 261 15.96 -18.60 18.70
C LYS A 261 14.64 -19.16 19.22
N GLY A 262 13.57 -18.96 18.46
CA GLY A 262 12.25 -19.46 18.84
C GLY A 262 11.34 -19.66 17.65
N ASP A 263 10.06 -19.32 17.80
CA ASP A 263 9.08 -19.44 16.73
C ASP A 263 8.89 -18.11 16.00
N SER A 264 9.05 -18.14 14.68
CA SER A 264 8.85 -16.95 13.85
C SER A 264 8.46 -17.35 12.43
N THR A 265 8.09 -16.37 11.63
CA THR A 265 7.74 -16.59 10.23
C THR A 265 7.84 -15.30 9.43
N ILE A 266 7.98 -15.45 8.11
CA ILE A 266 7.99 -14.33 7.18
C ILE A 266 6.74 -14.44 6.33
N MET A 267 5.87 -13.44 6.40
CA MET A 267 4.59 -13.49 5.70
C MET A 267 4.44 -12.40 4.63
N LYS A 268 3.99 -12.82 3.44
CA LYS A 268 3.74 -11.91 2.32
C LYS A 268 2.47 -11.11 2.56
N SER A 269 2.60 -9.79 2.73
CA SER A 269 1.47 -8.93 2.99
C SER A 269 1.76 -7.48 2.61
N GLU A 270 0.76 -6.82 2.02
CA GLU A 270 0.86 -5.41 1.65
C GLU A 270 0.34 -4.48 2.76
N LEU A 271 -0.15 -5.08 3.84
CA LEU A 271 -0.77 -4.34 4.94
C LEU A 271 0.30 -3.66 5.80
N GLU A 272 -0.11 -2.66 6.58
CA GLU A 272 0.79 -1.95 7.49
C GLU A 272 0.40 -2.18 8.96
N TYR A 273 1.23 -1.68 9.88
CA TYR A 273 1.04 -1.85 11.32
C TYR A 273 -0.26 -1.20 11.79
N GLY A 274 -0.96 -1.86 12.72
CA GLY A 274 -2.27 -1.40 13.19
C GLY A 274 -2.37 -1.01 14.66
N ASN A 275 -1.24 -1.03 15.37
CA ASN A 275 -1.19 -0.66 16.79
C ASN A 275 -2.12 -1.50 17.69
N CYS A 276 -2.29 -2.77 17.32
CA CYS A 276 -3.15 -3.70 18.07
C CYS A 276 -2.32 -4.83 18.66
N ASN A 277 -2.97 -5.67 19.48
CA ASN A 277 -2.36 -6.89 20.01
C ASN A 277 -3.33 -8.07 19.84
N THR A 278 -2.79 -9.23 19.48
CA THR A 278 -3.59 -10.43 19.25
C THR A 278 -2.86 -11.70 19.66
N LYS A 279 -3.62 -12.79 19.79
CA LYS A 279 -3.07 -14.11 20.08
C LYS A 279 -2.81 -14.89 18.79
N CYS A 280 -3.47 -14.50 17.70
CA CYS A 280 -3.36 -15.17 16.42
C CYS A 280 -3.33 -14.15 15.28
N GLN A 281 -2.40 -14.32 14.36
CA GLN A 281 -2.18 -13.35 13.28
C GLN A 281 -2.06 -14.04 11.92
N THR A 282 -2.62 -13.40 10.89
CA THR A 282 -2.50 -13.86 9.51
C THR A 282 -2.06 -12.68 8.63
N PRO A 283 -1.55 -12.97 7.41
CA PRO A 283 -1.19 -11.91 6.47
C PRO A 283 -2.35 -10.97 6.12
N MET A 284 -3.57 -11.51 6.11
CA MET A 284 -4.77 -10.72 5.85
C MET A 284 -5.16 -9.89 7.07
N GLY A 285 -4.99 -10.45 8.26
CA GLY A 285 -5.29 -9.74 9.50
C GLY A 285 -5.27 -10.65 10.73
N ALA A 286 -5.61 -10.09 11.88
CA ALA A 286 -5.60 -10.84 13.14
C ALA A 286 -6.92 -11.55 13.37
N ILE A 287 -6.86 -12.66 14.10
CA ILE A 287 -8.04 -13.47 14.42
C ILE A 287 -8.23 -13.56 15.92
N ASN A 288 -9.30 -12.96 16.43
CA ASN A 288 -9.73 -13.14 17.81
C ASN A 288 -10.96 -14.05 17.80
N SER A 289 -10.75 -15.33 18.08
CA SER A 289 -11.82 -16.33 17.97
C SER A 289 -11.58 -17.54 18.88
N SER A 290 -12.69 -18.18 19.27
CA SER A 290 -12.65 -19.41 20.06
C SER A 290 -13.07 -20.62 19.22
N MET A 291 -13.11 -20.44 17.90
CA MET A 291 -13.46 -21.52 16.98
C MET A 291 -12.29 -22.48 16.84
N PRO A 292 -12.57 -23.74 16.44
CA PRO A 292 -11.51 -24.70 16.15
C PRO A 292 -10.99 -24.61 14.71
N PHE A 293 -11.69 -23.89 13.83
CA PHE A 293 -11.29 -23.77 12.42
C PHE A 293 -11.50 -22.36 11.86
N HIS A 294 -10.82 -22.08 10.74
CA HIS A 294 -10.98 -20.80 10.03
C HIS A 294 -10.62 -20.95 8.55
N ASN A 295 -10.96 -19.96 7.74
CA ASN A 295 -10.69 -19.99 6.30
C ASN A 295 -10.10 -18.71 5.73
N ILE A 296 -9.28 -18.04 6.54
CA ILE A 296 -8.71 -16.74 6.18
C ILE A 296 -7.46 -16.92 5.32
N HIS A 297 -6.49 -17.68 5.84
CA HIS A 297 -5.21 -17.87 5.16
C HIS A 297 -4.52 -19.13 5.69
N PRO A 298 -3.79 -19.85 4.80
CA PRO A 298 -3.08 -21.07 5.25
C PRO A 298 -1.90 -20.80 6.19
N LEU A 299 -1.24 -19.65 6.04
CA LEU A 299 -0.15 -19.25 6.93
C LEU A 299 -0.68 -18.43 8.11
N THR A 300 -0.44 -18.93 9.32
CA THR A 300 -0.75 -18.19 10.54
C THR A 300 0.38 -18.31 11.55
N ILE A 301 0.29 -17.52 12.62
CA ILE A 301 1.28 -17.54 13.70
C ILE A 301 0.58 -17.27 15.03
N GLY A 302 1.02 -17.97 16.07
CA GLY A 302 0.46 -17.80 17.42
C GLY A 302 -0.38 -18.99 17.84
N GLU A 303 -1.40 -18.74 18.66
CA GLU A 303 -2.35 -19.77 19.07
C GLU A 303 -3.62 -19.62 18.23
N CYS A 304 -3.69 -20.37 17.14
CA CYS A 304 -4.71 -20.19 16.10
C CYS A 304 -5.61 -21.40 15.93
N PRO A 305 -6.73 -21.23 15.20
CA PRO A 305 -7.47 -22.38 14.69
C PRO A 305 -6.80 -22.95 13.44
N LYS A 306 -7.29 -24.08 12.95
CA LYS A 306 -6.73 -24.74 11.77
C LYS A 306 -7.44 -24.27 10.50
N TYR A 307 -6.67 -24.10 9.42
CA TYR A 307 -7.17 -23.50 8.18
C TYR A 307 -7.87 -24.51 7.27
N VAL A 308 -9.14 -24.25 6.95
CA VAL A 308 -9.91 -25.04 5.97
C VAL A 308 -10.17 -24.21 4.73
N LYS A 309 -10.26 -24.89 3.58
CA LYS A 309 -10.56 -24.23 2.30
C LYS A 309 -12.07 -24.21 2.01
N SER A 310 -12.89 -24.32 3.07
CA SER A 310 -14.33 -24.33 2.94
C SER A 310 -14.92 -22.98 3.27
N ASN A 311 -16.08 -22.67 2.67
CA ASN A 311 -16.80 -21.44 2.96
C ASN A 311 -17.75 -21.59 4.15
N ARG A 312 -18.06 -22.84 4.52
CA ARG A 312 -19.11 -23.10 5.49
C ARG A 312 -18.92 -24.45 6.18
N LEU A 313 -18.97 -24.45 7.52
CA LEU A 313 -18.98 -25.68 8.31
C LEU A 313 -19.87 -25.48 9.54
N VAL A 314 -21.11 -25.93 9.44
CA VAL A 314 -22.09 -25.79 10.52
C VAL A 314 -22.56 -27.17 10.97
N LEU A 315 -22.57 -27.38 12.28
CA LEU A 315 -23.04 -28.62 12.88
C LEU A 315 -24.48 -28.48 13.36
N ALA A 316 -25.29 -29.50 13.11
CA ALA A 316 -26.67 -29.53 13.59
C ALA A 316 -26.71 -30.09 15.01
N ILE A 317 -27.27 -29.31 15.94
CA ILE A 317 -27.44 -29.75 17.32
C ILE A 317 -28.90 -30.09 17.58
N GLY A 318 -29.80 -29.18 17.21
CA GLY A 318 -31.23 -29.36 17.42
C GLY A 318 -31.87 -30.29 16.41
N LEU A 319 -33.18 -30.16 16.25
CA LEU A 319 -33.95 -31.02 15.33
C LEU A 319 -34.60 -30.18 14.23
N ARG A 320 -35.35 -30.84 13.34
CA ARG A 320 -35.90 -30.20 12.15
C ARG A 320 -37.02 -29.23 12.52
N ASN A 321 -36.86 -27.96 12.14
CA ASN A 321 -37.80 -26.90 12.48
C ASN A 321 -38.97 -26.85 11.48
N SER A 322 -40.19 -26.96 12.00
CA SER A 322 -41.40 -26.93 11.17
C SER A 322 -42.48 -26.04 11.81
N PRO A 323 -43.00 -25.04 11.06
CA PRO A 323 -42.68 -24.71 9.66
C PRO A 323 -41.38 -23.93 9.53
N GLY B 1 -34.36 -41.13 9.67
CA GLY B 1 -33.79 -41.95 8.56
C GLY B 1 -34.13 -43.42 8.68
N LEU B 2 -33.38 -44.12 9.54
CA LEU B 2 -33.61 -45.55 9.79
C LEU B 2 -34.90 -45.78 10.57
N PHE B 3 -35.15 -44.90 11.54
CA PHE B 3 -36.36 -44.95 12.38
C PHE B 3 -37.10 -43.62 12.25
N GLY B 4 -37.49 -43.28 11.02
CA GLY B 4 -38.05 -41.98 10.69
C GLY B 4 -39.35 -41.61 11.40
N ALA B 5 -39.25 -40.65 12.33
CA ALA B 5 -40.42 -40.08 13.01
C ALA B 5 -40.72 -38.69 12.43
N ILE B 6 -39.68 -37.88 12.27
CA ILE B 6 -39.78 -36.62 11.53
C ILE B 6 -39.82 -36.98 10.05
N ALA B 7 -40.87 -36.53 9.36
CA ALA B 7 -41.27 -37.06 8.05
C ALA B 7 -41.69 -38.53 8.20
N GLY B 8 -42.35 -38.83 9.32
CA GLY B 8 -42.76 -40.19 9.67
C GLY B 8 -44.26 -40.30 9.91
N PHE B 9 -44.68 -39.91 11.12
CA PHE B 9 -46.11 -39.98 11.50
C PHE B 9 -46.70 -38.63 11.93
N ILE B 10 -46.00 -37.91 12.83
CA ILE B 10 -46.44 -36.56 13.21
C ILE B 10 -46.14 -35.63 12.05
N GLU B 11 -47.00 -34.62 11.85
CA GLU B 11 -46.90 -33.73 10.71
C GLU B 11 -46.46 -32.32 11.13
N GLY B 12 -45.43 -32.25 11.97
CA GLY B 12 -44.85 -30.98 12.40
C GLY B 12 -44.51 -30.93 13.88
N GLY B 13 -43.58 -30.05 14.23
CA GLY B 13 -43.21 -29.82 15.63
C GLY B 13 -44.14 -28.82 16.29
N TRP B 14 -43.99 -28.64 17.60
CA TRP B 14 -44.83 -27.74 18.37
C TRP B 14 -44.05 -26.51 18.84
N GLN B 15 -44.50 -25.33 18.41
CA GLN B 15 -43.90 -24.07 18.86
C GLN B 15 -44.29 -23.76 20.30
N GLY B 16 -45.45 -24.26 20.73
CA GLY B 16 -45.92 -24.07 22.09
C GLY B 16 -45.12 -24.80 23.16
N MET B 17 -44.35 -25.80 22.75
CA MET B 17 -43.45 -26.51 23.68
C MET B 17 -42.06 -25.89 23.65
N VAL B 18 -41.72 -25.17 24.71
CA VAL B 18 -40.39 -24.56 24.86
C VAL B 18 -39.66 -25.07 26.10
N ASP B 19 -40.19 -26.13 26.72
CA ASP B 19 -39.59 -26.72 27.91
C ASP B 19 -38.43 -27.64 27.54
N GLY B 20 -38.52 -28.30 26.40
CA GLY B 20 -37.47 -29.22 25.94
C GLY B 20 -37.60 -29.61 24.47
N TRP B 21 -36.73 -30.51 24.02
CA TRP B 21 -36.72 -30.97 22.62
C TRP B 21 -37.89 -31.90 22.30
N TYR B 22 -38.14 -32.85 23.19
CA TYR B 22 -39.23 -33.82 23.02
C TYR B 22 -40.23 -33.64 24.16
N GLY B 23 -41.43 -34.17 23.99
CA GLY B 23 -42.44 -34.07 25.05
C GLY B 23 -43.84 -34.52 24.70
N TYR B 24 -44.82 -33.93 25.39
CA TYR B 24 -46.21 -34.35 25.30
C TYR B 24 -47.15 -33.16 25.09
N HIS B 25 -48.36 -33.46 24.62
CA HIS B 25 -49.47 -32.51 24.66
C HIS B 25 -50.73 -33.25 25.13
N HIS B 26 -51.19 -32.91 26.33
CA HIS B 26 -52.38 -33.53 26.91
C HIS B 26 -53.61 -32.64 26.68
N SER B 27 -54.79 -33.24 26.86
CA SER B 27 -56.06 -32.52 26.71
C SER B 27 -57.15 -33.26 27.47
N ASN B 28 -57.79 -32.58 28.42
CA ASN B 28 -58.78 -33.21 29.30
C ASN B 28 -59.70 -32.19 30.00
N GLU B 29 -60.53 -32.68 30.92
CA GLU B 29 -61.47 -31.85 31.68
C GLU B 29 -60.87 -30.55 32.21
N GLN B 30 -59.73 -30.66 32.88
CA GLN B 30 -59.08 -29.50 33.48
C GLN B 30 -58.63 -28.51 32.41
N GLY B 31 -57.93 -29.02 31.40
CA GLY B 31 -57.46 -28.21 30.27
C GLY B 31 -56.22 -28.76 29.61
N SER B 32 -56.00 -28.36 28.36
CA SER B 32 -54.86 -28.84 27.57
C SER B 32 -53.60 -28.03 27.82
N GLY B 33 -52.47 -28.53 27.30
CA GLY B 33 -51.19 -27.85 27.44
C GLY B 33 -49.99 -28.69 26.99
N TYR B 34 -48.89 -28.00 26.71
CA TYR B 34 -47.64 -28.66 26.32
C TYR B 34 -46.72 -28.86 27.53
N ALA B 35 -45.89 -29.90 27.46
CA ALA B 35 -44.91 -30.18 28.52
C ALA B 35 -43.85 -31.15 28.02
N ALA B 36 -42.58 -30.86 28.31
CA ALA B 36 -41.46 -31.63 27.79
C ALA B 36 -41.02 -32.74 28.74
N ASP B 37 -40.52 -33.83 28.18
CA ASP B 37 -39.93 -34.93 28.95
C ASP B 37 -38.57 -34.49 29.48
N LYS B 38 -38.47 -34.37 30.80
CA LYS B 38 -37.25 -33.89 31.45
C LYS B 38 -36.09 -34.88 31.35
N GLU B 39 -36.41 -36.17 31.34
CA GLU B 39 -35.38 -37.22 31.32
C GLU B 39 -34.69 -37.33 29.96
N SER B 40 -35.48 -37.45 28.90
CA SER B 40 -34.94 -37.63 27.56
C SER B 40 -34.26 -36.35 27.03
N THR B 41 -34.84 -35.19 27.36
CA THR B 41 -34.27 -33.91 26.95
C THR B 41 -32.90 -33.69 27.60
N GLN B 42 -32.84 -33.90 28.92
CA GLN B 42 -31.59 -33.72 29.68
C GLN B 42 -30.50 -34.69 29.23
N LYS B 43 -30.89 -35.93 28.93
CA LYS B 43 -29.96 -36.94 28.44
C LYS B 43 -29.46 -36.58 27.04
N ALA B 44 -30.36 -36.07 26.20
CA ALA B 44 -30.03 -35.68 24.83
C ALA B 44 -29.07 -34.50 24.77
N ILE B 45 -29.27 -33.53 25.66
CA ILE B 45 -28.38 -32.36 25.75
C ILE B 45 -26.96 -32.77 26.15
N ASP B 46 -26.87 -33.66 27.14
CA ASP B 46 -25.57 -34.16 27.61
C ASP B 46 -24.94 -35.14 26.62
N GLY B 47 -25.78 -35.79 25.81
CA GLY B 47 -25.30 -36.71 24.78
C GLY B 47 -24.71 -35.99 23.58
N VAL B 48 -25.39 -34.93 23.12
CA VAL B 48 -24.97 -34.18 21.94
C VAL B 48 -23.77 -33.28 22.24
N THR B 49 -23.76 -32.64 23.41
CA THR B 49 -22.68 -31.71 23.77
C THR B 49 -21.29 -32.36 23.75
N ASN B 50 -21.23 -33.64 24.12
CA ASN B 50 -19.99 -34.42 24.04
C ASN B 50 -19.74 -34.91 22.61
N LYS B 51 -20.80 -35.16 21.87
CA LYS B 51 -20.71 -35.55 20.46
C LYS B 51 -20.03 -34.46 19.62
N VAL B 52 -20.25 -33.20 19.99
CA VAL B 52 -19.65 -32.07 19.31
C VAL B 52 -18.15 -31.97 19.63
N ASN B 53 -17.78 -32.29 20.86
CA ASN B 53 -16.38 -32.31 21.26
C ASN B 53 -15.61 -33.44 20.57
N SER B 54 -16.24 -34.61 20.45
CA SER B 54 -15.62 -35.77 19.82
C SER B 54 -15.51 -35.62 18.29
N ILE B 55 -16.49 -34.96 17.67
CA ILE B 55 -16.45 -34.72 16.22
C ILE B 55 -15.42 -33.65 15.87
N ILE B 56 -15.32 -32.61 16.71
CA ILE B 56 -14.26 -31.61 16.57
C ILE B 56 -12.90 -32.27 16.80
N ASP B 57 -12.82 -33.18 17.77
CA ASP B 57 -11.60 -33.93 18.03
C ASP B 57 -11.23 -34.83 16.85
N LYS B 58 -12.24 -35.49 16.26
CA LYS B 58 -12.01 -36.31 15.07
C LYS B 58 -11.41 -35.50 13.92
N MET B 59 -11.93 -34.30 13.71
CA MET B 59 -11.44 -33.43 12.64
C MET B 59 -10.00 -32.96 12.89
N ASN B 60 -9.65 -32.74 14.15
CA ASN B 60 -8.30 -32.35 14.53
C ASN B 60 -7.28 -33.48 14.37
N THR B 61 -7.68 -34.70 14.74
CA THR B 61 -6.74 -35.83 14.77
C THR B 61 -6.22 -36.23 13.39
N GLN B 62 -6.99 -35.98 12.34
CA GLN B 62 -6.55 -36.30 10.97
C GLN B 62 -6.21 -35.07 10.11
N PHE B 63 -6.35 -33.87 10.68
CA PHE B 63 -5.64 -32.70 10.17
C PHE B 63 -4.14 -32.90 10.42
N GLU B 64 -3.83 -33.53 11.55
CA GLU B 64 -2.46 -33.89 11.91
C GLU B 64 -1.95 -35.04 11.05
N ALA B 65 -2.83 -35.96 10.69
CA ALA B 65 -2.49 -37.09 9.82
C ALA B 65 -2.17 -36.62 8.40
N VAL B 66 -3.04 -35.78 7.84
CA VAL B 66 -2.82 -35.18 6.53
C VAL B 66 -1.57 -34.29 6.56
N GLY B 67 -1.35 -33.62 7.70
CA GLY B 67 -0.15 -32.81 7.89
C GLY B 67 1.12 -33.65 7.99
N ARG B 68 1.07 -34.72 8.78
CA ARG B 68 2.21 -35.61 8.95
C ARG B 68 2.60 -36.29 7.63
N GLU B 69 1.60 -36.62 6.83
CA GLU B 69 1.82 -37.22 5.51
C GLU B 69 2.48 -36.22 4.55
N PHE B 70 2.15 -34.94 4.71
CA PHE B 70 2.79 -33.87 3.93
C PHE B 70 4.22 -33.62 4.39
N ASN B 71 4.45 -33.69 5.70
CA ASN B 71 5.79 -33.50 6.27
C ASN B 71 6.77 -34.56 5.79
N ASN B 72 6.31 -35.81 5.72
CA ASN B 72 7.13 -36.90 5.18
C ASN B 72 7.41 -36.69 3.69
N LEU B 73 6.44 -36.11 2.98
CA LEU B 73 6.58 -35.81 1.57
C LEU B 73 7.62 -34.71 1.34
N GLU B 74 7.53 -33.66 2.15
CA GLU B 74 8.41 -32.49 2.02
C GLU B 74 9.90 -32.84 2.17
N ARG B 75 10.21 -33.72 3.12
CA ARG B 75 11.60 -34.14 3.35
C ARG B 75 12.15 -35.01 2.22
N ARG B 76 11.29 -35.85 1.65
CA ARG B 76 11.70 -36.78 0.59
C ARG B 76 11.98 -36.08 -0.74
N ILE B 77 10.97 -35.40 -1.29
CA ILE B 77 11.13 -34.68 -2.56
C ILE B 77 11.78 -33.32 -2.33
N GLU B 78 12.87 -33.07 -3.06
CA GLU B 78 13.57 -31.79 -3.00
C GLU B 78 12.86 -30.71 -3.81
N ASN B 79 12.44 -31.06 -5.02
CA ASN B 79 11.77 -30.11 -5.92
C ASN B 79 10.25 -30.34 -5.95
N LEU B 80 9.58 -29.92 -4.87
CA LEU B 80 8.12 -29.95 -4.82
C LEU B 80 7.58 -28.53 -4.98
N ASN B 81 6.60 -28.37 -5.86
CA ASN B 81 5.99 -27.06 -6.11
C ASN B 81 5.00 -26.68 -5.01
N LYS B 82 4.69 -25.39 -4.93
CA LYS B 82 3.74 -24.87 -3.95
C LYS B 82 2.32 -25.42 -4.15
N LYS B 83 2.03 -25.86 -5.37
CA LYS B 83 0.74 -26.48 -5.69
C LYS B 83 0.48 -27.76 -4.89
N MET B 84 1.55 -28.39 -4.39
CA MET B 84 1.42 -29.61 -3.60
C MET B 84 0.70 -29.36 -2.28
N GLU B 85 1.00 -28.25 -1.60
CA GLU B 85 0.32 -27.90 -0.35
C GLU B 85 -1.19 -27.85 -0.55
N ASP B 86 -1.64 -27.13 -1.58
CA ASP B 86 -3.05 -27.05 -1.93
C ASP B 86 -3.66 -28.44 -2.08
N GLY B 87 -2.92 -29.36 -2.70
CA GLY B 87 -3.35 -30.75 -2.85
C GLY B 87 -3.74 -31.39 -1.53
N PHE B 88 -2.92 -31.21 -0.50
CA PHE B 88 -3.20 -31.76 0.82
C PHE B 88 -4.28 -30.97 1.56
N LEU B 89 -4.37 -29.68 1.28
CA LEU B 89 -5.42 -28.83 1.86
C LEU B 89 -6.80 -29.21 1.33
N ASP B 90 -6.86 -29.53 0.04
CA ASP B 90 -8.10 -30.00 -0.58
C ASP B 90 -8.53 -31.33 0.00
N VAL B 91 -7.58 -32.26 0.10
CA VAL B 91 -7.82 -33.59 0.66
C VAL B 91 -8.41 -33.49 2.08
N TRP B 92 -7.86 -32.60 2.89
CA TRP B 92 -8.35 -32.41 4.25
C TRP B 92 -9.67 -31.66 4.29
N THR B 93 -9.82 -30.65 3.43
CA THR B 93 -11.07 -29.89 3.34
C THR B 93 -12.20 -30.81 2.89
N TYR B 94 -11.92 -31.67 1.91
CA TYR B 94 -12.87 -32.68 1.47
C TYR B 94 -13.33 -33.54 2.65
N ASN B 95 -12.39 -34.00 3.46
CA ASN B 95 -12.68 -34.84 4.62
C ASN B 95 -13.31 -34.07 5.79
N ALA B 96 -12.94 -32.80 5.93
CA ALA B 96 -13.52 -31.94 6.95
C ALA B 96 -15.01 -31.75 6.68
N GLU B 97 -15.33 -31.32 5.46
CA GLU B 97 -16.72 -31.14 5.04
C GLU B 97 -17.51 -32.45 5.12
N LEU B 98 -16.88 -33.54 4.68
CA LEU B 98 -17.52 -34.87 4.70
C LEU B 98 -17.92 -35.31 6.09
N LEU B 99 -17.03 -35.08 7.06
CA LEU B 99 -17.25 -35.53 8.43
C LEU B 99 -18.38 -34.75 9.12
N VAL B 100 -18.60 -33.51 8.68
CA VAL B 100 -19.71 -32.71 9.19
C VAL B 100 -21.05 -33.18 8.60
N LEU B 101 -21.05 -33.46 7.30
CA LEU B 101 -22.25 -33.98 6.63
C LEU B 101 -22.69 -35.32 7.22
N MET B 102 -21.74 -36.21 7.49
CA MET B 102 -22.04 -37.51 8.08
C MET B 102 -22.59 -37.40 9.50
N GLU B 103 -21.99 -36.53 10.31
CA GLU B 103 -22.38 -36.38 11.70
C GLU B 103 -23.74 -35.67 11.83
N ASN B 104 -24.03 -34.78 10.88
CA ASN B 104 -25.34 -34.12 10.82
C ASN B 104 -26.46 -35.08 10.44
N GLU B 105 -26.13 -36.09 9.63
CA GLU B 105 -27.09 -37.13 9.27
C GLU B 105 -27.47 -37.97 10.49
N ARG B 106 -26.48 -38.31 11.31
CA ARG B 106 -26.70 -39.08 12.53
C ARG B 106 -27.49 -38.30 13.58
N THR B 107 -27.21 -37.00 13.70
CA THR B 107 -27.83 -36.17 14.73
C THR B 107 -29.33 -35.99 14.49
N LEU B 108 -29.72 -35.80 13.24
CA LEU B 108 -31.15 -35.72 12.88
C LEU B 108 -31.81 -37.09 12.96
N ASP B 109 -31.05 -38.15 12.65
CA ASP B 109 -31.51 -39.51 12.82
C ASP B 109 -31.63 -39.87 14.31
N PHE B 110 -30.72 -39.31 15.12
CA PHE B 110 -30.73 -39.51 16.56
C PHE B 110 -31.99 -38.94 17.22
N HIS B 111 -32.45 -37.79 16.73
CA HIS B 111 -33.68 -37.18 17.22
C HIS B 111 -34.91 -37.98 16.78
N ASP B 112 -34.92 -38.40 15.51
CA ASP B 112 -35.98 -39.26 14.98
C ASP B 112 -36.12 -40.53 15.80
N SER B 113 -34.99 -41.10 16.21
CA SER B 113 -34.97 -42.29 17.07
C SER B 113 -35.54 -41.99 18.45
N ASN B 114 -35.11 -40.88 19.05
CA ASN B 114 -35.55 -40.51 20.40
C ASN B 114 -37.04 -40.13 20.48
N VAL B 115 -37.57 -39.54 19.42
CA VAL B 115 -39.00 -39.25 19.35
C VAL B 115 -39.79 -40.54 19.22
N LYS B 116 -39.26 -41.47 18.42
CA LYS B 116 -39.85 -42.80 18.26
C LYS B 116 -39.77 -43.60 19.57
N ASN B 117 -38.65 -43.48 20.29
CA ASN B 117 -38.46 -44.17 21.56
C ASN B 117 -39.38 -43.66 22.66
N LEU B 118 -39.63 -42.36 22.68
CA LEU B 118 -40.56 -41.75 23.63
C LEU B 118 -41.99 -42.24 23.39
N TYR B 119 -42.36 -42.36 22.11
CA TYR B 119 -43.67 -42.85 21.72
C TYR B 119 -43.91 -44.29 22.18
N ASP B 120 -42.86 -45.11 22.10
CA ASP B 120 -42.93 -46.52 22.54
C ASP B 120 -42.97 -46.65 24.06
N LYS B 121 -42.28 -45.74 24.75
CA LYS B 121 -42.33 -45.67 26.22
C LYS B 121 -43.75 -45.43 26.72
N VAL B 122 -44.47 -44.55 26.05
CA VAL B 122 -45.83 -44.16 26.47
C VAL B 122 -46.85 -45.25 26.21
N ARG B 123 -46.83 -45.85 25.02
CA ARG B 123 -47.83 -46.87 24.66
C ARG B 123 -47.77 -48.11 25.56
N LEU B 124 -46.56 -48.49 25.96
CA LEU B 124 -46.35 -49.69 26.78
C LEU B 124 -46.80 -49.48 28.23
N GLN B 125 -46.92 -48.23 28.65
CA GLN B 125 -47.57 -47.90 29.92
C GLN B 125 -49.08 -48.07 29.80
N LEU B 126 -49.65 -47.48 28.75
CA LEU B 126 -51.10 -47.52 28.53
C LEU B 126 -51.60 -48.92 28.20
N ARG B 127 -50.87 -49.61 27.33
CA ARG B 127 -51.24 -50.96 26.87
C ARG B 127 -52.62 -50.97 26.18
N ASP B 128 -53.62 -51.64 26.76
CA ASP B 128 -54.94 -51.76 26.15
C ASP B 128 -55.98 -50.80 26.76
N ASN B 129 -55.52 -49.85 27.58
CA ASN B 129 -56.41 -48.88 28.22
C ASN B 129 -56.73 -47.66 27.35
N ALA B 130 -56.07 -47.54 26.19
CA ALA B 130 -56.25 -46.39 25.32
C ALA B 130 -56.41 -46.78 23.85
N LYS B 131 -57.11 -45.94 23.10
CA LYS B 131 -57.18 -46.04 21.65
C LYS B 131 -55.85 -45.56 21.08
N GLU B 132 -55.57 -45.93 19.84
CA GLU B 132 -54.37 -45.45 19.16
C GLU B 132 -54.77 -44.85 17.81
N LEU B 133 -54.76 -43.52 17.75
CA LEU B 133 -55.34 -42.79 16.61
C LEU B 133 -54.45 -42.78 15.37
N GLY B 134 -53.15 -43.01 15.55
CA GLY B 134 -52.22 -43.14 14.43
C GLY B 134 -51.71 -41.83 13.89
N ASN B 135 -51.51 -40.86 14.78
CA ASN B 135 -50.84 -39.60 14.42
C ASN B 135 -50.06 -39.03 15.60
N GLY B 136 -49.43 -39.92 16.36
CA GLY B 136 -48.68 -39.55 17.56
C GLY B 136 -49.56 -39.16 18.72
N CYS B 137 -50.74 -39.77 18.83
CA CYS B 137 -51.69 -39.47 19.89
C CYS B 137 -52.38 -40.73 20.41
N PHE B 138 -52.72 -40.72 21.70
CA PHE B 138 -53.46 -41.81 22.34
C PHE B 138 -54.69 -41.24 23.02
N GLU B 139 -55.83 -41.91 22.84
CA GLU B 139 -57.11 -41.48 23.42
C GLU B 139 -57.57 -42.52 24.44
N PHE B 140 -57.79 -42.08 25.68
CA PHE B 140 -58.07 -43.00 26.79
C PHE B 140 -59.51 -43.52 26.78
N TYR B 141 -59.69 -44.79 27.14
CA TYR B 141 -61.02 -45.34 27.40
C TYR B 141 -61.53 -44.82 28.74
N HIS B 142 -60.64 -44.82 29.74
CA HIS B 142 -60.94 -44.28 31.06
C HIS B 142 -60.76 -42.76 31.09
N LYS B 143 -61.06 -42.15 32.23
CA LYS B 143 -60.97 -40.70 32.39
C LYS B 143 -59.64 -40.36 33.08
N CYS B 144 -58.89 -39.42 32.50
CA CYS B 144 -57.53 -39.11 32.94
C CYS B 144 -57.37 -37.63 33.29
N ASP B 145 -57.26 -37.34 34.58
CA ASP B 145 -57.07 -35.97 35.08
C ASP B 145 -55.60 -35.54 35.01
N ASN B 146 -55.30 -34.34 35.51
CA ASN B 146 -53.93 -33.81 35.50
C ASN B 146 -52.95 -34.63 36.34
N GLU B 147 -53.43 -35.27 37.40
CA GLU B 147 -52.60 -36.16 38.22
C GLU B 147 -52.34 -37.47 37.48
N CYS B 148 -53.29 -37.88 36.65
CA CYS B 148 -53.15 -39.07 35.82
C CYS B 148 -52.13 -38.85 34.69
N MET B 149 -52.05 -37.62 34.17
CA MET B 149 -51.04 -37.28 33.16
C MET B 149 -49.64 -37.28 33.76
N GLU B 150 -49.53 -36.78 34.99
CA GLU B 150 -48.26 -36.77 35.74
C GLU B 150 -47.64 -38.17 35.80
N SER B 151 -48.45 -39.19 36.07
CA SER B 151 -47.99 -40.57 36.18
C SER B 151 -47.50 -41.15 34.84
N VAL B 152 -48.05 -40.64 33.74
CA VAL B 152 -47.65 -41.10 32.40
C VAL B 152 -46.30 -40.51 32.00
N ARG B 153 -46.13 -39.21 32.22
CA ARG B 153 -44.89 -38.52 31.85
C ARG B 153 -43.70 -38.98 32.70
N ASN B 154 -43.92 -39.10 34.00
CA ASN B 154 -42.86 -39.44 34.95
C ASN B 154 -42.32 -40.85 34.72
N GLY B 155 -43.23 -41.82 34.56
CA GLY B 155 -42.84 -43.21 34.32
C GLY B 155 -43.60 -44.25 35.14
N THR B 156 -44.21 -43.82 36.24
CA THR B 156 -44.93 -44.73 37.13
C THR B 156 -46.44 -44.68 36.86
N TYR B 157 -46.83 -45.15 35.68
CA TYR B 157 -48.25 -45.32 35.34
C TYR B 157 -48.76 -46.62 35.93
N ASP B 158 -50.00 -46.60 36.42
CA ASP B 158 -50.59 -47.78 37.06
C ASP B 158 -51.75 -48.32 36.22
N TYR B 159 -51.48 -49.41 35.51
CA TYR B 159 -52.47 -50.06 34.64
C TYR B 159 -53.62 -50.74 35.40
N PRO B 160 -53.31 -51.49 36.48
CA PRO B 160 -54.36 -52.12 37.30
C PRO B 160 -55.52 -51.23 37.74
N GLN B 161 -55.27 -49.93 37.95
CA GLN B 161 -56.29 -49.01 38.44
C GLN B 161 -57.44 -48.84 37.44
N TYR B 162 -57.10 -48.82 36.15
CA TYR B 162 -58.09 -48.61 35.09
C TYR B 162 -58.35 -49.90 34.30
N SER B 163 -59.47 -50.55 34.60
CA SER B 163 -59.91 -51.73 33.86
C SER B 163 -60.96 -51.31 32.83
N GLU B 164 -60.50 -50.67 31.76
CA GLU B 164 -61.36 -50.08 30.72
C GLU B 164 -62.09 -48.83 31.25
N GLU B 165 -62.82 -49.00 32.35
CA GLU B 165 -63.46 -47.88 33.05
C GLU B 165 -62.97 -47.81 34.50
N ALA B 166 -62.79 -46.59 35.00
CA ALA B 166 -62.39 -46.37 36.39
C ALA B 166 -62.56 -44.90 36.78
N GLU C 1 38.27 19.21 3.38
CA GLU C 1 38.04 17.87 3.99
C GLU C 1 37.32 18.02 5.34
N VAL C 2 37.61 17.16 6.31
CA VAL C 2 36.89 17.17 7.60
C VAL C 2 37.25 18.40 8.42
N GLN C 3 36.24 19.00 9.06
CA GLN C 3 36.41 20.20 9.87
C GLN C 3 35.49 20.13 11.09
N LEU C 4 36.05 20.33 12.28
CA LEU C 4 35.27 20.42 13.51
C LEU C 4 35.49 21.80 14.15
N VAL C 5 34.46 22.64 14.07
CA VAL C 5 34.52 23.99 14.62
C VAL C 5 33.67 24.08 15.88
N GLN C 6 34.29 24.48 16.99
CA GLN C 6 33.61 24.56 18.29
C GLN C 6 33.20 25.98 18.63
N SER C 7 32.37 26.12 19.67
CA SER C 7 31.72 27.38 20.01
C SER C 7 32.21 27.98 21.33
N GLY C 8 33.53 28.08 21.48
CA GLY C 8 34.13 28.70 22.66
C GLY C 8 34.26 30.20 22.47
N ALA C 9 34.74 30.93 23.49
CA ALA C 9 35.08 30.41 24.81
C ALA C 9 34.08 30.98 25.82
N GLU C 10 33.91 30.27 26.94
CA GLU C 10 32.87 30.60 27.91
C GLU C 10 33.42 30.94 29.30
N VAL C 11 32.72 31.84 29.99
CA VAL C 11 33.05 32.21 31.36
C VAL C 11 31.75 32.35 32.17
N LYS C 12 31.63 31.56 33.24
CA LYS C 12 30.43 31.50 34.05
C LYS C 12 30.79 31.48 35.53
N LYS C 13 29.77 31.49 36.39
CA LYS C 13 29.94 31.36 37.83
C LYS C 13 29.24 30.09 38.32
N PRO C 14 29.61 29.59 39.51
CA PRO C 14 28.97 28.40 40.08
C PRO C 14 27.45 28.51 40.15
N GLY C 15 26.76 27.49 39.65
CA GLY C 15 25.29 27.46 39.63
C GLY C 15 24.69 27.70 38.26
N GLU C 16 25.40 28.46 37.42
CA GLU C 16 24.89 28.81 36.09
C GLU C 16 24.89 27.62 35.13
N SER C 17 23.97 27.65 34.17
CA SER C 17 23.89 26.63 33.12
C SER C 17 24.81 27.00 31.96
N LEU C 18 25.06 26.03 31.08
CA LEU C 18 25.91 26.25 29.92
C LEU C 18 25.69 25.18 28.87
N LYS C 19 25.81 25.57 27.60
CA LYS C 19 25.71 24.65 26.47
C LYS C 19 26.75 24.98 25.41
N ILE C 20 27.87 24.27 25.44
CA ILE C 20 28.88 24.36 24.39
C ILE C 20 28.50 23.45 23.22
N SER C 21 28.96 23.80 22.03
CA SER C 21 28.60 23.07 20.81
C SER C 21 29.82 22.81 19.92
N CYS C 22 29.59 22.06 18.84
CA CYS C 22 30.63 21.71 17.88
C CYS C 22 29.98 21.34 16.55
N LYS C 23 30.39 22.02 15.47
CA LYS C 23 29.79 21.78 14.16
C LYS C 23 30.74 21.00 13.26
N GLY C 24 30.26 19.88 12.72
CA GLY C 24 31.04 19.04 11.81
C GLY C 24 30.74 19.37 10.36
N SER C 25 31.75 19.24 9.51
CA SER C 25 31.62 19.51 8.07
C SER C 25 32.54 18.60 7.25
N GLY C 26 32.21 18.44 5.96
CA GLY C 26 33.03 17.68 5.03
C GLY C 26 32.76 16.18 5.01
N TYR C 27 31.68 15.74 5.66
CA TYR C 27 31.31 14.33 5.69
C TYR C 27 29.84 14.16 6.13
N SER C 28 29.37 12.91 6.18
CA SER C 28 28.03 12.62 6.67
C SER C 28 28.00 12.64 8.21
N PHE C 29 27.58 13.77 8.77
CA PHE C 29 27.54 13.96 10.23
C PHE C 29 26.81 12.83 10.95
N SER C 30 25.68 12.41 10.40
CA SER C 30 24.86 11.35 10.99
C SER C 30 25.53 9.97 11.01
N ASP C 31 26.48 9.74 10.10
CA ASP C 31 27.14 8.43 9.98
C ASP C 31 28.22 8.15 11.02
N TYR C 32 28.90 9.20 11.48
CA TYR C 32 30.04 9.04 12.40
C TYR C 32 29.65 9.31 13.85
N TRP C 33 30.15 8.47 14.75
CA TRP C 33 30.07 8.76 16.18
C TRP C 33 30.89 10.02 16.46
N ILE C 34 30.34 10.89 17.30
CA ILE C 34 31.02 12.13 17.69
C ILE C 34 30.89 12.30 19.20
N GLY C 35 31.96 12.78 19.85
CA GLY C 35 32.01 12.83 21.30
C GLY C 35 32.85 13.94 21.89
N TRP C 36 33.07 13.87 23.19
CA TRP C 36 33.73 14.93 23.94
C TRP C 36 34.86 14.38 24.83
N VAL C 37 35.90 15.19 25.00
CA VAL C 37 37.04 14.84 25.84
C VAL C 37 37.43 16.06 26.69
N ARG C 38 37.48 15.86 28.01
CA ARG C 38 37.85 16.93 28.94
C ARG C 38 39.34 16.87 29.26
N GLN C 39 39.96 18.04 29.36
CA GLN C 39 41.35 18.15 29.80
C GLN C 39 41.47 19.30 30.79
N MET C 40 41.55 18.96 32.08
CA MET C 40 41.72 19.95 33.13
C MET C 40 43.15 20.49 33.08
N PRO C 41 43.35 21.76 33.49
CA PRO C 41 44.67 22.41 33.36
C PRO C 41 45.83 21.56 33.91
N GLY C 42 46.76 21.21 33.03
CA GLY C 42 47.96 20.48 33.42
C GLY C 42 47.82 18.95 33.45
N GLU C 43 46.59 18.46 33.36
CA GLU C 43 46.32 17.02 33.47
C GLU C 43 46.04 16.38 32.10
N GLY C 44 45.82 15.07 32.09
CA GLY C 44 45.61 14.32 30.86
C GLY C 44 44.19 14.35 30.33
N LEU C 45 43.94 13.54 29.29
CA LEU C 45 42.67 13.53 28.57
C LEU C 45 41.65 12.62 29.25
N GLU C 46 40.42 13.10 29.40
CA GLU C 46 39.35 12.35 30.04
C GLU C 46 38.18 12.20 29.07
N TRP C 47 37.94 10.99 28.61
CA TRP C 47 36.85 10.70 27.68
C TRP C 47 35.50 10.80 28.40
N MET C 48 34.61 11.65 27.87
CA MET C 48 33.33 11.96 28.51
C MET C 48 32.19 11.11 27.96
N GLY C 49 32.08 11.05 26.63
CA GLY C 49 31.04 10.25 25.97
C GLY C 49 30.87 10.56 24.50
N ILE C 50 30.17 9.67 23.78
CA ILE C 50 29.91 9.83 22.34
C ILE C 50 28.42 9.66 22.03
N ILE C 51 28.05 10.07 20.81
CA ILE C 51 26.66 9.96 20.35
C ILE C 51 26.61 9.69 18.83
N TYR C 52 25.75 8.77 18.43
CA TYR C 52 25.53 8.45 17.02
C TYR C 52 24.35 9.29 16.52
N PRO C 53 24.62 10.34 15.72
CA PRO C 53 23.55 11.31 15.43
C PRO C 53 22.40 10.84 14.54
N ALA C 54 22.53 9.66 13.92
CA ALA C 54 21.42 9.06 13.18
C ALA C 54 20.36 8.53 14.14
N SER C 55 20.79 7.75 15.12
CA SER C 55 19.90 7.13 16.10
C SER C 55 19.79 7.90 17.42
N SER C 56 20.74 8.81 17.67
CA SER C 56 20.86 9.55 18.93
C SER C 56 21.15 8.63 20.13
N GLU C 57 21.70 7.45 19.86
CA GLU C 57 22.13 6.53 20.93
C GLU C 57 23.41 7.09 21.55
N ILE C 58 23.44 7.22 22.86
CA ILE C 58 24.56 7.85 23.56
C ILE C 58 25.31 6.81 24.39
N ARG C 59 26.64 6.82 24.25
CA ARG C 59 27.52 5.96 25.03
C ARG C 59 28.24 6.84 26.06
N TYR C 60 27.63 7.01 27.23
CA TYR C 60 28.21 7.80 28.30
C TYR C 60 29.35 7.04 29.00
N SER C 61 30.17 7.79 29.73
CA SER C 61 31.13 7.20 30.66
C SER C 61 30.48 7.22 32.06
N PRO C 62 30.65 6.13 32.83
CA PRO C 62 30.11 6.08 34.20
C PRO C 62 30.51 7.26 35.09
N SER C 63 31.70 7.81 34.86
CA SER C 63 32.18 8.98 35.62
C SER C 63 31.42 10.27 35.26
N PHE C 64 30.93 10.35 34.03
CA PHE C 64 30.26 11.55 33.53
C PHE C 64 28.74 11.40 33.30
N GLN C 65 28.23 10.17 33.32
CA GLN C 65 26.80 9.92 33.09
C GLN C 65 25.96 10.54 34.20
N GLY C 66 24.80 11.08 33.82
CA GLY C 66 23.89 11.73 34.77
C GLY C 66 24.39 13.04 35.35
N LEU C 67 25.53 13.51 34.84
CA LEU C 67 26.16 14.75 35.30
C LEU C 67 26.33 15.78 34.17
N VAL C 68 26.46 15.28 32.94
CA VAL C 68 26.43 16.12 31.74
C VAL C 68 25.54 15.46 30.68
N THR C 69 24.85 16.29 29.89
CA THR C 69 23.95 15.78 28.86
C THR C 69 24.51 16.06 27.47
N ILE C 70 24.91 14.98 26.78
CA ILE C 70 25.41 15.07 25.41
C ILE C 70 24.22 15.09 24.45
N SER C 71 24.33 15.87 23.38
CA SER C 71 23.24 16.04 22.42
C SER C 71 23.75 15.98 20.97
N ARG C 72 22.82 15.97 20.03
CA ARG C 72 23.14 15.98 18.61
C ARG C 72 21.94 16.42 17.78
N ASP C 73 22.21 17.08 16.64
CA ASP C 73 21.16 17.55 15.74
C ASP C 73 21.61 17.44 14.28
N LYS C 74 20.99 16.52 13.54
CA LYS C 74 21.33 16.27 12.14
C LYS C 74 21.11 17.48 11.23
N SER C 75 20.01 18.19 11.45
CA SER C 75 19.60 19.29 10.57
C SER C 75 20.67 20.35 10.35
N ILE C 76 21.52 20.58 11.36
CA ILE C 76 22.61 21.57 11.25
C ILE C 76 23.95 21.02 11.74
N ASN C 77 24.13 19.71 11.60
CA ASN C 77 25.42 19.03 11.88
C ASN C 77 26.11 19.49 13.16
N THR C 78 25.37 19.48 14.27
CA THR C 78 25.90 19.99 15.54
C THR C 78 25.76 18.98 16.68
N ALA C 79 26.83 18.81 17.43
CA ALA C 79 26.83 18.04 18.68
C ALA C 79 27.11 19.00 19.83
N SER C 80 26.48 18.74 20.98
CA SER C 80 26.57 19.66 22.12
C SER C 80 26.83 18.95 23.45
N LEU C 81 27.15 19.74 24.46
CA LEU C 81 27.43 19.24 25.82
C LEU C 81 26.84 20.24 26.82
N GLN C 82 26.04 19.74 27.76
CA GLN C 82 25.26 20.62 28.66
C GLN C 82 25.55 20.40 30.15
N TRP C 83 25.30 21.44 30.93
CA TRP C 83 25.42 21.40 32.39
C TRP C 83 24.20 22.06 33.04
N SER C 84 23.75 21.50 34.17
CA SER C 84 22.62 22.05 34.91
C SER C 84 23.12 23.08 35.92
N SER C 85 24.04 22.66 36.78
CA SER C 85 24.63 23.53 37.80
C SER C 85 26.14 23.38 37.81
N LEU C 86 26.84 24.38 37.26
CA LEU C 86 28.30 24.32 37.13
C LEU C 86 29.02 24.45 38.46
N LYS C 87 30.27 23.96 38.48
CA LYS C 87 31.14 24.04 39.66
C LYS C 87 32.54 24.50 39.24
N ALA C 88 33.38 24.82 40.23
CA ALA C 88 34.75 25.25 39.96
C ALA C 88 35.61 24.12 39.37
N SER C 89 35.27 22.87 39.69
CA SER C 89 36.01 21.71 39.20
C SER C 89 35.80 21.46 37.70
N ASP C 90 34.74 22.02 37.14
CA ASP C 90 34.47 21.91 35.70
C ASP C 90 35.30 22.87 34.85
N THR C 91 36.00 23.80 35.50
CA THR C 91 36.91 24.70 34.81
C THR C 91 37.97 23.90 34.07
N ALA C 92 37.83 23.82 32.75
CA ALA C 92 38.75 23.03 31.91
C ALA C 92 38.60 23.42 30.44
N ILE C 93 39.33 22.71 29.58
CA ILE C 93 39.18 22.86 28.13
C ILE C 93 38.55 21.58 27.56
N TYR C 94 37.50 21.75 26.75
CA TYR C 94 36.68 20.63 26.29
C TYR C 94 36.83 20.40 24.78
N TYR C 95 37.38 19.24 24.42
CA TYR C 95 37.65 18.91 23.02
C TYR C 95 36.51 18.12 22.38
N CYS C 96 36.10 18.55 21.19
CA CYS C 96 35.14 17.84 20.35
C CYS C 96 35.93 16.98 19.37
N ALA C 97 35.51 15.74 19.16
CA ALA C 97 36.26 14.82 18.28
C ALA C 97 35.39 13.74 17.63
N ARG C 98 35.68 13.46 16.36
CA ARG C 98 34.96 12.44 15.58
C ARG C 98 35.54 11.06 15.88
N HIS C 99 34.69 10.03 15.84
CA HIS C 99 35.09 8.68 16.23
C HIS C 99 34.95 7.64 15.09
N ALA C 100 34.18 6.58 15.31
CA ALA C 100 34.29 5.36 14.52
C ALA C 100 33.64 5.41 13.15
N SER C 101 32.33 5.66 13.15
CA SER C 101 31.45 5.39 12.01
C SER C 101 31.16 3.89 11.93
N CYS C 102 30.72 3.34 13.06
CA CYS C 102 30.23 1.98 13.14
C CYS C 102 28.76 2.06 13.53
N SER C 103 27.90 1.39 12.76
CA SER C 103 26.46 1.42 12.98
C SER C 103 25.99 0.39 14.01
N ALA C 104 26.88 -0.55 14.36
CA ALA C 104 26.59 -1.57 15.36
C ALA C 104 26.79 -1.03 16.77
N ARG C 105 26.44 -1.85 17.77
CA ARG C 105 26.53 -1.47 19.18
C ARG C 105 27.78 -2.05 19.85
N SER C 106 28.62 -2.73 19.08
CA SER C 106 29.87 -3.31 19.58
C SER C 106 30.91 -3.35 18.47
N CYS C 107 31.96 -2.54 18.59
CA CYS C 107 32.90 -2.34 17.48
C CYS C 107 34.17 -1.55 17.84
N TYR C 108 35.02 -1.35 16.84
CA TYR C 108 36.18 -0.46 16.95
C TYR C 108 35.70 0.99 17.00
N TRP C 109 35.82 1.61 18.17
CA TRP C 109 35.32 2.96 18.41
C TRP C 109 36.23 4.03 17.82
N GLY C 110 37.46 3.66 17.48
CA GLY C 110 38.39 4.56 16.82
C GLY C 110 38.31 4.48 15.30
N PRO C 111 39.18 5.21 14.59
CA PRO C 111 40.15 6.13 15.17
C PRO C 111 39.50 7.47 15.50
N VAL C 112 39.99 8.15 16.54
CA VAL C 112 39.56 9.51 16.83
C VAL C 112 40.40 10.41 15.92
N ASP C 113 40.00 10.45 14.65
CA ASP C 113 40.84 10.95 13.56
C ASP C 113 40.83 12.46 13.37
N TYR C 114 39.78 13.13 13.85
CA TYR C 114 39.69 14.59 13.72
C TYR C 114 39.20 15.22 15.02
N TRP C 115 40.00 16.16 15.53
CA TRP C 115 39.71 16.86 16.79
C TRP C 115 39.41 18.33 16.53
N GLY C 116 38.67 18.94 17.45
CA GLY C 116 38.38 20.37 17.39
C GLY C 116 39.50 21.20 17.99
N GLN C 117 39.24 22.49 18.20
CA GLN C 117 40.23 23.41 18.76
C GLN C 117 40.10 23.49 20.28
N GLY C 118 39.01 22.94 20.81
CA GLY C 118 38.70 23.06 22.23
C GLY C 118 37.95 24.34 22.52
N THR C 119 37.19 24.35 23.62
CA THR C 119 36.58 25.58 24.13
C THR C 119 36.94 25.75 25.60
N LEU C 120 37.49 26.90 25.94
CA LEU C 120 37.86 27.21 27.31
C LEU C 120 36.60 27.55 28.10
N VAL C 121 36.26 26.70 29.07
CA VAL C 121 35.17 26.98 30.00
C VAL C 121 35.79 27.32 31.36
N THR C 122 35.61 28.56 31.80
CA THR C 122 36.16 29.02 33.07
C THR C 122 35.01 29.23 34.06
N VAL C 123 35.13 28.65 35.26
CA VAL C 123 34.08 28.72 36.27
C VAL C 123 34.65 29.10 37.64
N SER C 124 34.35 30.33 38.08
CA SER C 124 34.72 30.78 39.42
C SER C 124 33.79 31.89 39.92
N SER C 125 33.85 32.17 41.22
CA SER C 125 33.01 33.18 41.85
C SER C 125 33.38 34.61 41.43
N ALA C 126 34.62 34.78 40.95
CA ALA C 126 35.07 36.09 40.46
C ALA C 126 34.37 36.46 39.16
N SER C 127 34.30 37.74 38.87
CA SER C 127 33.68 38.25 37.64
C SER C 127 34.73 38.90 36.74
N THR C 128 34.36 39.07 35.47
CA THR C 128 35.26 39.57 34.44
C THR C 128 35.90 40.90 34.80
N LYS C 129 37.24 40.92 34.84
CA LYS C 129 37.99 42.13 35.18
C LYS C 129 39.21 42.28 34.26
N GLY C 130 39.48 43.53 33.85
CA GLY C 130 40.61 43.82 32.98
C GLY C 130 41.94 43.82 33.72
N PRO C 131 43.06 43.69 32.97
CA PRO C 131 44.38 43.59 33.57
C PRO C 131 44.98 44.95 33.91
N SER C 132 45.82 44.98 34.95
CA SER C 132 46.60 46.16 35.29
C SER C 132 48.06 45.90 34.89
N VAL C 133 48.57 46.69 33.96
CA VAL C 133 49.92 46.47 33.41
C VAL C 133 50.94 47.44 34.03
N PHE C 134 52.07 46.89 34.45
CA PHE C 134 53.16 47.67 35.05
C PHE C 134 54.48 47.35 34.37
N PRO C 135 55.39 48.33 34.29
CA PRO C 135 56.67 48.11 33.62
C PRO C 135 57.70 47.40 34.51
N LEU C 136 58.51 46.55 33.89
CA LEU C 136 59.70 45.99 34.52
C LEU C 136 60.92 46.61 33.85
N ALA C 137 61.48 47.63 34.48
CA ALA C 137 62.53 48.46 33.88
C ALA C 137 63.86 47.71 33.74
N PRO C 138 64.63 48.03 32.68
CA PRO C 138 65.85 47.28 32.34
C PRO C 138 67.02 47.46 33.30
N SER C 139 67.29 48.71 33.69
CA SER C 139 68.49 49.05 34.46
C SER C 139 68.53 48.29 35.81
N SER C 140 69.70 48.16 36.45
CA SER C 140 70.98 48.71 36.01
C SER C 140 72.06 47.62 36.01
N LYS C 141 73.04 47.77 35.14
CA LYS C 141 74.05 46.75 34.91
C LYS C 141 75.39 47.15 35.52
N SER C 142 76.24 46.16 35.78
CA SER C 142 77.60 46.40 36.25
C SER C 142 78.46 46.86 35.07
N THR C 143 79.12 48.01 35.24
CA THR C 143 79.89 48.67 34.17
C THR C 143 78.97 49.07 33.00
N SER C 144 78.99 48.31 31.91
CA SER C 144 78.14 48.59 30.75
C SER C 144 77.02 47.56 30.62
N GLY C 145 77.41 46.29 30.57
CA GLY C 145 76.47 45.19 30.39
C GLY C 145 76.31 44.85 28.92
N GLY C 146 76.33 43.57 28.60
CA GLY C 146 76.20 43.11 27.21
C GLY C 146 74.75 43.06 26.77
N THR C 147 73.98 42.19 27.41
CA THR C 147 72.55 42.04 27.12
C THR C 147 71.73 42.50 28.32
N ALA C 148 70.63 43.21 28.03
CA ALA C 148 69.73 43.74 29.04
C ALA C 148 68.42 42.97 29.06
N ALA C 149 67.74 42.98 30.20
CA ALA C 149 66.44 42.31 30.35
C ALA C 149 65.39 43.31 30.82
N LEU C 150 64.27 43.36 30.11
CA LEU C 150 63.14 44.22 30.47
C LEU C 150 61.84 43.44 30.26
N GLY C 151 60.72 43.98 30.73
CA GLY C 151 59.44 43.31 30.59
C GLY C 151 58.22 44.06 31.09
N CYS C 152 57.08 43.38 31.01
CA CYS C 152 55.81 43.89 31.53
C CYS C 152 55.21 42.89 32.51
N LEU C 153 54.53 43.41 33.53
CA LEU C 153 53.82 42.60 34.49
C LEU C 153 52.32 42.85 34.29
N VAL C 154 51.61 41.84 33.82
CA VAL C 154 50.17 41.91 33.60
C VAL C 154 49.47 41.28 34.80
N LYS C 155 48.85 42.10 35.64
CA LYS C 155 48.41 41.66 36.97
C LYS C 155 46.90 41.84 37.19
N ASP C 156 46.31 40.88 37.92
CA ASP C 156 44.91 40.95 38.35
C ASP C 156 43.89 41.03 37.21
N TYR C 157 43.77 39.94 36.46
CA TYR C 157 42.77 39.86 35.38
C TYR C 157 42.01 38.54 35.44
N PHE C 158 40.81 38.54 34.86
CA PHE C 158 39.98 37.35 34.78
C PHE C 158 38.91 37.54 33.71
N PRO C 159 38.66 36.51 32.88
CA PRO C 159 39.31 35.21 32.80
C PRO C 159 40.51 35.23 31.86
N GLU C 160 41.07 34.06 31.58
CA GLU C 160 42.05 33.91 30.51
C GLU C 160 41.32 34.01 29.16
N PRO C 161 42.06 34.29 28.08
CA PRO C 161 43.48 34.54 27.97
C PRO C 161 43.82 36.02 27.77
N VAL C 162 45.12 36.33 27.79
CA VAL C 162 45.63 37.63 27.36
C VAL C 162 46.73 37.42 26.32
N THR C 163 46.79 38.30 25.33
CA THR C 163 47.84 38.26 24.31
C THR C 163 48.80 39.42 24.52
N VAL C 164 50.09 39.12 24.55
CA VAL C 164 51.12 40.13 24.73
C VAL C 164 52.02 40.16 23.49
N SER C 165 52.19 41.34 22.92
CA SER C 165 53.18 41.57 21.86
C SER C 165 54.06 42.76 22.26
N TRP C 166 55.21 42.88 21.59
CA TRP C 166 56.15 43.96 21.86
C TRP C 166 56.37 44.79 20.60
N ASN C 167 56.23 46.11 20.74
CA ASN C 167 56.32 47.03 19.60
C ASN C 167 55.38 46.65 18.46
N SER C 168 54.16 46.25 18.83
CA SER C 168 53.13 45.86 17.87
C SER C 168 53.59 44.73 16.93
N GLY C 169 54.27 43.74 17.51
CA GLY C 169 54.75 42.59 16.75
C GLY C 169 56.10 42.79 16.07
N ALA C 170 56.67 43.99 16.19
CA ALA C 170 57.98 44.28 15.59
C ALA C 170 59.11 43.58 16.34
N LEU C 171 58.91 43.30 17.62
CA LEU C 171 59.90 42.64 18.45
C LEU C 171 59.39 41.28 18.93
N THR C 172 59.82 40.22 18.24
CA THR C 172 59.47 38.85 18.62
C THR C 172 60.67 38.10 19.21
N SER C 173 61.85 38.35 18.67
CA SER C 173 63.06 37.62 19.07
C SER C 173 63.42 37.86 20.54
N GLY C 174 63.75 36.78 21.25
CA GLY C 174 64.18 36.85 22.64
C GLY C 174 63.08 37.06 23.66
N VAL C 175 61.82 37.04 23.22
CA VAL C 175 60.68 37.30 24.09
C VAL C 175 60.26 36.02 24.83
N HIS C 176 59.77 36.19 26.06
CA HIS C 176 59.21 35.10 26.86
C HIS C 176 57.98 35.58 27.61
N THR C 177 56.80 35.17 27.15
CA THR C 177 55.55 35.43 27.87
C THR C 177 55.18 34.20 28.70
N PHE C 178 55.31 34.31 30.02
CA PHE C 178 55.12 33.17 30.92
C PHE C 178 53.65 32.80 31.05
N PRO C 179 53.37 31.49 31.25
CA PRO C 179 52.00 31.07 31.58
C PRO C 179 51.50 31.73 32.86
N ALA C 180 50.21 32.06 32.89
CA ALA C 180 49.62 32.76 34.03
C ALA C 180 49.49 31.85 35.24
N VAL C 181 49.41 32.46 36.42
CA VAL C 181 49.16 31.71 37.66
C VAL C 181 47.90 32.25 38.33
N LEU C 182 47.14 31.35 38.95
CA LEU C 182 45.92 31.74 39.64
C LEU C 182 46.26 32.16 41.07
N GLN C 183 46.09 33.46 41.35
CA GLN C 183 46.42 34.01 42.66
C GLN C 183 45.33 33.64 43.67
N SER C 184 45.62 33.87 44.96
CA SER C 184 44.71 33.50 46.04
C SER C 184 43.39 34.30 46.04
N SER C 185 43.41 35.48 45.41
CA SER C 185 42.21 36.29 45.25
C SER C 185 41.23 35.68 44.24
N GLY C 186 41.76 35.01 43.24
CA GLY C 186 40.96 34.42 42.17
C GLY C 186 41.26 35.01 40.79
N LEU C 187 42.06 36.08 40.77
CA LEU C 187 42.47 36.71 39.51
C LEU C 187 43.78 36.11 39.01
N TYR C 188 43.98 36.19 37.69
CA TYR C 188 45.20 35.69 37.05
C TYR C 188 46.27 36.77 36.99
N SER C 189 47.51 36.35 36.79
CA SER C 189 48.63 37.27 36.69
C SER C 189 49.84 36.59 36.06
N LEU C 190 50.26 37.11 34.89
CA LEU C 190 51.48 36.65 34.23
C LEU C 190 52.48 37.79 34.15
N SER C 191 53.66 37.50 33.61
CA SER C 191 54.65 38.51 33.28
C SER C 191 55.29 38.18 31.94
N SER C 192 55.61 39.20 31.16
CA SER C 192 56.22 39.03 29.85
C SER C 192 57.55 39.75 29.80
N VAL C 193 58.63 39.02 29.47
CA VAL C 193 59.98 39.58 29.45
C VAL C 193 60.63 39.43 28.08
N VAL C 194 61.60 40.29 27.80
CA VAL C 194 62.35 40.25 26.55
C VAL C 194 63.77 40.76 26.78
N THR C 195 64.74 40.07 26.21
CA THR C 195 66.14 40.46 26.33
C THR C 195 66.61 41.20 25.07
N VAL C 196 67.31 42.30 25.27
CA VAL C 196 67.80 43.13 24.18
C VAL C 196 69.22 43.62 24.49
N PRO C 197 69.95 44.10 23.46
CA PRO C 197 71.27 44.69 23.73
C PRO C 197 71.17 45.91 24.64
N SER C 198 72.15 46.09 25.53
CA SER C 198 72.19 47.24 26.42
C SER C 198 72.40 48.55 25.65
N SER C 199 73.03 48.45 24.48
CA SER C 199 73.23 49.60 23.58
C SER C 199 71.91 50.27 23.25
N SER C 200 70.87 49.47 23.00
CA SER C 200 69.58 49.96 22.52
C SER C 200 68.75 50.68 23.59
N LEU C 201 69.10 50.50 24.86
CA LEU C 201 68.31 51.09 25.97
C LEU C 201 68.23 52.61 25.89
N GLY C 202 69.30 53.25 25.41
CA GLY C 202 69.34 54.70 25.30
C GLY C 202 68.46 55.28 24.19
N THR C 203 68.31 54.56 23.09
CA THR C 203 67.62 55.07 21.91
C THR C 203 66.32 54.33 21.57
N GLN C 204 66.34 53.00 21.62
CA GLN C 204 65.19 52.19 21.22
C GLN C 204 64.00 52.35 22.18
N THR C 205 62.79 52.44 21.60
CA THR C 205 61.56 52.50 22.37
C THR C 205 61.02 51.08 22.56
N TYR C 206 60.49 50.79 23.74
CA TYR C 206 59.93 49.48 24.05
C TYR C 206 58.54 49.61 24.69
N ILE C 207 57.52 49.21 23.93
CA ILE C 207 56.14 49.20 24.43
C ILE C 207 55.58 47.78 24.31
N CYS C 208 55.03 47.25 25.39
CA CYS C 208 54.31 45.98 25.34
C CYS C 208 52.83 46.26 25.10
N ASN C 209 52.20 45.42 24.29
CA ASN C 209 50.80 45.61 23.91
C ASN C 209 49.95 44.48 24.48
N VAL C 210 49.25 44.76 25.57
CA VAL C 210 48.43 43.76 26.25
C VAL C 210 46.98 43.91 25.82
N ASN C 211 46.37 42.79 25.42
CA ASN C 211 44.98 42.77 24.99
C ASN C 211 44.22 41.65 25.70
N HIS C 212 43.24 42.04 26.52
CA HIS C 212 42.37 41.10 27.22
C HIS C 212 40.97 41.21 26.60
N LYS C 213 40.68 40.33 25.66
CA LYS C 213 39.43 40.38 24.88
C LYS C 213 38.16 40.29 25.74
N PRO C 214 38.14 39.41 26.76
CA PRO C 214 36.97 39.32 27.63
C PRO C 214 36.49 40.63 28.25
N SER C 215 37.43 41.52 28.60
CA SER C 215 37.09 42.82 29.19
C SER C 215 37.10 43.97 28.17
N ASN C 216 37.34 43.64 26.90
CA ASN C 216 37.47 44.65 25.83
C ASN C 216 38.58 45.65 26.15
N THR C 217 39.64 45.17 26.81
CA THR C 217 40.71 46.02 27.31
C THR C 217 41.94 45.97 26.41
N LYS C 218 42.52 47.13 26.13
CA LYS C 218 43.76 47.24 25.38
C LYS C 218 44.70 48.23 26.06
N VAL C 219 45.82 47.73 26.57
CA VAL C 219 46.78 48.54 27.32
C VAL C 219 48.15 48.52 26.65
N ASP C 220 48.73 49.71 26.46
CA ASP C 220 50.08 49.85 25.92
C ASP C 220 50.96 50.56 26.95
N LYS C 221 51.86 49.81 27.59
CA LYS C 221 52.74 50.36 28.61
C LYS C 221 54.16 50.53 28.11
N ARG C 222 54.67 51.76 28.21
CA ARG C 222 56.03 52.10 27.83
C ARG C 222 57.00 51.66 28.92
N VAL C 223 58.02 50.89 28.54
CA VAL C 223 59.04 50.41 29.49
C VAL C 223 60.37 51.07 29.17
N GLU C 224 60.86 51.90 30.10
CA GLU C 224 62.10 52.64 29.90
C GLU C 224 62.94 52.66 31.19
N PRO C 225 64.26 52.88 31.06
CA PRO C 225 65.15 52.89 32.24
C PRO C 225 64.79 53.93 33.30
N LYS C 226 65.21 53.67 34.54
CA LYS C 226 65.00 54.59 35.66
C LYS C 226 63.51 54.88 35.91
N ASP D 1 35.95 -0.50 33.78
CA ASP D 1 36.73 0.16 32.69
C ASP D 1 38.03 -0.58 32.43
N ILE D 2 38.64 -0.30 31.28
CA ILE D 2 39.96 -0.81 30.94
C ILE D 2 40.98 0.27 31.28
N VAL D 3 41.82 0.01 32.27
CA VAL D 3 42.81 1.00 32.72
C VAL D 3 44.10 0.86 31.90
N MET D 4 44.66 2.00 31.53
CA MET D 4 45.86 2.05 30.69
C MET D 4 47.01 2.70 31.46
N THR D 5 48.21 2.16 31.29
CA THR D 5 49.38 2.63 32.01
C THR D 5 50.54 2.86 31.05
N GLN D 6 51.06 4.09 31.04
CA GLN D 6 52.18 4.46 30.18
C GLN D 6 53.47 4.62 30.97
N SER D 7 54.60 4.44 30.28
CA SER D 7 55.92 4.69 30.85
C SER D 7 56.93 4.94 29.74
N PRO D 8 57.90 5.84 29.96
CA PRO D 8 58.10 6.65 31.17
C PRO D 8 57.17 7.85 31.21
N LEU D 9 57.17 8.56 32.34
CA LEU D 9 56.33 9.74 32.51
C LEU D 9 56.96 10.96 31.82
N SER D 10 58.27 11.12 31.99
CA SER D 10 59.05 12.12 31.26
C SER D 10 60.10 11.42 30.41
N LEU D 11 60.44 12.03 29.28
CA LEU D 11 61.39 11.41 28.33
C LEU D 11 62.23 12.45 27.58
N PRO D 12 63.32 12.93 28.21
CA PRO D 12 64.29 13.78 27.52
C PRO D 12 65.12 12.98 26.52
N VAL D 13 65.08 13.37 25.24
CA VAL D 13 65.77 12.63 24.19
C VAL D 13 66.64 13.56 23.34
N SER D 14 67.86 13.11 23.02
CA SER D 14 68.77 13.89 22.19
C SER D 14 68.31 13.90 20.73
N PRO D 15 68.59 15.00 20.00
CA PRO D 15 68.17 15.17 18.60
C PRO D 15 68.42 13.96 17.70
N GLY D 16 69.62 13.38 17.81
CA GLY D 16 69.99 12.24 16.98
C GLY D 16 69.36 10.92 17.40
N GLU D 17 69.46 10.61 18.69
CA GLU D 17 69.10 9.28 19.19
C GLU D 17 67.59 9.03 19.22
N PRO D 18 67.17 7.74 19.30
CA PRO D 18 65.76 7.37 19.22
C PRO D 18 65.02 7.47 20.57
N ALA D 19 63.74 7.10 20.56
CA ALA D 19 62.91 7.11 21.75
C ALA D 19 61.89 5.97 21.70
N SER D 20 61.41 5.55 22.87
CA SER D 20 60.49 4.42 22.96
C SER D 20 59.55 4.55 24.16
N ILE D 21 58.25 4.41 23.92
CA ILE D 21 57.24 4.56 24.97
C ILE D 21 56.42 3.27 25.09
N SER D 22 56.30 2.76 26.32
CA SER D 22 55.51 1.55 26.60
C SER D 22 54.10 1.92 27.06
N CYS D 23 53.13 1.10 26.69
CA CYS D 23 51.73 1.29 27.08
C CYS D 23 51.07 -0.05 27.38
N ARG D 24 50.77 -0.30 28.65
CA ARG D 24 50.22 -1.58 29.10
C ARG D 24 48.72 -1.50 29.36
N SER D 25 48.01 -2.58 29.03
CA SER D 25 46.56 -2.65 29.19
C SER D 25 46.16 -3.69 30.23
N SER D 26 45.05 -3.44 30.92
CA SER D 26 44.54 -4.36 31.94
C SER D 26 43.86 -5.59 31.32
N GLN D 27 43.40 -5.42 30.08
CA GLN D 27 42.63 -6.44 29.38
C GLN D 27 43.17 -6.58 27.96
N SER D 28 43.00 -7.76 27.38
CA SER D 28 43.46 -8.03 26.02
C SER D 28 42.70 -7.16 25.02
N LEU D 29 43.45 -6.42 24.20
CA LEU D 29 42.86 -5.57 23.17
C LEU D 29 42.89 -6.21 21.78
N LEU D 30 43.30 -7.48 21.71
CA LEU D 30 43.36 -8.21 20.44
C LEU D 30 41.96 -8.68 20.07
N HIS D 31 41.55 -8.38 18.84
CA HIS D 31 40.20 -8.69 18.36
C HIS D 31 40.20 -10.01 17.55
N GLY D 32 39.02 -10.61 17.41
CA GLY D 32 38.86 -11.85 16.64
C GLY D 32 39.40 -11.77 15.22
N ASN D 33 39.31 -10.58 14.61
CA ASN D 33 39.85 -10.34 13.27
C ASN D 33 41.38 -10.37 13.20
N GLY D 34 42.04 -10.18 14.35
CA GLY D 34 43.49 -10.22 14.44
C GLY D 34 44.10 -8.88 14.85
N TYR D 35 43.38 -7.79 14.59
CA TYR D 35 43.87 -6.45 14.88
C TYR D 35 43.71 -6.08 16.35
N ASN D 36 44.65 -5.27 16.85
CA ASN D 36 44.58 -4.75 18.20
C ASN D 36 43.93 -3.37 18.19
N TYR D 37 42.86 -3.21 18.96
CA TYR D 37 42.09 -1.97 18.96
C TYR D 37 42.74 -0.94 19.89
N LEU D 38 43.85 -0.38 19.43
CA LEU D 38 44.63 0.59 20.19
C LEU D 38 45.16 1.69 19.27
N ASP D 39 45.04 2.94 19.72
CA ASP D 39 45.55 4.09 18.99
C ASP D 39 46.62 4.84 19.79
N TRP D 40 47.39 5.66 19.10
CA TRP D 40 48.33 6.58 19.73
C TRP D 40 48.03 8.01 19.28
N TYR D 41 48.15 8.96 20.20
CA TYR D 41 47.85 10.36 19.91
C TYR D 41 48.96 11.29 20.39
N LEU D 42 49.23 12.33 19.59
CA LEU D 42 50.23 13.33 19.94
C LEU D 42 49.53 14.66 20.20
N GLN D 43 49.89 15.31 21.32
CA GLN D 43 49.43 16.65 21.61
C GLN D 43 50.63 17.59 21.70
N LYS D 44 50.86 18.33 20.62
CA LYS D 44 51.93 19.33 20.59
C LYS D 44 51.56 20.50 21.49
N PRO D 45 52.56 21.20 22.06
CA PRO D 45 52.26 22.26 23.05
C PRO D 45 51.34 23.35 22.50
N GLY D 46 50.25 23.61 23.21
CA GLY D 46 49.27 24.64 22.81
C GLY D 46 48.26 24.17 21.77
N GLN D 47 48.47 22.99 21.19
CA GLN D 47 47.61 22.46 20.15
C GLN D 47 46.68 21.38 20.69
N SER D 48 45.69 20.99 19.88
CA SER D 48 44.78 19.91 20.23
C SER D 48 45.48 18.57 20.04
N PRO D 49 44.95 17.49 20.64
CA PRO D 49 45.47 16.15 20.34
C PRO D 49 45.25 15.76 18.87
N ARG D 50 46.16 14.98 18.32
CA ARG D 50 46.07 14.54 16.92
C ARG D 50 46.35 13.05 16.82
N LEU D 51 45.71 12.39 15.85
CA LEU D 51 45.90 10.97 15.62
C LEU D 51 47.30 10.71 15.07
N LEU D 52 47.99 9.75 15.69
CA LEU D 52 49.34 9.38 15.28
C LEU D 52 49.36 7.96 14.73
N ILE D 53 48.96 6.99 15.55
CA ILE D 53 48.94 5.58 15.14
C ILE D 53 47.58 4.95 15.39
N TYR D 54 47.18 4.09 14.46
CA TYR D 54 45.99 3.26 14.57
C TYR D 54 46.23 2.12 13.59
N LEU D 55 45.59 0.96 13.74
CA LEU D 55 45.00 0.47 14.96
C LEU D 55 46.04 -0.51 15.48
N GLY D 56 47.02 0.04 16.20
CA GLY D 56 48.16 -0.73 16.67
C GLY D 56 49.45 -0.32 16.00
N SER D 57 49.44 -0.27 14.66
CA SER D 57 50.67 -0.04 13.89
C SER D 57 50.60 0.88 12.66
N ASN D 58 49.41 1.10 12.09
CA ASN D 58 49.30 1.88 10.84
C ASN D 58 49.44 3.39 11.09
N ARG D 59 50.21 4.05 10.24
CA ARG D 59 50.46 5.49 10.40
C ARG D 59 49.32 6.32 9.82
N ALA D 60 48.90 7.34 10.57
CA ALA D 60 47.87 8.27 10.09
C ALA D 60 48.44 9.12 8.96
N SER D 61 47.54 9.56 8.06
CA SER D 61 47.91 10.20 6.79
C SER D 61 49.20 11.04 6.81
N GLY D 62 49.29 11.98 7.75
CA GLY D 62 50.40 12.94 7.78
C GLY D 62 51.59 12.58 8.66
N VAL D 63 51.64 11.34 9.14
CA VAL D 63 52.66 10.92 10.09
C VAL D 63 53.90 10.38 9.37
N PRO D 64 55.11 10.91 9.70
CA PRO D 64 56.35 10.44 9.08
C PRO D 64 56.71 8.99 9.39
N ASP D 65 57.70 8.46 8.68
CA ASP D 65 58.11 7.07 8.82
C ASP D 65 58.73 6.73 10.18
N ARG D 66 59.32 7.72 10.84
CA ARG D 66 60.03 7.50 12.11
C ARG D 66 59.14 6.83 13.16
N PHE D 67 57.89 7.26 13.23
CA PHE D 67 56.92 6.72 14.20
C PHE D 67 56.48 5.32 13.76
N SER D 68 56.39 4.40 14.72
CA SER D 68 55.87 3.07 14.45
C SER D 68 55.35 2.42 15.73
N GLY D 69 54.17 1.82 15.64
CA GLY D 69 53.58 1.11 16.77
C GLY D 69 53.77 -0.39 16.63
N SER D 70 53.83 -1.08 17.76
CA SER D 70 54.00 -2.53 17.77
C SER D 70 53.47 -3.14 19.08
N GLY D 71 53.45 -4.46 19.14
CA GLY D 71 52.93 -5.19 20.29
C GLY D 71 51.55 -5.75 20.03
N SER D 72 51.08 -6.61 20.93
CA SER D 72 49.76 -7.24 20.81
C SER D 72 49.16 -7.53 22.17
N GLY D 73 47.84 -7.76 22.18
CA GLY D 73 47.11 -8.16 23.38
C GLY D 73 47.09 -7.13 24.48
N THR D 74 47.99 -7.32 25.45
CA THR D 74 48.00 -6.52 26.68
C THR D 74 49.09 -5.45 26.74
N ASP D 75 50.21 -5.68 26.04
CA ASP D 75 51.37 -4.80 26.13
C ASP D 75 51.79 -4.27 24.75
N PHE D 76 51.96 -2.95 24.65
CA PHE D 76 52.27 -2.28 23.38
C PHE D 76 53.43 -1.31 23.53
N THR D 77 53.89 -0.77 22.41
CA THR D 77 55.01 0.18 22.41
C THR D 77 55.06 1.05 21.15
N LEU D 78 55.35 2.33 21.34
CA LEU D 78 55.53 3.29 20.25
C LEU D 78 57.00 3.65 20.13
N LYS D 79 57.60 3.33 18.98
CA LYS D 79 59.01 3.59 18.72
C LYS D 79 59.16 4.79 17.78
N ILE D 80 60.16 5.62 18.06
CA ILE D 80 60.52 6.75 17.20
C ILE D 80 62.03 6.67 16.91
N SER D 81 62.38 6.69 15.62
CA SER D 81 63.77 6.50 15.19
C SER D 81 64.63 7.74 15.45
N ARG D 82 64.10 8.90 15.06
CA ARG D 82 64.73 10.19 15.35
C ARG D 82 63.68 11.14 15.89
N VAL D 83 64.10 12.02 16.80
CA VAL D 83 63.20 12.98 17.43
C VAL D 83 63.73 14.39 17.25
N GLU D 84 62.83 15.33 16.96
CA GLU D 84 63.20 16.73 16.72
C GLU D 84 62.22 17.68 17.40
N ALA D 85 62.54 18.97 17.39
CA ALA D 85 61.72 19.99 18.06
C ALA D 85 60.24 19.92 17.70
N GLU D 86 59.94 19.52 16.46
CA GLU D 86 58.56 19.33 16.00
C GLU D 86 57.84 18.24 16.81
N ASP D 87 58.55 17.19 17.20
CA ASP D 87 57.96 16.01 17.83
C ASP D 87 57.71 16.13 19.34
N VAL D 88 58.09 17.26 19.94
CA VAL D 88 57.84 17.47 21.38
C VAL D 88 56.33 17.53 21.65
N GLY D 89 55.94 17.06 22.84
CA GLY D 89 54.54 17.01 23.24
C GLY D 89 54.24 15.84 24.14
N VAL D 90 52.97 15.67 24.48
CA VAL D 90 52.53 14.56 25.34
C VAL D 90 51.91 13.47 24.47
N TYR D 91 52.51 12.29 24.51
CA TYR D 91 52.04 11.15 23.71
C TYR D 91 51.07 10.30 24.53
N TYR D 92 49.85 10.12 24.02
CA TYR D 92 48.81 9.35 24.69
C TYR D 92 48.46 8.09 23.89
N CYS D 93 48.43 6.94 24.58
CA CYS D 93 47.85 5.72 24.01
C CYS D 93 46.42 5.58 24.53
N MET D 94 45.52 5.05 23.70
CA MET D 94 44.14 4.80 24.14
C MET D 94 43.59 3.51 23.54
N GLN D 95 42.80 2.79 24.34
CA GLN D 95 42.13 1.57 23.88
C GLN D 95 40.78 1.94 23.27
N ALA D 96 40.38 1.20 22.22
CA ALA D 96 39.10 1.42 21.55
C ALA D 96 38.36 0.09 21.34
N LEU D 97 38.52 -0.83 22.29
CA LEU D 97 37.84 -2.11 22.27
C LEU D 97 36.46 -1.97 22.88
N GLN D 98 36.42 -1.40 24.09
CA GLN D 98 35.18 -1.26 24.84
C GLN D 98 34.91 0.19 25.26
N THR D 99 33.63 0.54 25.30
CA THR D 99 33.17 1.75 25.96
C THR D 99 33.20 1.50 27.47
N PRO D 100 33.65 2.50 28.26
CA PRO D 100 34.15 3.82 27.90
C PRO D 100 35.61 3.78 27.45
N LEU D 101 35.96 4.65 26.51
CA LEU D 101 37.33 4.74 26.00
C LEU D 101 38.23 5.33 27.07
N THR D 102 39.42 4.77 27.21
CA THR D 102 40.36 5.18 28.25
C THR D 102 41.71 5.56 27.63
N PHE D 103 42.25 6.70 28.07
CA PHE D 103 43.57 7.15 27.65
C PHE D 103 44.60 6.75 28.71
N GLY D 104 45.87 6.75 28.30
CA GLY D 104 46.96 6.51 29.24
C GLY D 104 47.30 7.77 30.01
N GLY D 105 48.28 7.66 30.91
CA GLY D 105 48.70 8.79 31.73
C GLY D 105 49.44 9.88 30.97
N GLY D 106 49.94 9.54 29.79
CA GLY D 106 50.67 10.47 28.95
C GLY D 106 52.17 10.37 29.17
N THR D 107 52.94 10.61 28.11
CA THR D 107 54.40 10.62 28.19
C THR D 107 54.95 11.93 27.61
N LYS D 108 55.38 12.82 28.51
CA LYS D 108 56.01 14.08 28.12
C LYS D 108 57.40 13.80 27.57
N VAL D 109 57.71 14.36 26.40
CA VAL D 109 59.01 14.15 25.77
C VAL D 109 59.62 15.47 25.31
N GLU D 110 60.65 15.90 26.03
CA GLU D 110 61.39 17.12 25.72
C GLU D 110 62.68 16.77 24.96
N ILE D 111 63.32 17.80 24.42
CA ILE D 111 64.61 17.64 23.77
C ILE D 111 65.72 17.77 24.80
N LYS D 112 66.67 16.84 24.77
CA LYS D 112 67.81 16.85 25.69
C LYS D 112 68.96 17.61 25.05
N ARG D 113 69.66 18.40 25.87
CA ARG D 113 70.82 19.16 25.42
C ARG D 113 71.85 19.24 26.55
N THR D 114 72.96 19.95 26.30
CA THR D 114 73.99 20.12 27.31
C THR D 114 73.53 21.08 28.40
N VAL D 115 74.12 20.95 29.58
CA VAL D 115 73.77 21.78 30.73
C VAL D 115 74.10 23.25 30.44
N ALA D 116 73.13 24.12 30.67
CA ALA D 116 73.30 25.55 30.44
C ALA D 116 72.75 26.32 31.63
N ALA D 117 73.58 27.17 32.22
CA ALA D 117 73.18 27.97 33.38
C ALA D 117 72.22 29.08 32.96
N PRO D 118 71.35 29.53 33.90
CA PRO D 118 70.45 30.64 33.62
C PRO D 118 71.13 32.00 33.78
N SER D 119 70.67 32.98 33.01
CA SER D 119 71.00 34.37 33.26
C SER D 119 69.96 34.90 34.24
N VAL D 120 70.42 35.36 35.40
CA VAL D 120 69.51 35.80 36.45
C VAL D 120 69.32 37.31 36.41
N PHE D 121 68.06 37.74 36.48
CA PHE D 121 67.70 39.15 36.55
C PHE D 121 66.69 39.37 37.67
N ILE D 122 66.66 40.59 38.19
CA ILE D 122 65.72 40.96 39.26
C ILE D 122 65.11 42.34 38.96
N PHE D 123 63.83 42.49 39.27
CA PHE D 123 63.10 43.72 38.96
C PHE D 123 62.36 44.25 40.20
N PRO D 124 62.59 45.52 40.56
CA PRO D 124 61.82 46.11 41.63
C PRO D 124 60.43 46.53 41.15
N PRO D 125 59.50 46.75 42.09
CA PRO D 125 58.16 47.20 41.72
C PRO D 125 58.17 48.63 41.17
N SER D 126 57.37 48.87 40.14
CA SER D 126 57.26 50.19 39.54
C SER D 126 56.53 51.16 40.46
N ASP D 127 56.84 52.45 40.34
CA ASP D 127 56.20 53.49 41.16
C ASP D 127 54.68 53.54 40.95
N GLU D 128 54.22 53.21 39.73
CA GLU D 128 52.79 53.14 39.43
C GLU D 128 52.09 52.07 40.26
N GLN D 129 52.81 50.99 40.55
CA GLN D 129 52.25 49.88 41.31
C GLN D 129 52.12 50.19 42.80
N LEU D 130 53.13 50.85 43.37
CA LEU D 130 53.09 51.23 44.78
C LEU D 130 51.87 52.10 45.08
N LYS D 131 51.53 52.99 44.15
CA LYS D 131 50.32 53.82 44.26
C LYS D 131 49.07 52.97 44.55
N SER D 132 49.00 51.78 43.94
CA SER D 132 47.85 50.88 44.16
C SER D 132 47.84 50.27 45.56
N GLY D 133 49.01 50.18 46.19
CA GLY D 133 49.12 49.68 47.56
C GLY D 133 49.85 48.35 47.71
N THR D 134 50.07 47.67 46.59
CA THR D 134 50.78 46.39 46.59
C THR D 134 52.13 46.53 45.89
N ALA D 135 53.04 45.60 46.20
CA ALA D 135 54.39 45.60 45.64
C ALA D 135 54.82 44.18 45.30
N SER D 136 55.11 43.93 44.04
CA SER D 136 55.55 42.62 43.59
C SER D 136 56.95 42.69 42.99
N VAL D 137 57.86 41.86 43.51
CA VAL D 137 59.23 41.80 43.02
C VAL D 137 59.39 40.57 42.14
N VAL D 138 59.90 40.77 40.92
CA VAL D 138 60.01 39.69 39.94
C VAL D 138 61.46 39.28 39.69
N CYS D 139 61.75 38.00 39.92
CA CYS D 139 63.05 37.41 39.61
C CYS D 139 62.90 36.60 38.33
N LEU D 140 63.96 36.51 37.53
CA LEU D 140 63.90 35.92 36.19
C LEU D 140 65.11 35.05 35.87
N LEU D 141 64.87 33.78 35.59
CA LEU D 141 65.90 32.83 35.16
C LEU D 141 65.72 32.58 33.66
N ASN D 142 66.64 33.11 32.87
CA ASN D 142 66.50 33.11 31.41
C ASN D 142 67.38 32.08 30.71
N ASN D 143 66.76 31.21 29.92
CA ASN D 143 67.45 30.23 29.08
C ASN D 143 68.44 29.32 29.82
N PHE D 144 67.91 28.21 30.34
CA PHE D 144 68.73 27.24 31.07
C PHE D 144 68.29 25.80 30.83
N TYR D 145 69.19 24.87 31.10
CA TYR D 145 68.88 23.45 31.02
C TYR D 145 69.68 22.70 32.10
N PRO D 146 69.04 21.73 32.78
CA PRO D 146 67.67 21.21 32.63
C PRO D 146 66.59 22.09 33.27
N ARG D 147 65.34 21.62 33.21
CA ARG D 147 64.18 22.36 33.72
C ARG D 147 64.25 22.61 35.23
N GLU D 148 64.85 21.68 35.98
CA GLU D 148 64.89 21.76 37.44
C GLU D 148 65.72 22.96 37.92
N ALA D 149 65.18 23.70 38.88
CA ALA D 149 65.85 24.90 39.40
C ALA D 149 65.29 25.31 40.76
N LYS D 150 66.09 26.08 41.50
CA LYS D 150 65.75 26.56 42.85
C LYS D 150 65.83 28.08 42.90
N VAL D 151 64.70 28.73 43.15
CA VAL D 151 64.68 30.19 43.32
C VAL D 151 64.18 30.51 44.72
N GLN D 152 65.04 31.14 45.51
CA GLN D 152 64.79 31.40 46.92
C GLN D 152 64.89 32.89 47.21
N TRP D 153 63.84 33.47 47.79
CA TRP D 153 63.78 34.90 48.10
C TRP D 153 64.30 35.19 49.51
N LYS D 154 65.10 36.25 49.64
CA LYS D 154 65.61 36.69 50.93
C LYS D 154 65.52 38.21 51.07
N VAL D 155 64.67 38.66 51.99
CA VAL D 155 64.52 40.09 52.30
C VAL D 155 65.32 40.41 53.55
N ASP D 156 66.34 41.26 53.41
CA ASP D 156 67.27 41.55 54.50
C ASP D 156 67.83 40.26 55.12
N ASN D 157 68.31 39.37 54.25
CA ASN D 157 68.81 38.05 54.65
C ASN D 157 67.83 37.26 55.52
N ALA D 158 66.56 37.29 55.13
CA ALA D 158 65.51 36.53 55.80
C ALA D 158 64.73 35.71 54.77
N LEU D 159 64.82 34.38 54.88
CA LEU D 159 64.19 33.47 53.93
C LEU D 159 62.67 33.66 53.91
N GLN D 160 62.11 33.86 52.71
CA GLN D 160 60.67 34.06 52.54
C GLN D 160 59.95 32.75 52.27
N SER D 161 58.73 32.63 52.80
CA SER D 161 57.92 31.42 52.62
C SER D 161 56.45 31.76 52.42
N GLY D 162 55.82 31.05 51.49
CA GLY D 162 54.38 31.19 51.24
C GLY D 162 53.95 32.56 50.77
N ASN D 163 54.79 33.21 49.97
CA ASN D 163 54.48 34.53 49.41
C ASN D 163 55.15 34.76 48.05
N SER D 164 55.27 33.71 47.25
CA SER D 164 55.87 33.80 45.92
C SER D 164 55.42 32.64 45.04
N GLN D 165 55.13 32.94 43.78
CA GLN D 165 54.68 31.93 42.82
C GLN D 165 55.63 31.87 41.63
N GLU D 166 55.80 30.67 41.07
CA GLU D 166 56.68 30.46 39.92
C GLU D 166 55.89 30.11 38.66
N SER D 167 56.53 30.31 37.52
CA SER D 167 55.95 29.95 36.22
C SER D 167 57.05 29.63 35.22
N VAL D 168 56.93 28.49 34.55
CA VAL D 168 57.95 28.01 33.61
C VAL D 168 57.40 28.05 32.18
N THR D 169 58.26 28.43 31.24
CA THR D 169 57.89 28.41 29.82
C THR D 169 57.97 27.00 29.27
N GLU D 170 57.35 26.78 28.11
CA GLU D 170 57.54 25.54 27.37
C GLU D 170 58.95 25.57 26.76
N GLN D 171 59.48 24.40 26.44
CA GLN D 171 60.83 24.31 25.88
C GLN D 171 60.91 25.03 24.53
N ASP D 172 62.04 25.66 24.28
CA ASP D 172 62.22 26.52 23.11
C ASP D 172 62.46 25.69 21.85
N SER D 173 61.98 26.19 20.71
CA SER D 173 62.17 25.53 19.41
C SER D 173 63.63 25.61 18.94
N LYS D 174 64.23 26.78 19.11
CA LYS D 174 65.62 27.03 18.66
C LYS D 174 66.65 26.33 19.55
N ASP D 175 66.79 26.81 20.79
CA ASP D 175 67.91 26.39 21.66
C ASP D 175 67.54 25.38 22.75
N SER D 176 66.29 24.91 22.76
CA SER D 176 65.85 23.84 23.65
C SER D 176 65.95 24.15 25.16
N THR D 177 65.95 25.43 25.51
CA THR D 177 66.10 25.85 26.90
C THR D 177 64.75 26.16 27.55
N TYR D 178 64.80 26.43 28.86
CA TYR D 178 63.62 26.86 29.61
C TYR D 178 63.88 28.23 30.24
N SER D 179 62.80 28.96 30.49
CA SER D 179 62.86 30.20 31.26
C SER D 179 61.89 30.09 32.41
N LEU D 180 62.22 30.70 33.54
CA LEU D 180 61.40 30.63 34.75
C LEU D 180 61.37 31.98 35.45
N SER D 181 60.17 32.43 35.83
CA SER D 181 59.99 33.65 36.59
C SER D 181 59.50 33.32 38.00
N SER D 182 59.76 34.23 38.94
CA SER D 182 59.26 34.08 40.31
C SER D 182 58.87 35.46 40.85
N THR D 183 57.66 35.57 41.37
CA THR D 183 57.11 36.84 41.82
C THR D 183 56.85 36.87 43.34
N LEU D 184 57.69 37.60 44.07
CA LEU D 184 57.47 37.83 45.50
C LEU D 184 56.44 38.94 45.66
N THR D 185 55.30 38.61 46.27
CA THR D 185 54.20 39.56 46.44
C THR D 185 54.10 40.06 47.88
N LEU D 186 54.16 41.38 48.05
CA LEU D 186 54.09 42.02 49.37
C LEU D 186 53.12 43.19 49.32
N SER D 187 52.76 43.71 50.50
CA SER D 187 52.03 44.97 50.59
C SER D 187 53.05 46.10 50.57
N LYS D 188 52.59 47.30 50.18
CA LYS D 188 53.45 48.48 50.21
C LYS D 188 53.97 48.73 51.63
N ALA D 189 53.09 48.55 52.61
CA ALA D 189 53.44 48.72 54.02
C ALA D 189 54.63 47.83 54.43
N ASP D 190 54.61 46.57 54.00
CA ASP D 190 55.72 45.65 54.28
C ASP D 190 56.97 46.00 53.48
N TYR D 191 56.79 46.23 52.18
CA TYR D 191 57.90 46.49 51.26
C TYR D 191 58.79 47.67 51.68
N GLU D 192 58.18 48.72 52.22
CA GLU D 192 58.92 49.93 52.60
C GLU D 192 59.58 49.86 53.98
N LYS D 193 59.52 48.71 54.63
CA LYS D 193 60.20 48.49 55.92
C LYS D 193 61.56 47.81 55.77
N HIS D 194 61.79 47.20 54.60
CA HIS D 194 63.03 46.48 54.35
C HIS D 194 63.76 47.09 53.16
N LYS D 195 65.08 46.89 53.11
CA LYS D 195 65.94 47.55 52.12
C LYS D 195 66.44 46.57 51.06
N VAL D 196 67.10 45.51 51.50
CA VAL D 196 67.78 44.58 50.60
C VAL D 196 66.83 43.47 50.13
N TYR D 197 66.66 43.35 48.82
CA TYR D 197 65.84 42.30 48.21
C TYR D 197 66.70 41.49 47.24
N ALA D 198 66.65 40.16 47.36
CA ALA D 198 67.51 39.29 46.54
C ALA D 198 66.87 37.92 46.30
N CYS D 199 66.94 37.44 45.07
CA CYS D 199 66.58 36.05 44.75
C CYS D 199 67.86 35.23 44.54
N GLU D 200 68.08 34.26 45.42
CA GLU D 200 69.23 33.37 45.33
C GLU D 200 68.87 32.17 44.46
N VAL D 201 69.56 32.01 43.34
CA VAL D 201 69.27 30.95 42.38
C VAL D 201 70.29 29.82 42.49
N THR D 202 69.81 28.58 42.40
CA THR D 202 70.68 27.40 42.41
C THR D 202 70.28 26.48 41.26
N HIS D 203 71.27 25.97 40.53
CA HIS D 203 71.04 25.22 39.31
C HIS D 203 72.27 24.39 38.94
N GLN D 204 72.04 23.26 38.25
CA GLN D 204 73.09 22.30 37.92
C GLN D 204 74.30 22.93 37.24
N GLY D 205 74.06 23.83 36.30
CA GLY D 205 75.13 24.50 35.55
C GLY D 205 75.84 25.63 36.27
N LEU D 206 75.56 25.81 37.56
CA LEU D 206 76.25 26.81 38.38
C LEU D 206 77.14 26.12 39.42
N SER D 207 78.35 26.65 39.61
CA SER D 207 79.29 26.11 40.59
C SER D 207 78.85 26.44 42.02
N SER D 208 78.29 27.64 42.19
CA SER D 208 77.74 28.07 43.47
C SER D 208 76.49 28.92 43.23
N PRO D 209 75.64 29.09 44.26
CA PRO D 209 74.41 29.85 44.05
C PRO D 209 74.66 31.31 43.65
N VAL D 210 74.00 31.74 42.57
CA VAL D 210 74.11 33.11 42.09
C VAL D 210 73.03 33.96 42.74
N THR D 211 73.39 35.17 43.17
CA THR D 211 72.47 36.09 43.84
C THR D 211 72.44 37.45 43.15
N LYS D 212 71.27 37.82 42.63
CA LYS D 212 71.04 39.16 42.10
C LYS D 212 70.15 39.91 43.10
N SER D 213 70.56 41.12 43.47
CA SER D 213 69.86 41.89 44.49
C SER D 213 69.78 43.38 44.16
N PHE D 214 69.00 44.11 44.97
CA PHE D 214 68.91 45.56 44.87
C PHE D 214 68.50 46.19 46.21
N ASN D 215 68.83 47.47 46.37
CA ASN D 215 68.40 48.25 47.52
C ASN D 215 67.17 49.08 47.14
N ARG D 216 66.19 49.15 48.04
CA ARG D 216 64.97 49.92 47.79
C ARG D 216 65.30 51.40 47.68
N GLY D 217 64.79 52.04 46.62
CA GLY D 217 65.13 53.43 46.33
C GLY D 217 66.57 53.52 45.85
N GLU D 218 66.88 52.77 44.79
CA GLU D 218 68.23 52.64 44.24
C GLU D 218 69.17 51.93 45.21
N ASP E 1 64.82 34.31 -21.79
CA ASP E 1 65.92 33.31 -21.98
C ASP E 1 65.91 32.15 -20.96
N PRO E 2 65.84 32.46 -19.65
CA PRO E 2 65.86 31.35 -18.68
C PRO E 2 64.53 30.59 -18.61
N ASP E 3 64.61 29.32 -18.22
CA ASP E 3 63.43 28.45 -18.17
C ASP E 3 62.50 28.87 -17.04
N GLN E 4 61.20 28.63 -17.22
CA GLN E 4 60.22 28.93 -16.19
C GLN E 4 58.97 28.04 -16.25
N ILE E 5 58.23 28.03 -15.14
CA ILE E 5 56.98 27.28 -15.03
C ILE E 5 55.93 28.17 -14.36
N CYS E 6 54.69 28.06 -14.83
CA CYS E 6 53.59 28.89 -14.33
C CYS E 6 52.47 28.04 -13.76
N ILE E 7 51.66 28.67 -12.90
CA ILE E 7 50.48 28.04 -12.34
C ILE E 7 49.26 28.82 -12.81
N GLY E 8 48.20 28.10 -13.17
CA GLY E 8 46.97 28.72 -13.66
C GLY E 8 45.78 27.80 -13.60
N TYR E 9 44.68 28.23 -14.22
CA TYR E 9 43.42 27.48 -14.19
C TYR E 9 42.70 27.53 -15.53
N HIS E 10 41.59 26.80 -15.63
CA HIS E 10 40.88 26.58 -16.89
C HIS E 10 40.07 27.79 -17.37
N ALA E 11 39.96 27.91 -18.70
CA ALA E 11 39.06 28.88 -19.33
C ALA E 11 38.50 28.27 -20.62
N ASN E 12 37.28 28.66 -20.98
CA ASN E 12 36.61 28.11 -22.16
C ASN E 12 35.63 29.11 -22.79
N ASN E 13 34.89 28.65 -23.81
CA ASN E 13 33.93 29.50 -24.52
C ASN E 13 32.54 29.56 -23.87
N SER E 14 32.47 29.25 -22.57
CA SER E 14 31.19 29.22 -21.86
C SER E 14 30.73 30.63 -21.49
N THR E 15 29.43 30.87 -21.67
CA THR E 15 28.80 32.13 -21.28
C THR E 15 27.80 31.90 -20.15
N GLU E 16 27.85 30.72 -19.54
CA GLU E 16 26.86 30.31 -18.54
C GLU E 16 27.12 31.03 -17.22
N GLN E 17 26.05 31.53 -16.60
CA GLN E 17 26.14 32.41 -15.43
C GLN E 17 25.57 31.75 -14.17
N VAL E 18 26.01 32.25 -13.01
CA VAL E 18 25.49 31.81 -11.71
C VAL E 18 25.39 33.00 -10.75
N ASP E 19 24.70 32.79 -9.63
CA ASP E 19 24.61 33.76 -8.55
C ASP E 19 25.32 33.22 -7.32
N THR E 20 25.92 34.12 -6.55
CA THR E 20 26.56 33.79 -5.28
C THR E 20 25.96 34.66 -4.18
N ILE E 21 26.57 34.66 -3.01
CA ILE E 21 26.14 35.54 -1.92
C ILE E 21 26.53 36.97 -2.23
N MET E 22 27.75 37.15 -2.74
CA MET E 22 28.35 38.47 -2.92
C MET E 22 28.11 39.05 -4.31
N GLU E 23 28.05 38.17 -5.31
CA GLU E 23 27.86 38.59 -6.70
C GLU E 23 26.69 37.87 -7.34
N LYS E 24 26.25 38.40 -8.48
CA LYS E 24 25.25 37.77 -9.32
C LYS E 24 25.70 37.85 -10.77
N ASN E 25 25.15 36.98 -11.62
CA ASN E 25 25.56 36.88 -13.01
C ASN E 25 27.07 36.72 -13.18
N VAL E 26 27.63 35.76 -12.43
CA VAL E 26 29.05 35.44 -12.48
C VAL E 26 29.27 34.34 -13.53
N THR E 27 29.99 34.68 -14.59
CA THR E 27 30.30 33.72 -15.65
C THR E 27 31.22 32.62 -15.13
N VAL E 28 30.89 31.37 -15.49
CA VAL E 28 31.68 30.21 -15.06
C VAL E 28 31.94 29.27 -16.23
N THR E 29 32.97 28.44 -16.09
CA THR E 29 33.33 27.48 -17.13
C THR E 29 32.32 26.35 -17.22
N HIS E 30 31.82 25.89 -16.08
CA HIS E 30 30.82 24.83 -16.03
C HIS E 30 29.75 25.14 -14.99
N ALA E 31 28.50 24.81 -15.34
CA ALA E 31 27.37 24.97 -14.43
C ALA E 31 26.37 23.84 -14.64
N GLN E 32 25.49 23.65 -13.66
CA GLN E 32 24.46 22.62 -13.72
C GLN E 32 23.10 23.19 -13.31
N ASP E 33 22.16 23.18 -14.24
CA ASP E 33 20.79 23.63 -13.99
C ASP E 33 20.05 22.53 -13.23
N ILE E 34 19.23 22.93 -12.26
CA ILE E 34 18.45 21.98 -11.45
C ILE E 34 16.99 22.40 -11.29
N LEU E 35 16.43 22.99 -12.36
CA LEU E 35 15.05 23.48 -12.32
C LEU E 35 14.38 23.33 -13.69
N GLU E 36 13.34 22.50 -13.75
CA GLU E 36 12.61 22.28 -15.00
C GLU E 36 11.64 23.43 -15.26
N LYS E 37 11.72 24.00 -16.46
CA LYS E 37 10.93 25.18 -16.82
C LYS E 37 9.94 24.95 -17.96
N THR E 38 9.94 23.75 -18.54
CA THR E 38 9.18 23.48 -19.76
C THR E 38 8.28 22.25 -19.66
N HIS E 39 7.30 22.18 -20.56
CA HIS E 39 6.36 21.06 -20.62
C HIS E 39 5.77 20.93 -22.02
N ASN E 40 5.22 19.75 -22.30
CA ASN E 40 4.59 19.48 -23.61
C ASN E 40 3.26 20.21 -23.82
N GLY E 41 2.60 20.55 -22.71
CA GLY E 41 1.34 21.29 -22.77
C GLY E 41 0.17 20.39 -23.16
N LYS E 42 0.09 19.23 -22.50
CA LYS E 42 -0.93 18.23 -22.82
C LYS E 42 -1.41 17.50 -21.56
N LEU E 43 -2.58 16.89 -21.67
CA LEU E 43 -3.11 16.01 -20.63
C LEU E 43 -2.88 14.58 -21.07
N CYS E 44 -1.90 13.92 -20.44
CA CYS E 44 -1.43 12.61 -20.88
C CYS E 44 -1.87 11.48 -19.97
N ASP E 45 -1.70 10.25 -20.46
CA ASP E 45 -1.89 9.05 -19.64
C ASP E 45 -0.82 9.02 -18.56
N LEU E 46 -1.22 8.74 -17.32
CA LEU E 46 -0.25 8.62 -16.23
C LEU E 46 0.21 7.17 -16.12
N ASP E 47 1.39 6.90 -16.69
CA ASP E 47 1.98 5.56 -16.70
C ASP E 47 1.06 4.54 -17.39
N GLY E 48 0.51 4.93 -18.54
CA GLY E 48 -0.36 4.06 -19.33
C GLY E 48 -1.85 4.21 -19.04
N VAL E 49 -2.18 4.61 -17.81
CA VAL E 49 -3.58 4.73 -17.38
C VAL E 49 -4.15 6.09 -17.80
N LYS E 50 -5.30 6.07 -18.46
CA LYS E 50 -5.94 7.28 -18.98
C LYS E 50 -6.67 8.03 -17.88
N PRO E 51 -6.62 9.38 -17.89
CA PRO E 51 -7.40 10.16 -16.92
C PRO E 51 -8.90 10.17 -17.23
N LEU E 52 -9.68 10.56 -16.23
CA LEU E 52 -11.11 10.80 -16.41
C LEU E 52 -11.32 12.27 -16.73
N ILE E 53 -11.39 12.58 -18.02
CA ILE E 53 -11.56 13.96 -18.48
C ILE E 53 -13.05 14.27 -18.61
N LEU E 54 -13.52 15.20 -17.79
CA LEU E 54 -14.95 15.49 -17.68
C LEU E 54 -15.46 16.62 -18.59
N ARG E 55 -14.60 17.08 -19.50
CA ARG E 55 -14.94 18.20 -20.40
C ARG E 55 -15.52 19.41 -19.66
N ASP E 56 -16.84 19.62 -19.78
CA ASP E 56 -17.50 20.80 -19.22
C ASP E 56 -18.40 20.45 -18.03
N CYS E 57 -18.32 19.21 -17.57
CA CYS E 57 -19.10 18.74 -16.44
C CYS E 57 -18.26 18.74 -15.17
N SER E 58 -18.90 19.05 -14.05
CA SER E 58 -18.25 19.01 -12.75
C SER E 58 -18.36 17.62 -12.14
N VAL E 59 -17.82 17.46 -10.94
CA VAL E 59 -17.94 16.20 -10.19
C VAL E 59 -19.40 15.96 -9.78
N ALA E 60 -20.07 17.01 -9.31
CA ALA E 60 -21.46 16.90 -8.89
C ALA E 60 -22.37 16.45 -10.05
N GLY E 61 -22.22 17.09 -11.20
CA GLY E 61 -22.98 16.75 -12.39
C GLY E 61 -22.71 15.33 -12.89
N TRP E 62 -21.46 14.90 -12.78
CA TRP E 62 -21.06 13.54 -13.16
C TRP E 62 -21.70 12.50 -12.25
N LEU E 63 -21.57 12.71 -10.94
CA LEU E 63 -22.07 11.75 -9.95
C LEU E 63 -23.60 11.74 -9.86
N LEU E 64 -24.21 12.93 -9.85
CA LEU E 64 -25.67 13.04 -9.84
C LEU E 64 -26.28 12.59 -11.18
N GLY E 65 -25.55 12.79 -12.27
CA GLY E 65 -25.99 12.35 -13.59
C GLY E 65 -26.76 13.42 -14.33
N ASN E 66 -26.19 14.63 -14.38
CA ASN E 66 -26.76 15.73 -15.15
C ASN E 66 -26.91 15.28 -16.61
N PRO E 67 -28.13 15.40 -17.19
CA PRO E 67 -28.37 14.95 -18.58
C PRO E 67 -27.42 15.50 -19.65
N MET E 68 -26.70 16.59 -19.35
CA MET E 68 -25.68 17.12 -20.25
C MET E 68 -24.44 16.22 -20.26
N CYS E 69 -24.29 15.42 -19.20
CA CYS E 69 -23.07 14.63 -18.96
C CYS E 69 -23.25 13.13 -19.20
N ASP E 70 -24.18 12.75 -20.08
CA ASP E 70 -24.45 11.33 -20.35
C ASP E 70 -23.27 10.60 -21.02
N GLU E 71 -22.26 11.34 -21.44
CA GLU E 71 -21.00 10.78 -21.93
C GLU E 71 -20.34 9.83 -20.93
N PHE E 72 -20.49 10.12 -19.64
CA PHE E 72 -19.85 9.35 -18.58
C PHE E 72 -20.81 8.34 -17.95
N ILE E 73 -21.55 7.64 -18.80
CA ILE E 73 -22.51 6.63 -18.34
C ILE E 73 -21.77 5.43 -17.75
N ASN E 74 -20.62 5.09 -18.33
CA ASN E 74 -19.81 3.97 -17.90
C ASN E 74 -18.32 4.27 -18.09
N VAL E 75 -17.62 4.53 -16.99
CA VAL E 75 -16.22 4.95 -17.05
C VAL E 75 -15.28 3.82 -16.60
N PRO E 76 -14.15 3.65 -17.33
CA PRO E 76 -13.13 2.68 -16.90
C PRO E 76 -12.21 3.29 -15.85
N GLU E 77 -11.33 2.47 -15.27
CA GLU E 77 -10.39 2.94 -14.25
C GLU E 77 -9.60 4.15 -14.74
N TRP E 78 -9.43 5.13 -13.85
CA TRP E 78 -8.71 6.37 -14.20
C TRP E 78 -7.48 6.55 -13.32
N SER E 79 -6.60 7.45 -13.77
CA SER E 79 -5.41 7.83 -13.03
C SER E 79 -5.64 9.11 -12.23
N TYR E 80 -6.22 10.11 -12.88
CA TYR E 80 -6.56 11.38 -12.23
C TYR E 80 -7.72 12.04 -12.97
N ILE E 81 -8.53 12.81 -12.24
CA ILE E 81 -9.73 13.45 -12.80
C ILE E 81 -9.42 14.88 -13.24
N VAL E 82 -9.98 15.28 -14.38
CA VAL E 82 -9.71 16.60 -14.95
C VAL E 82 -11.01 17.42 -15.06
N GLU E 83 -11.23 18.28 -14.07
CA GLU E 83 -12.38 19.19 -14.06
C GLU E 83 -11.93 20.57 -14.53
N LYS E 84 -12.85 21.33 -15.14
CA LYS E 84 -12.57 22.70 -15.55
C LYS E 84 -12.73 23.67 -14.38
N ALA E 85 -12.27 24.90 -14.55
CA ALA E 85 -12.37 25.92 -13.51
C ALA E 85 -13.83 26.29 -13.29
N ASN E 86 -14.50 26.73 -14.35
CA ASN E 86 -15.93 27.05 -14.32
C ASN E 86 -16.71 26.09 -15.21
N PRO E 87 -17.07 24.89 -14.68
CA PRO E 87 -17.81 23.93 -15.48
C PRO E 87 -19.28 24.36 -15.66
N VAL E 88 -19.72 24.46 -16.90
CA VAL E 88 -21.07 24.92 -17.22
C VAL E 88 -22.16 23.93 -16.81
N ASN E 89 -21.84 22.64 -16.89
CA ASN E 89 -22.78 21.58 -16.55
C ASN E 89 -22.57 21.07 -15.13
N ASP E 90 -22.82 21.94 -14.16
CA ASP E 90 -22.70 21.60 -12.73
C ASP E 90 -24.07 21.05 -12.27
N LEU E 91 -24.78 21.77 -11.41
CA LEU E 91 -26.17 21.44 -11.11
C LEU E 91 -27.04 22.16 -12.13
N CYS E 92 -27.77 21.39 -12.94
CA CYS E 92 -28.67 21.98 -13.93
C CYS E 92 -29.77 22.75 -13.19
N TYR E 93 -30.42 22.05 -12.27
CA TYR E 93 -31.42 22.65 -11.40
C TYR E 93 -30.68 23.43 -10.31
N PRO E 94 -30.93 24.74 -10.20
CA PRO E 94 -30.23 25.56 -9.21
C PRO E 94 -30.26 24.92 -7.82
N GLY E 95 -29.09 24.80 -7.20
CA GLY E 95 -29.00 24.19 -5.87
C GLY E 95 -27.60 24.18 -5.29
N ASP E 96 -27.44 23.47 -4.18
CA ASP E 96 -26.16 23.36 -3.49
C ASP E 96 -25.80 21.91 -3.23
N PHE E 97 -24.57 21.68 -2.81
CA PHE E 97 -24.05 20.34 -2.53
C PHE E 97 -23.35 20.37 -1.17
N ASN E 98 -23.90 19.66 -0.20
CA ASN E 98 -23.38 19.67 1.17
C ASN E 98 -22.11 18.85 1.31
N ASP E 99 -21.10 19.43 1.96
CA ASP E 99 -19.79 18.79 2.13
C ASP E 99 -19.19 18.37 0.78
N TYR E 100 -19.19 19.31 -0.16
CA TYR E 100 -18.73 19.06 -1.53
C TYR E 100 -17.20 18.96 -1.62
N GLU E 101 -16.52 19.85 -0.90
CA GLU E 101 -15.05 19.82 -0.84
C GLU E 101 -14.54 18.60 -0.09
N GLU E 102 -15.33 18.13 0.89
CA GLU E 102 -15.03 16.90 1.61
C GLU E 102 -15.14 15.68 0.70
N LEU E 103 -16.17 15.69 -0.17
CA LEU E 103 -16.38 14.61 -1.14
C LEU E 103 -15.23 14.53 -2.15
N LYS E 104 -14.79 15.69 -2.63
CA LYS E 104 -13.65 15.78 -3.53
C LYS E 104 -12.37 15.21 -2.94
N HIS E 105 -12.20 15.37 -1.62
CA HIS E 105 -11.04 14.83 -0.93
C HIS E 105 -11.05 13.29 -0.91
N LEU E 106 -12.24 12.71 -0.83
CA LEU E 106 -12.38 11.25 -0.89
C LEU E 106 -12.13 10.69 -2.30
N LEU E 107 -12.47 11.47 -3.32
CA LEU E 107 -12.25 11.07 -4.71
C LEU E 107 -10.76 11.02 -5.10
N SER E 108 -9.92 11.72 -4.33
CA SER E 108 -8.48 11.67 -4.54
C SER E 108 -7.86 10.34 -4.06
N ARG E 109 -8.65 9.52 -3.38
CA ARG E 109 -8.20 8.19 -2.93
C ARG E 109 -8.89 7.05 -3.70
N ILE E 110 -9.61 7.39 -4.77
CA ILE E 110 -10.36 6.41 -5.57
C ILE E 110 -9.92 6.46 -7.03
N ASN E 111 -9.78 5.28 -7.64
CA ASN E 111 -9.35 5.17 -9.04
C ASN E 111 -10.40 4.57 -10.00
N HIS E 112 -11.45 3.95 -9.46
CA HIS E 112 -12.54 3.42 -10.29
C HIS E 112 -13.82 3.14 -9.49
N PHE E 113 -14.96 3.54 -10.07
CA PHE E 113 -16.28 3.20 -9.52
C PHE E 113 -16.91 2.07 -10.34
N GLU E 114 -17.78 1.31 -9.68
CA GLU E 114 -18.63 0.31 -10.34
C GLU E 114 -20.07 0.69 -10.06
N LYS E 115 -20.69 1.41 -11.00
CA LYS E 115 -22.04 1.93 -10.83
C LYS E 115 -23.08 0.80 -10.79
N ILE E 116 -23.93 0.81 -9.77
CA ILE E 116 -25.00 -0.18 -9.63
C ILE E 116 -26.32 0.49 -9.24
N GLN E 117 -27.43 -0.14 -9.60
CA GLN E 117 -28.75 0.34 -9.22
C GLN E 117 -29.10 -0.24 -7.85
N ILE E 118 -29.53 0.61 -6.93
CA ILE E 118 -29.91 0.19 -5.58
C ILE E 118 -31.42 0.23 -5.35
N ILE E 119 -32.10 1.25 -5.89
CA ILE E 119 -33.55 1.38 -5.79
C ILE E 119 -34.11 1.68 -7.17
N PRO E 120 -34.77 0.68 -7.81
CA PRO E 120 -35.37 0.90 -9.12
C PRO E 120 -36.34 2.08 -9.18
N LYS E 121 -36.36 2.77 -10.32
CA LYS E 121 -37.34 3.83 -10.57
C LYS E 121 -38.74 3.22 -10.68
N SER E 122 -38.81 1.96 -11.11
CA SER E 122 -40.07 1.22 -11.21
C SER E 122 -40.72 0.91 -9.87
N SER E 123 -39.90 0.83 -8.81
CA SER E 123 -40.38 0.41 -7.49
C SER E 123 -41.32 1.42 -6.80
N TRP E 124 -41.27 2.69 -7.22
CA TRP E 124 -42.13 3.72 -6.65
C TRP E 124 -43.55 3.61 -7.23
N SER E 125 -44.35 2.70 -6.68
CA SER E 125 -45.72 2.48 -7.12
C SER E 125 -46.71 3.40 -6.38
N SER E 126 -46.44 3.65 -5.10
CA SER E 126 -47.28 4.52 -4.27
C SER E 126 -47.11 6.00 -4.61
N HIS E 127 -45.97 6.35 -5.21
CA HIS E 127 -45.68 7.72 -5.63
C HIS E 127 -45.55 7.81 -7.14
N GLU E 128 -45.39 9.03 -7.66
CA GLU E 128 -45.23 9.26 -9.09
C GLU E 128 -43.77 9.61 -9.39
N ALA E 129 -43.07 8.72 -10.09
CA ALA E 129 -41.63 8.84 -10.32
C ALA E 129 -41.26 9.48 -11.66
N SER E 130 -42.20 9.54 -12.60
CA SER E 130 -41.93 10.01 -13.96
C SER E 130 -42.25 11.49 -14.19
N LEU E 131 -42.74 12.18 -13.16
CA LEU E 131 -43.20 13.58 -13.29
C LEU E 131 -42.19 14.61 -12.80
N GLY E 132 -41.20 14.18 -12.02
CA GLY E 132 -40.21 15.11 -11.45
C GLY E 132 -39.16 15.52 -12.45
N VAL E 133 -39.53 16.40 -13.38
CA VAL E 133 -38.65 16.87 -14.44
C VAL E 133 -38.73 18.38 -14.60
N SER E 134 -37.81 18.96 -15.37
CA SER E 134 -37.74 20.41 -15.54
C SER E 134 -37.05 20.80 -16.84
N SER E 135 -37.33 22.02 -17.29
CA SER E 135 -36.71 22.59 -18.50
C SER E 135 -35.24 22.92 -18.27
N ALA E 136 -34.86 23.15 -17.02
CA ALA E 136 -33.46 23.40 -16.65
C ALA E 136 -32.56 22.19 -16.94
N CYS E 137 -33.15 20.99 -16.87
CA CYS E 137 -32.48 19.75 -17.25
C CYS E 137 -33.08 19.18 -18.54
N PRO E 138 -32.61 19.64 -19.71
CA PRO E 138 -33.09 19.07 -20.97
C PRO E 138 -32.35 17.79 -21.35
N TYR E 139 -33.10 16.80 -21.84
CA TYR E 139 -32.51 15.56 -22.34
C TYR E 139 -33.28 15.08 -23.58
N GLN E 140 -32.60 15.05 -24.72
CA GLN E 140 -33.21 14.72 -26.01
C GLN E 140 -34.43 15.60 -26.33
N GLY E 141 -34.26 16.91 -26.11
CA GLY E 141 -35.27 17.90 -26.49
C GLY E 141 -36.53 17.95 -25.63
N LYS E 142 -36.48 17.35 -24.44
CA LYS E 142 -37.64 17.32 -23.54
C LYS E 142 -37.20 17.48 -22.09
N SER E 143 -38.08 18.06 -21.27
CA SER E 143 -37.78 18.28 -19.85
C SER E 143 -37.35 16.99 -19.17
N SER E 144 -36.32 17.08 -18.32
CA SER E 144 -35.74 15.92 -17.67
C SER E 144 -35.16 16.30 -16.32
N PHE E 145 -34.40 15.38 -15.73
CA PHE E 145 -33.79 15.58 -14.41
C PHE E 145 -32.52 14.73 -14.31
N PHE E 146 -31.77 14.93 -13.24
CA PHE E 146 -30.58 14.12 -12.96
C PHE E 146 -30.89 12.63 -13.14
N ARG E 147 -29.98 11.94 -13.84
CA ARG E 147 -30.19 10.56 -14.27
C ARG E 147 -30.17 9.55 -13.12
N ASN E 148 -29.34 9.84 -12.11
CA ASN E 148 -29.08 8.87 -11.04
C ASN E 148 -29.92 9.08 -9.76
N VAL E 149 -30.80 10.09 -9.77
CA VAL E 149 -31.68 10.35 -8.63
C VAL E 149 -33.11 10.63 -9.09
N VAL E 150 -34.08 10.22 -8.28
CA VAL E 150 -35.50 10.32 -8.62
C VAL E 150 -36.19 11.43 -7.85
N TRP E 151 -36.74 12.41 -8.59
CA TRP E 151 -37.55 13.47 -8.00
C TRP E 151 -38.98 12.96 -7.81
N LEU E 152 -39.27 12.45 -6.62
CA LEU E 152 -40.59 11.92 -6.31
C LEU E 152 -41.61 13.03 -6.09
N ILE E 153 -42.80 12.84 -6.65
CA ILE E 153 -43.90 13.81 -6.58
C ILE E 153 -45.21 13.07 -6.31
N LYS E 154 -46.13 13.72 -5.60
CA LYS E 154 -47.36 13.08 -5.11
C LYS E 154 -48.15 12.34 -6.19
N LYS E 155 -48.87 11.31 -5.76
CA LYS E 155 -49.63 10.45 -6.65
C LYS E 155 -51.09 10.42 -6.20
N ASP E 156 -51.97 10.93 -7.06
CA ASP E 156 -53.42 10.97 -6.78
C ASP E 156 -53.72 11.93 -5.62
N SER E 157 -53.18 13.14 -5.70
CA SER E 157 -53.39 14.20 -4.70
C SER E 157 -52.97 13.81 -3.27
N THR E 158 -52.01 12.89 -3.16
CA THR E 158 -51.54 12.40 -1.86
C THR E 158 -50.07 11.97 -1.94
N TYR E 159 -49.30 12.32 -0.91
CA TYR E 159 -47.90 11.91 -0.78
C TYR E 159 -47.75 11.12 0.52
N PRO E 160 -47.85 9.79 0.45
CA PRO E 160 -47.70 8.96 1.64
C PRO E 160 -46.29 9.01 2.25
N THR E 161 -46.18 8.60 3.50
CA THR E 161 -44.88 8.53 4.18
C THR E 161 -44.03 7.43 3.56
N ILE E 162 -42.80 7.78 3.17
CA ILE E 162 -41.86 6.81 2.62
C ILE E 162 -41.04 6.20 3.76
N LYS E 163 -40.93 4.87 3.75
CA LYS E 163 -40.12 4.13 4.72
C LYS E 163 -39.51 2.89 4.06
N ARG E 164 -38.34 3.06 3.45
CA ARG E 164 -37.60 1.94 2.86
C ARG E 164 -36.09 2.11 3.02
N SER E 165 -35.39 0.98 3.04
CA SER E 165 -33.96 0.94 3.31
C SER E 165 -33.22 0.06 2.31
N TYR E 166 -31.90 0.24 2.23
CA TYR E 166 -31.05 -0.58 1.37
C TYR E 166 -29.90 -1.18 2.15
N ASN E 167 -29.87 -2.51 2.22
CA ASN E 167 -28.79 -3.26 2.87
C ASN E 167 -27.70 -3.56 1.86
N ASN E 168 -26.48 -3.10 2.16
CA ASN E 168 -25.34 -3.32 1.28
C ASN E 168 -24.87 -4.77 1.33
N THR E 169 -25.28 -5.55 0.33
CA THR E 169 -24.91 -6.97 0.24
C THR E 169 -23.54 -7.17 -0.41
N ASN E 170 -22.96 -6.11 -0.95
CA ASN E 170 -21.67 -6.18 -1.65
C ASN E 170 -20.50 -6.11 -0.67
N GLN E 171 -19.31 -6.45 -1.16
CA GLN E 171 -18.10 -6.50 -0.34
C GLN E 171 -17.36 -5.16 -0.25
N GLU E 172 -17.78 -4.18 -1.04
CA GLU E 172 -17.13 -2.88 -1.10
C GLU E 172 -18.00 -1.79 -0.49
N ASP E 173 -17.42 -0.61 -0.32
CA ASP E 173 -18.15 0.57 0.15
C ASP E 173 -19.07 1.08 -0.96
N LEU E 174 -20.23 1.62 -0.58
CA LEU E 174 -21.15 2.24 -1.53
C LEU E 174 -21.24 3.75 -1.30
N LEU E 175 -21.02 4.54 -2.35
CA LEU E 175 -21.27 5.97 -2.30
C LEU E 175 -22.73 6.24 -2.66
N VAL E 176 -23.51 6.65 -1.67
CA VAL E 176 -24.92 6.97 -1.86
C VAL E 176 -25.09 8.48 -1.99
N LEU E 177 -26.04 8.91 -2.82
CA LEU E 177 -26.31 10.33 -3.06
C LEU E 177 -27.81 10.58 -3.01
N TRP E 178 -28.20 11.69 -2.40
CA TRP E 178 -29.61 12.09 -2.35
C TRP E 178 -29.71 13.61 -2.22
N GLY E 179 -30.94 14.12 -2.21
CA GLY E 179 -31.15 15.56 -2.08
C GLY E 179 -32.51 15.95 -1.54
N ILE E 180 -32.68 17.25 -1.30
CA ILE E 180 -33.93 17.82 -0.79
C ILE E 180 -34.31 19.03 -1.64
N HIS E 181 -35.61 19.18 -1.91
CA HIS E 181 -36.12 20.28 -2.73
C HIS E 181 -36.65 21.41 -1.84
N HIS E 182 -36.13 22.62 -2.04
CA HIS E 182 -36.58 23.81 -1.33
C HIS E 182 -37.53 24.61 -2.22
N PRO E 183 -38.85 24.58 -1.91
CA PRO E 183 -39.80 25.28 -2.77
C PRO E 183 -39.82 26.79 -2.56
N ASN E 184 -40.68 27.48 -3.29
CA ASN E 184 -40.76 28.94 -3.25
C ASN E 184 -41.78 29.43 -2.22
N ASP E 185 -42.92 28.75 -2.16
CA ASP E 185 -44.00 29.12 -1.25
C ASP E 185 -44.84 27.90 -0.87
N ALA E 186 -45.82 28.09 0.01
CA ALA E 186 -46.71 27.01 0.43
C ALA E 186 -47.55 26.45 -0.73
N ALA E 187 -47.85 27.30 -1.71
CA ALA E 187 -48.64 26.90 -2.88
C ALA E 187 -47.89 25.90 -3.75
N GLU E 188 -46.65 26.22 -4.08
CA GLU E 188 -45.80 25.33 -4.89
C GLU E 188 -45.46 24.06 -4.12
N GLN E 189 -45.25 24.21 -2.80
CA GLN E 189 -45.06 23.07 -1.90
C GLN E 189 -46.23 22.09 -2.01
N THR E 190 -47.44 22.60 -1.87
CA THR E 190 -48.65 21.77 -1.90
C THR E 190 -48.94 21.16 -3.28
N LYS E 191 -48.55 21.85 -4.36
CA LYS E 191 -48.79 21.36 -5.71
C LYS E 191 -47.90 20.17 -6.07
N LEU E 192 -46.65 20.20 -5.60
CA LEU E 192 -45.70 19.12 -5.90
C LEU E 192 -45.83 17.98 -4.89
N TYR E 193 -46.02 18.31 -3.61
CA TYR E 193 -46.22 17.33 -2.55
C TYR E 193 -47.37 17.80 -1.67
N GLN E 194 -48.39 16.96 -1.51
CA GLN E 194 -49.63 17.37 -0.85
C GLN E 194 -49.41 17.91 0.57
N ASN E 195 -48.47 17.32 1.29
CA ASN E 195 -48.21 17.68 2.69
C ASN E 195 -47.68 19.11 2.83
N PRO E 196 -48.15 19.86 3.85
CA PRO E 196 -47.73 21.25 4.04
C PRO E 196 -46.32 21.40 4.60
N THR E 197 -46.03 20.72 5.71
CA THR E 197 -44.70 20.73 6.32
C THR E 197 -44.15 19.30 6.35
N THR E 198 -42.92 19.14 5.85
CA THR E 198 -42.33 17.82 5.65
C THR E 198 -40.93 17.71 6.26
N TYR E 199 -40.35 16.52 6.15
CA TYR E 199 -39.02 16.22 6.70
C TYR E 199 -38.33 15.16 5.87
N ILE E 200 -37.02 15.00 6.08
CA ILE E 200 -36.25 13.93 5.43
C ILE E 200 -35.25 13.34 6.43
N SER E 201 -35.53 12.13 6.89
CA SER E 201 -34.67 11.45 7.88
C SER E 201 -33.83 10.36 7.22
N VAL E 202 -32.52 10.60 7.18
CA VAL E 202 -31.57 9.61 6.68
C VAL E 202 -30.74 9.09 7.86
N GLY E 203 -30.43 7.80 7.84
CA GLY E 203 -29.71 7.17 8.96
C GLY E 203 -28.96 5.90 8.60
N THR E 204 -27.68 5.87 8.97
CA THR E 204 -26.85 4.66 8.87
C THR E 204 -26.27 4.39 10.26
N SER E 205 -25.32 3.46 10.35
CA SER E 205 -24.64 3.17 11.61
C SER E 205 -23.86 4.37 12.13
N THR E 206 -23.37 5.22 11.21
CA THR E 206 -22.65 6.43 11.56
C THR E 206 -23.55 7.67 11.47
N LEU E 207 -24.25 7.81 10.36
CA LEU E 207 -25.03 9.02 10.07
C LEU E 207 -26.42 8.99 10.70
N ASN E 208 -26.91 10.18 11.05
CA ASN E 208 -28.29 10.37 11.51
C ASN E 208 -28.65 11.85 11.37
N GLN E 209 -29.54 12.16 10.43
CA GLN E 209 -29.89 13.55 10.13
C GLN E 209 -31.40 13.75 9.97
N ARG E 210 -31.84 14.99 10.20
CA ARG E 210 -33.25 15.38 10.07
C ARG E 210 -33.31 16.71 9.33
N LEU E 211 -33.59 16.64 8.02
CA LEU E 211 -33.62 17.84 7.17
C LEU E 211 -35.01 18.47 7.16
N VAL E 212 -35.05 19.81 7.08
CA VAL E 212 -36.30 20.56 7.05
C VAL E 212 -36.27 21.51 5.84
N PRO E 213 -37.23 21.38 4.91
CA PRO E 213 -37.27 22.27 3.74
C PRO E 213 -37.51 23.74 4.08
N ARG E 214 -36.50 24.57 3.85
CA ARG E 214 -36.65 26.02 3.98
C ARG E 214 -37.43 26.58 2.79
N ILE E 215 -38.46 27.36 3.09
CA ILE E 215 -39.28 28.03 2.06
C ILE E 215 -38.95 29.52 2.07
N ALA E 216 -38.45 30.03 0.95
CA ALA E 216 -38.04 31.43 0.85
C ALA E 216 -38.17 31.96 -0.58
N THR E 217 -38.34 33.28 -0.70
CA THR E 217 -38.40 33.95 -1.99
C THR E 217 -36.97 34.23 -2.48
N ARG E 218 -36.60 33.60 -3.59
CA ARG E 218 -35.23 33.69 -4.11
C ARG E 218 -35.22 34.17 -5.56
N SER E 219 -34.03 34.41 -6.10
CA SER E 219 -33.86 34.90 -7.46
C SER E 219 -34.02 33.78 -8.48
N LYS E 220 -34.58 34.12 -9.64
CA LYS E 220 -34.81 33.15 -10.72
C LYS E 220 -33.50 32.85 -11.47
N VAL E 221 -33.01 31.63 -11.32
CA VAL E 221 -31.86 31.13 -12.08
C VAL E 221 -32.37 30.09 -13.07
N LYS E 222 -32.23 30.38 -14.36
CA LYS E 222 -32.78 29.56 -15.46
C LYS E 222 -34.31 29.46 -15.36
N GLY E 223 -34.95 30.54 -14.93
CA GLY E 223 -36.40 30.60 -14.80
C GLY E 223 -36.98 29.77 -13.67
N LEU E 224 -36.20 29.58 -12.61
CA LEU E 224 -36.60 28.75 -11.47
C LEU E 224 -36.06 29.31 -10.14
N SER E 225 -36.93 29.95 -9.37
CA SER E 225 -36.56 30.44 -8.04
C SER E 225 -36.49 29.31 -7.00
N GLY E 226 -37.07 28.15 -7.33
CA GLY E 226 -36.96 26.96 -6.49
C GLY E 226 -35.54 26.43 -6.44
N ARG E 227 -35.19 25.76 -5.34
CA ARG E 227 -33.81 25.34 -5.09
C ARG E 227 -33.70 23.90 -4.63
N MET E 228 -32.48 23.35 -4.77
CA MET E 228 -32.16 21.99 -4.34
C MET E 228 -30.97 22.01 -3.38
N GLU E 229 -30.76 20.89 -2.69
CA GLU E 229 -29.61 20.71 -1.81
C GLU E 229 -29.30 19.22 -1.73
N PHE E 230 -28.07 18.85 -2.12
CA PHE E 230 -27.69 17.44 -2.20
C PHE E 230 -26.73 17.01 -1.09
N PHE E 231 -26.82 15.74 -0.72
CA PHE E 231 -26.04 15.15 0.37
C PHE E 231 -25.44 13.81 -0.03
N TRP E 232 -24.52 13.29 0.79
CA TRP E 232 -23.84 12.04 0.50
C TRP E 232 -23.32 11.34 1.75
N THR E 233 -23.07 10.04 1.63
CA THR E 233 -22.45 9.25 2.69
C THR E 233 -21.93 7.92 2.14
N ILE E 234 -20.94 7.34 2.82
CA ILE E 234 -20.42 6.03 2.43
C ILE E 234 -21.14 4.94 3.23
N LEU E 235 -21.79 4.02 2.51
CA LEU E 235 -22.45 2.88 3.13
C LEU E 235 -21.51 1.67 3.09
N LYS E 236 -21.03 1.26 4.25
CA LYS E 236 -20.08 0.15 4.35
C LYS E 236 -20.77 -1.19 4.12
N PRO E 237 -20.00 -2.25 3.82
CA PRO E 237 -20.57 -3.59 3.68
C PRO E 237 -21.42 -4.01 4.88
N ASN E 238 -22.57 -4.63 4.61
CA ASN E 238 -23.55 -5.04 5.63
C ASN E 238 -24.26 -3.90 6.38
N ASP E 239 -23.87 -2.65 6.14
CA ASP E 239 -24.53 -1.51 6.75
C ASP E 239 -25.72 -1.10 5.88
N ALA E 240 -26.81 -0.71 6.53
CA ALA E 240 -28.03 -0.31 5.82
C ALA E 240 -28.28 1.19 5.96
N ILE E 241 -28.94 1.77 4.95
CA ILE E 241 -29.31 3.19 4.95
C ILE E 241 -30.83 3.29 4.93
N ASN E 242 -31.38 4.08 5.85
CA ASN E 242 -32.83 4.17 6.05
C ASN E 242 -33.34 5.58 5.73
N PHE E 243 -34.26 5.66 4.75
CA PHE E 243 -34.87 6.94 4.36
C PHE E 243 -36.28 7.04 4.93
N GLU E 244 -36.57 8.16 5.60
CA GLU E 244 -37.91 8.46 6.09
C GLU E 244 -38.28 9.87 5.64
N SER E 245 -39.39 10.01 4.92
CA SER E 245 -39.81 11.30 4.38
C SER E 245 -41.28 11.31 3.95
N ASN E 246 -41.90 12.48 4.02
CA ASN E 246 -43.26 12.69 3.54
C ASN E 246 -43.35 13.84 2.53
N GLY E 247 -42.25 14.06 1.80
CA GLY E 247 -42.22 15.09 0.76
C GLY E 247 -40.84 15.66 0.50
N ASN E 248 -40.71 16.39 -0.62
CA ASN E 248 -39.48 17.10 -1.01
C ASN E 248 -38.26 16.20 -1.20
N PHE E 249 -38.48 14.89 -1.33
CA PHE E 249 -37.39 13.92 -1.29
C PHE E 249 -36.92 13.54 -2.69
N ILE E 250 -35.60 13.67 -2.90
CA ILE E 250 -34.97 13.27 -4.15
C ILE E 250 -34.19 11.98 -3.88
N ALA E 251 -34.82 10.84 -4.15
CA ALA E 251 -34.27 9.53 -3.79
C ALA E 251 -33.16 9.08 -4.73
N PRO E 252 -32.21 8.27 -4.22
CA PRO E 252 -31.20 7.67 -5.09
C PRO E 252 -31.77 6.53 -5.91
N GLU E 253 -31.48 6.52 -7.21
CA GLU E 253 -31.76 5.36 -8.05
C GLU E 253 -30.52 4.47 -8.11
N TYR E 254 -29.35 5.10 -8.21
CA TYR E 254 -28.08 4.38 -8.30
C TYR E 254 -27.13 4.77 -7.18
N ALA E 255 -26.13 3.92 -6.99
CA ALA E 255 -25.04 4.18 -6.05
C ALA E 255 -23.73 3.70 -6.67
N TYR E 256 -22.62 4.29 -6.24
CA TYR E 256 -21.32 4.00 -6.82
C TYR E 256 -20.48 3.11 -5.90
N LYS E 257 -20.22 1.89 -6.36
CA LYS E 257 -19.43 0.91 -5.62
C LYS E 257 -17.94 1.19 -5.83
N ILE E 258 -17.15 1.08 -4.77
CA ILE E 258 -15.73 1.42 -4.81
C ILE E 258 -14.87 0.15 -5.02
N VAL E 259 -14.40 -0.05 -6.25
CA VAL E 259 -13.64 -1.25 -6.61
C VAL E 259 -12.16 -0.97 -6.90
N LYS E 260 -11.69 0.22 -6.50
CA LYS E 260 -10.30 0.62 -6.72
C LYS E 260 -9.91 1.76 -5.80
N LYS E 261 -8.93 1.51 -4.92
CA LYS E 261 -8.44 2.51 -3.97
C LYS E 261 -6.95 2.69 -4.13
N GLY E 262 -6.54 3.92 -4.46
CA GLY E 262 -5.12 4.24 -4.62
C GLY E 262 -4.87 5.74 -4.58
N ASP E 263 -3.92 6.19 -5.40
CA ASP E 263 -3.54 7.60 -5.43
C ASP E 263 -4.22 8.29 -6.62
N SER E 264 -4.87 9.42 -6.35
CA SER E 264 -5.55 10.20 -7.38
C SER E 264 -5.62 11.68 -6.98
N THR E 265 -6.15 12.51 -7.87
CA THR E 265 -6.34 13.93 -7.59
C THR E 265 -7.33 14.55 -8.58
N ILE E 266 -8.02 15.61 -8.15
CA ILE E 266 -8.95 16.34 -9.02
C ILE E 266 -8.24 17.57 -9.57
N MET E 267 -7.76 17.45 -10.80
CA MET E 267 -6.93 18.47 -11.43
C MET E 267 -7.79 19.55 -12.10
N LYS E 268 -7.46 20.81 -11.89
CA LYS E 268 -8.16 21.93 -12.51
C LYS E 268 -7.40 22.40 -13.75
N SER E 269 -7.92 22.09 -14.93
CA SER E 269 -7.28 22.44 -16.20
C SER E 269 -8.31 22.68 -17.31
N GLU E 270 -8.02 23.67 -18.16
CA GLU E 270 -8.86 23.97 -19.32
C GLU E 270 -8.46 23.13 -20.54
N LEU E 271 -7.25 22.57 -20.50
CA LEU E 271 -6.74 21.72 -21.59
C LEU E 271 -7.53 20.41 -21.71
N GLU E 272 -7.26 19.67 -22.78
CA GLU E 272 -7.89 18.37 -23.03
C GLU E 272 -6.85 17.34 -23.50
N TYR E 273 -7.32 16.12 -23.77
CA TYR E 273 -6.46 14.99 -24.13
C TYR E 273 -5.59 15.28 -25.35
N GLY E 274 -4.38 14.73 -25.36
CA GLY E 274 -3.43 14.96 -26.46
C GLY E 274 -2.65 13.73 -26.90
N ASN E 275 -3.22 12.54 -26.68
CA ASN E 275 -2.60 11.26 -27.09
C ASN E 275 -1.13 11.15 -26.68
N CYS E 276 -0.89 10.92 -25.40
CA CYS E 276 0.47 10.84 -24.86
C CYS E 276 0.54 10.07 -23.55
N ASN E 277 1.76 9.69 -23.16
CA ASN E 277 2.01 9.00 -21.90
C ASN E 277 3.09 9.74 -21.12
N THR E 278 3.04 9.64 -19.79
CA THR E 278 4.03 10.30 -18.93
C THR E 278 4.06 9.73 -17.52
N LYS E 279 5.15 10.02 -16.80
CA LYS E 279 5.31 9.63 -15.40
C LYS E 279 4.99 10.79 -14.44
N CYS E 280 4.93 12.01 -14.97
CA CYS E 280 4.64 13.20 -14.18
C CYS E 280 3.67 14.12 -14.94
N GLN E 281 2.65 14.62 -14.25
CA GLN E 281 1.61 15.43 -14.89
C GLN E 281 1.22 16.64 -14.03
N THR E 282 1.02 17.77 -14.69
CA THR E 282 0.54 19.00 -14.04
C THR E 282 -0.64 19.56 -14.83
N PRO E 283 -1.43 20.48 -14.21
CA PRO E 283 -2.50 21.20 -14.91
C PRO E 283 -2.06 21.93 -16.18
N MET E 284 -0.81 22.40 -16.20
CA MET E 284 -0.25 23.09 -17.36
C MET E 284 0.12 22.07 -18.45
N GLY E 285 0.80 21.01 -18.04
CA GLY E 285 1.19 19.95 -18.97
C GLY E 285 1.96 18.82 -18.30
N ALA E 286 2.44 17.88 -19.11
CA ALA E 286 3.24 16.76 -18.63
C ALA E 286 4.73 17.13 -18.58
N ILE E 287 5.46 16.49 -17.67
CA ILE E 287 6.88 16.75 -17.49
C ILE E 287 7.69 15.46 -17.67
N ASN E 288 8.83 15.57 -18.36
CA ASN E 288 9.74 14.45 -18.58
C ASN E 288 11.19 14.92 -18.47
N SER E 289 11.76 14.76 -17.28
CA SER E 289 13.16 15.12 -17.04
C SER E 289 13.71 14.44 -15.79
N SER E 290 15.03 14.53 -15.62
CA SER E 290 15.71 13.99 -14.44
C SER E 290 16.09 15.11 -13.46
N MET E 291 15.49 16.29 -13.63
CA MET E 291 15.75 17.46 -12.80
C MET E 291 15.03 17.27 -11.46
N PRO E 292 15.68 17.67 -10.34
CA PRO E 292 15.06 17.43 -9.03
C PRO E 292 14.01 18.47 -8.62
N PHE E 293 13.89 19.56 -9.38
CA PHE E 293 12.91 20.62 -9.07
C PHE E 293 12.26 21.18 -10.34
N HIS E 294 11.14 21.86 -10.16
CA HIS E 294 10.42 22.51 -11.26
C HIS E 294 9.64 23.72 -10.76
N ASN E 295 9.20 24.58 -11.69
CA ASN E 295 8.45 25.79 -11.37
C ASN E 295 7.15 25.91 -12.16
N ILE E 296 6.57 24.76 -12.53
CA ILE E 296 5.42 24.75 -13.42
C ILE E 296 4.12 24.99 -12.65
N HIS E 297 3.83 24.14 -11.68
CA HIS E 297 2.60 24.24 -10.88
C HIS E 297 2.76 23.52 -9.53
N PRO E 298 2.08 24.01 -8.47
CA PRO E 298 2.21 23.35 -7.16
C PRO E 298 1.60 21.95 -7.09
N LEU E 299 0.36 21.82 -7.54
CA LEU E 299 -0.37 20.55 -7.44
C LEU E 299 -0.09 19.65 -8.64
N THR E 300 0.66 18.57 -8.41
CA THR E 300 0.99 17.59 -9.46
C THR E 300 0.66 16.18 -8.97
N ILE E 301 0.88 15.19 -9.84
CA ILE E 301 0.67 13.79 -9.48
C ILE E 301 1.59 12.88 -10.31
N GLY E 302 2.07 11.82 -9.68
CA GLY E 302 2.99 10.87 -10.31
C GLY E 302 4.40 11.02 -9.77
N GLU E 303 5.35 10.33 -10.42
CA GLU E 303 6.76 10.43 -10.06
C GLU E 303 7.32 11.77 -10.55
N CYS E 304 7.12 12.82 -9.75
CA CYS E 304 7.44 14.19 -10.15
C CYS E 304 8.60 14.78 -9.35
N PRO E 305 9.20 15.87 -9.86
CA PRO E 305 10.12 16.65 -9.05
C PRO E 305 9.35 17.52 -8.04
N LYS E 306 10.08 18.31 -7.25
CA LYS E 306 9.47 19.13 -6.20
C LYS E 306 9.32 20.58 -6.68
N TYR E 307 8.16 21.17 -6.41
CA TYR E 307 7.82 22.49 -6.95
C TYR E 307 8.45 23.64 -6.16
N VAL E 308 9.19 24.50 -6.87
CA VAL E 308 9.78 25.71 -6.28
C VAL E 308 9.24 26.94 -7.01
N LYS E 309 9.13 28.06 -6.31
CA LYS E 309 8.73 29.33 -6.93
C LYS E 309 9.95 30.13 -7.35
N SER E 310 10.73 29.59 -8.29
CA SER E 310 11.94 30.27 -8.77
C SER E 310 11.95 30.36 -10.29
N ASN E 311 12.48 31.47 -10.79
CA ASN E 311 12.72 31.63 -12.23
C ASN E 311 14.04 30.97 -12.64
N ARG E 312 14.92 30.73 -11.68
CA ARG E 312 16.27 30.23 -11.96
C ARG E 312 16.89 29.59 -10.72
N LEU E 313 17.41 28.37 -10.89
CA LEU E 313 18.19 27.69 -9.85
C LEU E 313 19.33 26.91 -10.51
N VAL E 314 20.53 27.50 -10.50
CA VAL E 314 21.69 26.93 -11.17
C VAL E 314 22.86 26.80 -10.21
N LEU E 315 23.48 25.62 -10.17
CA LEU E 315 24.64 25.36 -9.32
C LEU E 315 25.94 25.53 -10.11
N ALA E 316 26.90 26.21 -9.51
CA ALA E 316 28.21 26.38 -10.13
C ALA E 316 29.03 25.12 -9.92
N ILE E 317 29.50 24.53 -11.02
CA ILE E 317 30.36 23.35 -10.97
C ILE E 317 31.80 23.77 -11.20
N GLY E 318 32.03 24.45 -12.32
CA GLY E 318 33.36 24.89 -12.70
C GLY E 318 33.81 26.14 -11.97
N LEU E 319 34.74 26.87 -12.58
CA LEU E 319 35.35 28.04 -11.97
C LEU E 319 35.12 29.29 -12.83
N ARG E 320 35.52 30.44 -12.31
CA ARG E 320 35.28 31.73 -12.96
C ARG E 320 35.96 31.81 -14.33
N ASN E 321 35.19 32.20 -15.35
CA ASN E 321 35.67 32.24 -16.73
C ASN E 321 36.54 33.47 -16.98
N SER E 322 37.40 33.39 -17.99
CA SER E 322 38.48 34.36 -18.19
C SER E 322 39.13 34.20 -19.57
N PRO E 323 40.08 35.10 -19.93
CA PRO E 323 40.52 36.33 -19.26
C PRO E 323 39.87 37.58 -19.86
N GLY F 1 37.17 35.43 -2.57
CA GLY F 1 36.64 34.59 -1.46
C GLY F 1 37.53 34.61 -0.22
N LEU F 2 37.67 33.46 0.41
CA LEU F 2 38.51 33.33 1.61
C LEU F 2 40.00 33.49 1.29
N PHE F 3 40.43 32.90 0.17
CA PHE F 3 41.83 32.96 -0.26
C PHE F 3 41.90 33.31 -1.75
N GLY F 4 41.37 34.49 -2.09
CA GLY F 4 41.24 34.93 -3.48
C GLY F 4 42.53 34.94 -4.30
N ALA F 5 42.61 34.01 -5.25
CA ALA F 5 43.77 33.92 -6.16
C ALA F 5 43.41 34.35 -7.60
N ILE F 6 42.14 34.65 -7.85
CA ILE F 6 41.71 35.15 -9.15
C ILE F 6 42.12 36.60 -9.31
N ALA F 7 43.11 36.85 -10.17
CA ALA F 7 43.76 38.16 -10.30
C ALA F 7 44.55 38.56 -9.05
N GLY F 8 44.87 37.58 -8.20
CA GLY F 8 45.75 37.79 -7.05
C GLY F 8 47.20 37.59 -7.44
N PHE F 9 47.42 36.80 -8.49
CA PHE F 9 48.73 36.62 -9.11
C PHE F 9 48.57 36.43 -10.61
N ILE F 10 47.86 35.36 -10.98
CA ILE F 10 47.58 35.07 -12.39
C ILE F 10 46.32 35.83 -12.77
N GLU F 11 46.46 36.84 -13.63
CA GLU F 11 45.32 37.66 -14.03
C GLU F 11 44.51 36.95 -15.11
N GLY F 12 43.71 35.98 -14.68
CA GLY F 12 42.83 35.23 -15.59
C GLY F 12 43.39 33.87 -15.95
N GLY F 13 42.47 32.91 -16.15
CA GLY F 13 42.84 31.55 -16.55
C GLY F 13 43.20 31.43 -18.02
N TRP F 14 43.49 30.19 -18.43
CA TRP F 14 44.02 29.90 -19.76
C TRP F 14 43.02 29.16 -20.66
N GLN F 15 42.89 29.62 -21.90
CA GLN F 15 42.06 28.95 -22.89
C GLN F 15 42.73 27.66 -23.37
N GLY F 16 44.07 27.68 -23.38
CA GLY F 16 44.86 26.59 -23.93
C GLY F 16 44.92 25.32 -23.10
N MET F 17 44.60 25.41 -21.81
CA MET F 17 44.60 24.24 -20.94
C MET F 17 43.23 23.57 -20.94
N VAL F 18 42.97 22.78 -21.98
CA VAL F 18 41.66 22.15 -22.19
C VAL F 18 41.45 20.85 -21.40
N ASP F 19 42.54 20.27 -20.90
CA ASP F 19 42.51 18.91 -20.32
C ASP F 19 42.34 18.86 -18.80
N GLY F 20 42.03 19.99 -18.16
CA GLY F 20 41.80 20.02 -16.72
C GLY F 20 41.45 21.40 -16.16
N TRP F 21 41.04 21.42 -14.89
CA TRP F 21 40.65 22.66 -14.21
C TRP F 21 41.85 23.47 -13.72
N TYR F 22 42.86 22.77 -13.20
CA TYR F 22 44.10 23.41 -12.73
C TYR F 22 45.29 22.76 -13.42
N GLY F 23 46.42 23.46 -13.44
CA GLY F 23 47.63 22.91 -14.04
C GLY F 23 48.76 23.90 -14.22
N TYR F 24 49.66 23.57 -15.15
CA TYR F 24 50.89 24.32 -15.36
C TYR F 24 51.09 24.72 -16.82
N HIS F 25 51.78 25.83 -17.03
CA HIS F 25 52.36 26.15 -18.33
C HIS F 25 53.86 26.30 -18.14
N HIS F 26 54.64 25.53 -18.89
CA HIS F 26 56.10 25.59 -18.80
C HIS F 26 56.71 26.10 -20.09
N SER F 27 57.99 26.46 -20.00
CA SER F 27 58.76 26.88 -21.16
C SER F 27 60.24 26.64 -20.90
N ASN F 28 60.90 25.97 -21.85
CA ASN F 28 62.33 25.70 -21.77
C ASN F 28 62.93 25.48 -23.16
N GLU F 29 64.20 25.11 -23.22
CA GLU F 29 64.89 24.89 -24.50
C GLU F 29 64.25 23.80 -25.35
N GLN F 30 63.62 22.82 -24.71
CA GLN F 30 62.91 21.76 -25.42
C GLN F 30 61.59 22.25 -26.02
N GLY F 31 60.94 23.19 -25.35
CA GLY F 31 59.68 23.76 -25.85
C GLY F 31 58.78 24.29 -24.75
N SER F 32 57.52 24.55 -25.09
CA SER F 32 56.54 25.09 -24.14
C SER F 32 55.14 24.54 -24.41
N GLY F 33 54.28 24.63 -23.39
CA GLY F 33 52.90 24.18 -23.52
C GLY F 33 52.20 24.03 -22.18
N TYR F 34 50.88 23.82 -22.24
CA TYR F 34 50.06 23.65 -21.04
C TYR F 34 49.96 22.18 -20.64
N ALA F 35 49.74 21.94 -19.34
CA ALA F 35 49.57 20.58 -18.82
C ALA F 35 48.73 20.63 -17.55
N ALA F 36 47.64 19.87 -17.53
CA ALA F 36 46.72 19.87 -16.40
C ALA F 36 47.26 19.01 -15.26
N ASP F 37 47.03 19.45 -14.02
CA ASP F 37 47.37 18.66 -12.85
C ASP F 37 46.31 17.56 -12.69
N LYS F 38 46.75 16.31 -12.77
CA LYS F 38 45.85 15.17 -12.81
C LYS F 38 45.16 14.91 -11.47
N GLU F 39 45.93 14.97 -10.38
CA GLU F 39 45.41 14.64 -9.05
C GLU F 39 44.34 15.63 -8.58
N SER F 40 44.70 16.90 -8.53
CA SER F 40 43.78 17.94 -8.02
C SER F 40 42.54 18.10 -8.89
N THR F 41 42.68 17.92 -10.20
CA THR F 41 41.56 18.02 -11.13
C THR F 41 40.55 16.90 -10.88
N GLN F 42 41.02 15.65 -10.94
CA GLN F 42 40.16 14.48 -10.74
C GLN F 42 39.54 14.45 -9.34
N LYS F 43 40.32 14.84 -8.34
CA LYS F 43 39.83 14.93 -6.97
C LYS F 43 38.72 15.98 -6.85
N ALA F 44 38.89 17.09 -7.55
CA ALA F 44 37.90 18.18 -7.55
C ALA F 44 36.63 17.80 -8.30
N ILE F 45 36.79 17.12 -9.43
CA ILE F 45 35.66 16.68 -10.25
C ILE F 45 34.71 15.80 -9.44
N ASP F 46 35.26 14.81 -8.76
CA ASP F 46 34.47 13.90 -7.92
C ASP F 46 34.00 14.59 -6.63
N GLY F 47 34.84 15.47 -6.08
CA GLY F 47 34.51 16.22 -4.87
C GLY F 47 33.31 17.12 -5.04
N VAL F 48 33.21 17.78 -6.18
CA VAL F 48 32.09 18.66 -6.48
C VAL F 48 30.85 17.86 -6.90
N THR F 49 31.05 16.77 -7.65
CA THR F 49 29.94 15.92 -8.10
C THR F 49 29.16 15.33 -6.91
N ASN F 50 29.87 14.89 -5.88
CA ASN F 50 29.23 14.44 -4.65
C ASN F 50 28.56 15.57 -3.89
N LYS F 51 29.18 16.75 -3.91
CA LYS F 51 28.64 17.95 -3.25
C LYS F 51 27.35 18.42 -3.91
N VAL F 52 27.22 18.20 -5.22
CA VAL F 52 25.98 18.50 -5.96
C VAL F 52 24.85 17.59 -5.48
N ASN F 53 25.14 16.31 -5.30
CA ASN F 53 24.17 15.36 -4.81
C ASN F 53 23.81 15.60 -3.35
N SER F 54 24.80 16.04 -2.57
CA SER F 54 24.60 16.35 -1.15
C SER F 54 23.67 17.54 -0.95
N ILE F 55 23.91 18.61 -1.72
CA ILE F 55 23.12 19.83 -1.61
C ILE F 55 21.67 19.62 -2.11
N ILE F 56 21.49 18.77 -3.11
CA ILE F 56 20.15 18.39 -3.56
C ILE F 56 19.43 17.62 -2.46
N ASP F 57 20.13 16.69 -1.82
CA ASP F 57 19.58 15.97 -0.68
C ASP F 57 19.30 16.91 0.50
N LYS F 58 20.15 17.92 0.66
CA LYS F 58 19.97 18.95 1.68
C LYS F 58 18.66 19.71 1.45
N MET F 59 18.42 20.05 0.18
CA MET F 59 17.19 20.76 -0.21
C MET F 59 15.95 19.87 -0.12
N ASN F 60 16.11 18.58 -0.40
CA ASN F 60 15.00 17.62 -0.30
C ASN F 60 14.51 17.48 1.15
N THR F 61 15.45 17.38 2.08
CA THR F 61 15.11 17.29 3.50
C THR F 61 14.40 18.55 4.01
N GLN F 62 14.77 19.70 3.46
CA GLN F 62 14.10 20.96 3.77
C GLN F 62 12.64 20.94 3.31
N PHE F 63 12.41 20.50 2.07
CA PHE F 63 11.06 20.42 1.51
C PHE F 63 10.14 19.58 2.38
N GLU F 64 10.63 18.41 2.80
CA GLU F 64 9.86 17.51 3.66
C GLU F 64 9.76 18.04 5.09
N ALA F 65 10.83 18.67 5.58
CA ALA F 65 10.81 19.29 6.90
C ALA F 65 9.80 20.43 6.98
N VAL F 66 9.75 21.23 5.91
CA VAL F 66 8.75 22.29 5.78
C VAL F 66 7.36 21.68 5.55
N GLY F 67 7.32 20.58 4.81
CA GLY F 67 6.08 19.85 4.56
C GLY F 67 5.46 19.24 5.81
N LYS F 68 6.31 18.75 6.72
CA LYS F 68 5.85 18.17 7.98
C LYS F 68 5.15 19.18 8.88
N GLU F 69 5.70 20.40 8.94
CA GLU F 69 5.14 21.45 9.77
C GLU F 69 3.77 21.91 9.26
N PHE F 70 3.64 22.04 7.94
CA PHE F 70 2.36 22.40 7.31
C PHE F 70 1.28 21.37 7.63
N ASN F 71 1.64 20.08 7.52
CA ASN F 71 0.72 19.00 7.85
C ASN F 71 0.37 18.99 9.34
N ASN F 72 1.38 19.26 10.18
CA ASN F 72 1.16 19.42 11.63
C ASN F 72 0.35 20.68 11.97
N LEU F 73 0.45 21.71 11.12
CA LEU F 73 -0.38 22.90 11.26
C LEU F 73 -1.82 22.61 10.84
N GLU F 74 -1.97 21.73 9.86
CA GLU F 74 -3.29 21.37 9.32
C GLU F 74 -4.12 20.52 10.29
N ARG F 75 -3.47 19.67 11.08
CA ARG F 75 -4.19 18.82 12.04
C ARG F 75 -4.78 19.62 13.21
N ARG F 76 -4.09 20.68 13.63
CA ARG F 76 -4.45 21.42 14.84
C ARG F 76 -5.50 22.48 14.56
N ILE F 77 -5.30 23.27 13.51
CA ILE F 77 -6.18 24.37 13.17
C ILE F 77 -7.11 23.96 12.03
N GLU F 78 -6.64 24.05 10.78
CA GLU F 78 -7.43 23.69 9.61
C GLU F 78 -8.86 24.22 9.64
N ASN F 79 -9.01 25.50 9.95
CA ASN F 79 -10.34 26.12 9.98
C ASN F 79 -10.94 26.54 8.61
N LEU F 80 -10.20 27.19 7.71
CA LEU F 80 -8.77 27.56 7.84
C LEU F 80 -8.47 28.80 7.00
N ASN F 81 -7.19 29.12 6.82
CA ASN F 81 -6.76 30.20 5.94
C ASN F 81 -6.65 29.74 4.47
N LYS F 82 -6.19 28.50 4.29
CA LYS F 82 -6.08 27.86 2.95
C LYS F 82 -4.89 28.40 2.16
N LYS F 83 -4.84 29.72 2.00
CA LYS F 83 -3.70 30.39 1.37
C LYS F 83 -2.43 30.28 2.22
N MET F 84 -2.56 29.83 3.47
CA MET F 84 -1.40 29.54 4.32
C MET F 84 -0.44 28.57 3.64
N GLU F 85 -0.98 27.62 2.89
CA GLU F 85 -0.17 26.71 2.07
C GLU F 85 0.81 27.48 1.17
N ASP F 86 0.31 28.54 0.55
CA ASP F 86 1.12 29.41 -0.30
C ASP F 86 2.28 30.03 0.48
N GLY F 87 2.01 30.42 1.73
CA GLY F 87 3.03 30.99 2.61
C GLY F 87 4.17 30.03 2.92
N PHE F 88 3.85 28.75 3.07
CA PHE F 88 4.87 27.71 3.31
C PHE F 88 5.75 27.47 2.09
N LEU F 89 5.20 27.68 0.89
CA LEU F 89 5.99 27.55 -0.35
C LEU F 89 7.02 28.67 -0.48
N ASP F 90 6.63 29.88 -0.07
CA ASP F 90 7.55 31.01 -0.03
C ASP F 90 8.70 30.77 0.95
N VAL F 91 8.37 30.19 2.11
CA VAL F 91 9.37 29.90 3.15
C VAL F 91 10.38 28.86 2.67
N TRP F 92 9.90 27.83 1.96
CA TRP F 92 10.82 26.84 1.41
C TRP F 92 11.58 27.38 0.20
N THR F 93 10.90 28.14 -0.66
CA THR F 93 11.55 28.78 -1.81
C THR F 93 12.68 29.69 -1.36
N TYR F 94 12.46 30.40 -0.26
CA TYR F 94 13.50 31.22 0.36
C TYR F 94 14.69 30.34 0.75
N ASN F 95 14.42 29.30 1.52
CA ASN F 95 15.46 28.38 1.99
C ASN F 95 16.12 27.60 0.85
N ALA F 96 15.36 27.30 -0.20
CA ALA F 96 15.89 26.58 -1.36
C ALA F 96 16.90 27.44 -2.10
N GLU F 97 16.50 28.66 -2.44
CA GLU F 97 17.39 29.61 -3.12
C GLU F 97 18.58 29.99 -2.23
N LEU F 98 18.37 30.00 -0.92
CA LEU F 98 19.43 30.28 0.04
C LEU F 98 20.57 29.29 -0.11
N LEU F 99 20.25 27.99 -0.03
CA LEU F 99 21.27 26.95 -0.09
C LEU F 99 22.07 26.98 -1.39
N VAL F 100 21.41 27.28 -2.50
CA VAL F 100 22.06 27.33 -3.81
C VAL F 100 23.07 28.48 -3.88
N LEU F 101 22.70 29.64 -3.32
CA LEU F 101 23.61 30.79 -3.24
C LEU F 101 24.75 30.54 -2.25
N MET F 102 24.43 29.93 -1.11
CA MET F 102 25.43 29.60 -0.11
C MET F 102 26.46 28.60 -0.65
N GLU F 103 26.00 27.65 -1.46
CA GLU F 103 26.88 26.59 -1.97
C GLU F 103 27.74 27.06 -3.12
N ASN F 104 27.17 27.90 -4.00
CA ASN F 104 27.92 28.51 -5.11
C ASN F 104 29.06 29.38 -4.62
N GLU F 105 28.85 30.04 -3.48
CA GLU F 105 29.88 30.84 -2.83
C GLU F 105 31.06 29.94 -2.43
N ARG F 106 30.76 28.76 -1.90
CA ARG F 106 31.77 27.83 -1.42
C ARG F 106 32.49 27.11 -2.56
N THR F 107 31.78 26.84 -3.65
CA THR F 107 32.38 26.17 -4.81
C THR F 107 33.43 27.05 -5.49
N LEU F 108 33.11 28.33 -5.68
CA LEU F 108 34.06 29.27 -6.26
C LEU F 108 35.19 29.60 -5.29
N ASP F 109 34.93 29.43 -3.99
CA ASP F 109 35.97 29.55 -2.96
C ASP F 109 36.83 28.28 -2.92
N PHE F 110 36.21 27.13 -3.16
CA PHE F 110 36.92 25.85 -3.21
C PHE F 110 37.96 25.83 -4.33
N HIS F 111 37.65 26.49 -5.45
CA HIS F 111 38.58 26.59 -6.57
C HIS F 111 39.75 27.54 -6.29
N ASP F 112 39.49 28.62 -5.55
CA ASP F 112 40.54 29.55 -5.13
C ASP F 112 41.59 28.83 -4.27
N SER F 113 41.12 28.03 -3.32
CA SER F 113 42.02 27.27 -2.44
C SER F 113 42.86 26.26 -3.22
N ASN F 114 42.22 25.55 -4.14
CA ASN F 114 42.90 24.52 -4.94
C ASN F 114 44.04 25.11 -5.79
N VAL F 115 43.77 26.24 -6.45
CA VAL F 115 44.77 26.93 -7.25
C VAL F 115 45.91 27.46 -6.36
N LYS F 116 45.54 27.99 -5.19
CA LYS F 116 46.50 28.51 -4.22
C LYS F 116 47.39 27.39 -3.64
N ASN F 117 46.80 26.21 -3.43
CA ASN F 117 47.55 25.06 -2.93
C ASN F 117 48.52 24.52 -3.98
N LEU F 118 48.10 24.54 -5.24
CA LEU F 118 48.96 24.13 -6.36
C LEU F 118 50.17 25.06 -6.47
N TYR F 119 49.94 26.35 -6.25
CA TYR F 119 51.02 27.34 -6.26
C TYR F 119 52.01 27.07 -5.12
N ASP F 120 51.51 26.69 -3.96
CA ASP F 120 52.35 26.34 -2.82
C ASP F 120 53.07 25.00 -3.03
N LYS F 121 52.38 24.05 -3.66
CA LYS F 121 52.96 22.74 -3.94
C LYS F 121 54.26 22.87 -4.73
N VAL F 122 54.25 23.74 -5.75
CA VAL F 122 55.44 24.02 -6.55
C VAL F 122 56.46 24.83 -5.75
N ARG F 123 55.97 25.86 -5.05
CA ARG F 123 56.84 26.79 -4.32
C ARG F 123 57.64 26.10 -3.20
N LEU F 124 57.00 25.20 -2.47
CA LEU F 124 57.67 24.46 -1.39
C LEU F 124 58.73 23.48 -1.93
N GLN F 125 58.59 23.07 -3.18
CA GLN F 125 59.60 22.23 -3.83
C GLN F 125 60.78 23.08 -4.31
N LEU F 126 60.49 24.09 -5.12
CA LEU F 126 61.52 24.90 -5.75
C LEU F 126 62.39 25.66 -4.75
N ARG F 127 61.75 26.24 -3.74
CA ARG F 127 62.45 27.00 -2.70
C ARG F 127 63.28 28.13 -3.36
N ASP F 128 64.60 28.12 -3.19
CA ASP F 128 65.47 29.17 -3.74
C ASP F 128 66.22 28.76 -5.01
N ASN F 129 65.74 27.69 -5.67
CA ASN F 129 66.25 27.30 -6.98
C ASN F 129 65.61 28.10 -8.12
N ALA F 130 64.56 28.84 -7.82
CA ALA F 130 63.88 29.68 -8.80
C ALA F 130 63.42 30.98 -8.17
N LYS F 131 63.37 32.04 -8.98
CA LYS F 131 62.84 33.32 -8.51
C LYS F 131 61.32 33.30 -8.58
N GLU F 132 60.68 33.67 -7.49
CA GLU F 132 59.23 33.83 -7.46
C GLU F 132 58.89 35.19 -8.05
N LEU F 133 58.24 35.20 -9.22
CA LEU F 133 58.00 36.43 -9.96
C LEU F 133 56.85 37.28 -9.39
N GLY F 134 55.83 36.63 -8.86
CA GLY F 134 54.66 37.32 -8.31
C GLY F 134 53.43 37.26 -9.21
N ASN F 135 53.62 36.79 -10.45
CA ASN F 135 52.53 36.69 -11.43
C ASN F 135 52.05 35.24 -11.61
N GLY F 136 52.34 34.38 -10.65
CA GLY F 136 51.99 32.97 -10.72
C GLY F 136 53.06 32.08 -11.34
N CYS F 137 54.18 32.67 -11.75
CA CYS F 137 55.25 31.92 -12.42
C CYS F 137 56.54 31.90 -11.61
N PHE F 138 57.46 31.02 -12.00
CA PHE F 138 58.74 30.85 -11.31
C PHE F 138 59.88 30.75 -12.33
N GLU F 139 60.83 31.67 -12.26
CA GLU F 139 61.98 31.67 -13.16
C GLU F 139 63.13 30.85 -12.54
N PHE F 140 63.44 29.71 -13.15
CA PHE F 140 64.48 28.82 -12.64
C PHE F 140 65.88 29.43 -12.75
N TYR F 141 66.71 29.17 -11.75
CA TYR F 141 68.13 29.54 -11.80
C TYR F 141 68.98 28.40 -12.39
N HIS F 142 68.34 27.28 -12.71
CA HIS F 142 69.01 26.15 -13.35
C HIS F 142 68.19 25.65 -14.54
N LYS F 143 68.86 25.02 -15.49
CA LYS F 143 68.19 24.50 -16.68
C LYS F 143 67.33 23.29 -16.31
N CYS F 144 66.02 23.46 -16.39
CA CYS F 144 65.06 22.44 -16.00
C CYS F 144 64.36 21.85 -17.23
N ASP F 145 64.85 20.71 -17.70
CA ASP F 145 64.31 20.06 -18.91
C ASP F 145 62.94 19.43 -18.66
N ASN F 146 62.36 18.83 -19.70
CA ASN F 146 61.03 18.21 -19.60
C ASN F 146 60.90 17.20 -18.47
N GLU F 147 61.95 16.40 -18.28
CA GLU F 147 61.99 15.41 -17.19
C GLU F 147 61.98 16.12 -15.83
N CYS F 148 62.71 17.23 -15.73
CA CYS F 148 62.72 18.07 -14.54
C CYS F 148 61.37 18.77 -14.34
N MET F 149 60.80 19.28 -15.42
CA MET F 149 59.45 19.88 -15.38
C MET F 149 58.43 18.85 -14.91
N GLU F 150 58.51 17.65 -15.47
CA GLU F 150 57.60 16.54 -15.11
C GLU F 150 57.68 16.19 -13.62
N SER F 151 58.87 16.27 -13.04
CA SER F 151 59.06 15.95 -11.62
C SER F 151 58.40 16.99 -10.71
N VAL F 152 58.38 18.25 -11.15
CA VAL F 152 57.73 19.33 -10.40
C VAL F 152 56.22 19.08 -10.34
N ARG F 153 55.66 18.58 -11.44
CA ARG F 153 54.23 18.23 -11.49
C ARG F 153 53.92 17.04 -10.59
N ASN F 154 54.80 16.03 -10.62
CA ASN F 154 54.64 14.83 -9.79
C ASN F 154 54.80 15.07 -8.30
N GLY F 155 55.39 16.21 -7.92
CA GLY F 155 55.68 16.50 -6.52
C GLY F 155 56.93 15.79 -6.07
N THR F 156 57.86 15.55 -7.01
CA THR F 156 59.10 14.83 -6.74
C THR F 156 60.29 15.59 -7.33
N TYR F 157 60.22 16.92 -7.30
CA TYR F 157 61.32 17.77 -7.77
C TYR F 157 62.51 17.64 -6.83
N ASP F 158 63.65 17.24 -7.39
CA ASP F 158 64.84 16.98 -6.58
C ASP F 158 65.62 18.28 -6.35
N TYR F 159 65.20 19.02 -5.33
CA TYR F 159 65.80 20.31 -5.00
C TYR F 159 67.31 20.25 -4.74
N PRO F 160 67.76 19.31 -3.87
CA PRO F 160 69.19 19.25 -3.54
C PRO F 160 70.09 19.01 -4.77
N GLN F 161 69.59 18.24 -5.73
CA GLN F 161 70.35 17.91 -6.94
C GLN F 161 70.80 19.14 -7.74
N TYR F 162 69.90 20.10 -7.91
CA TYR F 162 70.17 21.25 -8.78
C TYR F 162 70.85 22.40 -8.03
N SER F 163 70.16 22.97 -7.06
CA SER F 163 70.64 24.13 -6.29
C SER F 163 70.82 25.40 -7.16
N GLU F 164 71.93 26.11 -6.99
CA GLU F 164 72.08 27.47 -7.55
C GLU F 164 72.22 27.64 -9.09
N GLU F 165 72.92 26.78 -9.83
CA GLU F 165 73.35 25.44 -9.43
C GLU F 165 74.56 25.41 -8.50
N ALA F 166 74.73 24.29 -7.80
CA ALA F 166 75.81 24.12 -6.83
C ALA F 166 77.19 24.11 -7.50
N GLU G 1 -49.28 4.54 -27.14
CA GLU G 1 -48.02 5.14 -26.57
C GLU G 1 -46.78 4.44 -27.11
N VAL G 2 -46.38 3.35 -26.45
CA VAL G 2 -45.20 2.58 -26.85
C VAL G 2 -45.62 1.44 -27.78
N GLN G 3 -44.77 1.14 -28.77
CA GLN G 3 -45.08 0.13 -29.78
C GLN G 3 -43.82 -0.55 -30.28
N LEU G 4 -43.87 -1.87 -30.42
CA LEU G 4 -42.74 -2.65 -30.94
C LEU G 4 -43.13 -3.45 -32.19
N VAL G 5 -43.01 -2.81 -33.35
CA VAL G 5 -43.37 -3.43 -34.62
C VAL G 5 -42.21 -4.26 -35.16
N GLN G 6 -42.46 -5.55 -35.40
CA GLN G 6 -41.44 -6.46 -35.91
C GLN G 6 -41.62 -6.71 -37.42
N SER G 7 -40.67 -7.42 -38.01
CA SER G 7 -40.54 -7.52 -39.47
C SER G 7 -40.73 -8.93 -40.02
N GLY G 8 -41.68 -9.68 -39.46
CA GLY G 8 -41.94 -11.05 -39.91
C GLY G 8 -42.76 -11.06 -41.20
N ALA G 9 -42.99 -12.23 -41.80
CA ALA G 9 -42.47 -13.53 -41.34
C ALA G 9 -41.50 -14.07 -42.38
N GLU G 10 -40.78 -15.13 -42.03
CA GLU G 10 -39.71 -15.67 -42.88
C GLU G 10 -39.82 -17.18 -43.08
N VAL G 11 -39.38 -17.63 -44.24
CA VAL G 11 -39.33 -19.07 -44.57
C VAL G 11 -38.05 -19.36 -45.37
N LYS G 12 -37.16 -20.18 -44.80
CA LYS G 12 -35.87 -20.45 -45.41
C LYS G 12 -35.48 -21.93 -45.31
N LYS G 13 -34.42 -22.29 -46.03
CA LYS G 13 -33.87 -23.65 -46.00
C LYS G 13 -32.84 -23.74 -44.88
N PRO G 14 -32.51 -24.98 -44.43
CA PRO G 14 -31.44 -25.12 -43.43
C PRO G 14 -30.08 -24.83 -44.03
N GLY G 15 -29.38 -23.84 -43.49
CA GLY G 15 -28.08 -23.42 -44.01
C GLY G 15 -28.03 -21.94 -44.40
N GLU G 16 -29.17 -21.37 -44.72
CA GLU G 16 -29.26 -19.96 -45.12
C GLU G 16 -29.03 -19.02 -43.95
N SER G 17 -28.72 -17.76 -44.28
CA SER G 17 -28.59 -16.69 -43.29
C SER G 17 -29.94 -15.97 -43.14
N LEU G 18 -30.13 -15.32 -42.00
CA LEU G 18 -31.37 -14.57 -41.75
C LEU G 18 -31.18 -13.49 -40.70
N LYS G 19 -31.80 -12.33 -40.95
CA LYS G 19 -31.80 -11.22 -40.00
C LYS G 19 -33.23 -10.70 -39.86
N ILE G 20 -33.78 -10.79 -38.65
CA ILE G 20 -35.10 -10.24 -38.35
C ILE G 20 -34.94 -9.00 -37.45
N SER G 21 -35.86 -8.06 -37.57
CA SER G 21 -35.74 -6.76 -36.91
C SER G 21 -36.95 -6.42 -36.05
N CYS G 22 -36.82 -5.35 -35.28
CA CYS G 22 -37.89 -4.86 -34.40
C CYS G 22 -37.71 -3.36 -34.16
N LYS G 23 -38.67 -2.56 -34.61
CA LYS G 23 -38.60 -1.10 -34.50
C LYS G 23 -39.32 -0.61 -33.24
N GLY G 24 -38.59 0.13 -32.40
CA GLY G 24 -39.16 0.74 -31.20
C GLY G 24 -39.55 2.18 -31.42
N SER G 25 -40.64 2.59 -30.78
CA SER G 25 -41.13 3.97 -30.88
C SER G 25 -42.00 4.34 -29.68
N GLY G 26 -42.06 5.64 -29.37
CA GLY G 26 -42.83 6.14 -28.24
C GLY G 26 -42.06 6.28 -26.95
N TYR G 27 -40.73 6.11 -27.01
CA TYR G 27 -39.87 6.25 -25.84
C TYR G 27 -38.41 6.48 -26.26
N SER G 28 -37.55 6.72 -25.28
CA SER G 28 -36.11 6.83 -25.53
C SER G 28 -35.56 5.43 -25.82
N PHE G 29 -35.38 5.12 -27.09
CA PHE G 29 -34.89 3.80 -27.52
C PHE G 29 -33.55 3.44 -26.89
N SER G 30 -32.66 4.42 -26.81
CA SER G 30 -31.29 4.20 -26.35
C SER G 30 -31.17 3.79 -24.88
N ASP G 31 -32.05 4.30 -24.03
CA ASP G 31 -31.94 4.14 -22.57
C ASP G 31 -32.66 2.93 -21.98
N TYR G 32 -33.39 2.19 -22.81
CA TYR G 32 -34.09 0.99 -22.36
C TYR G 32 -33.44 -0.25 -22.95
N TRP G 33 -33.16 -1.23 -22.11
CA TRP G 33 -32.72 -2.55 -22.58
C TRP G 33 -33.82 -3.15 -23.46
N ILE G 34 -33.42 -3.87 -24.50
CA ILE G 34 -34.37 -4.52 -25.41
C ILE G 34 -33.78 -5.85 -25.88
N GLY G 35 -34.61 -6.89 -25.93
CA GLY G 35 -34.13 -8.24 -26.18
C GLY G 35 -35.07 -9.13 -26.97
N TRP G 36 -34.76 -10.43 -26.97
CA TRP G 36 -35.47 -11.41 -27.79
C TRP G 36 -35.86 -12.64 -26.98
N VAL G 37 -37.05 -13.19 -27.27
CA VAL G 37 -37.57 -14.37 -26.60
C VAL G 37 -38.07 -15.37 -27.64
N ARG G 38 -37.54 -16.59 -27.59
CA ARG G 38 -37.94 -17.65 -28.53
C ARG G 38 -39.07 -18.49 -27.94
N GLN G 39 -39.98 -18.93 -28.80
CA GLN G 39 -41.06 -19.83 -28.40
C GLN G 39 -41.40 -20.79 -29.54
N MET G 40 -40.99 -22.05 -29.37
CA MET G 40 -41.26 -23.08 -30.37
C MET G 40 -42.73 -23.52 -30.28
N PRO G 41 -43.28 -24.08 -31.37
CA PRO G 41 -44.70 -24.46 -31.41
C PRO G 41 -45.15 -25.28 -30.21
N GLY G 42 -46.15 -24.79 -29.48
CA GLY G 42 -46.70 -25.49 -28.32
C GLY G 42 -45.71 -25.73 -27.20
N GLU G 43 -44.86 -24.73 -26.95
CA GLU G 43 -43.84 -24.81 -25.90
C GLU G 43 -43.71 -23.48 -25.16
N GLY G 44 -42.98 -23.50 -24.05
CA GLY G 44 -42.82 -22.33 -23.20
C GLY G 44 -41.88 -21.27 -23.77
N LEU G 45 -41.60 -20.26 -22.95
CA LEU G 45 -40.76 -19.12 -23.36
C LEU G 45 -39.29 -19.40 -23.08
N GLU G 46 -38.42 -18.84 -23.94
CA GLU G 46 -36.98 -18.99 -23.80
C GLU G 46 -36.28 -17.66 -24.01
N TRP G 47 -35.61 -17.16 -22.97
CA TRP G 47 -34.89 -15.90 -23.03
C TRP G 47 -33.58 -16.07 -23.79
N MET G 48 -33.36 -15.25 -24.81
CA MET G 48 -32.19 -15.34 -25.67
C MET G 48 -31.10 -14.34 -25.27
N GLY G 49 -31.50 -13.08 -25.07
CA GLY G 49 -30.55 -12.03 -24.68
C GLY G 49 -31.11 -10.63 -24.84
N ILE G 50 -30.42 -9.66 -24.25
CA ILE G 50 -30.80 -8.24 -24.34
C ILE G 50 -29.60 -7.39 -24.73
N ILE G 51 -29.87 -6.18 -25.23
CA ILE G 51 -28.83 -5.22 -25.60
C ILE G 51 -29.23 -3.82 -25.12
N TYR G 52 -28.23 -3.03 -24.72
CA TYR G 52 -28.44 -1.65 -24.29
C TYR G 52 -27.96 -0.72 -25.41
N PRO G 53 -28.90 -0.25 -26.27
CA PRO G 53 -28.51 0.40 -27.53
C PRO G 53 -27.58 1.60 -27.41
N ALA G 54 -27.68 2.36 -26.31
CA ALA G 54 -26.80 3.50 -26.08
C ALA G 54 -25.35 3.05 -26.00
N SER G 55 -25.07 2.12 -25.09
CA SER G 55 -23.73 1.58 -24.89
C SER G 55 -23.40 0.47 -25.89
N SER G 56 -24.44 -0.18 -26.42
CA SER G 56 -24.30 -1.34 -27.32
C SER G 56 -23.66 -2.54 -26.62
N GLU G 57 -23.82 -2.61 -25.30
CA GLU G 57 -23.34 -3.75 -24.53
C GLU G 57 -24.43 -4.82 -24.50
N ILE G 58 -24.03 -6.08 -24.64
CA ILE G 58 -24.96 -7.19 -24.81
C ILE G 58 -24.88 -8.16 -23.63
N ARG G 59 -26.03 -8.72 -23.25
CA ARG G 59 -26.12 -9.69 -22.18
C ARG G 59 -26.71 -10.99 -22.74
N TYR G 60 -25.85 -11.86 -23.26
CA TYR G 60 -26.30 -13.10 -23.91
C TYR G 60 -26.72 -14.16 -22.90
N SER G 61 -27.41 -15.18 -23.40
CA SER G 61 -27.73 -16.38 -22.64
C SER G 61 -26.76 -17.50 -23.05
N PRO G 62 -26.23 -18.26 -22.07
CA PRO G 62 -25.28 -19.35 -22.37
C PRO G 62 -25.77 -20.36 -23.41
N SER G 63 -27.08 -20.63 -23.42
CA SER G 63 -27.68 -21.57 -24.36
C SER G 63 -27.65 -21.07 -25.81
N PHE G 64 -27.72 -19.75 -25.98
CA PHE G 64 -27.84 -19.14 -27.32
C PHE G 64 -26.57 -18.44 -27.81
N GLN G 65 -25.67 -18.06 -26.89
CA GLN G 65 -24.45 -17.34 -27.28
C GLN G 65 -23.59 -18.20 -28.20
N GLY G 66 -23.07 -17.57 -29.26
CA GLY G 66 -22.29 -18.26 -30.28
C GLY G 66 -23.12 -18.70 -31.47
N LEU G 67 -24.39 -19.02 -31.22
CA LEU G 67 -25.31 -19.45 -32.27
C LEU G 67 -26.08 -18.28 -32.88
N VAL G 68 -26.27 -17.21 -32.12
CA VAL G 68 -26.98 -16.01 -32.59
C VAL G 68 -26.21 -14.73 -32.27
N THR G 69 -26.58 -13.65 -32.96
CA THR G 69 -25.99 -12.33 -32.72
C THR G 69 -27.10 -11.30 -32.56
N ILE G 70 -26.99 -10.46 -31.55
CA ILE G 70 -27.95 -9.38 -31.31
C ILE G 70 -27.27 -8.04 -31.56
N SER G 71 -27.94 -7.18 -32.34
CA SER G 71 -27.41 -5.86 -32.67
C SER G 71 -28.46 -4.78 -32.45
N ARG G 72 -28.03 -3.52 -32.52
CA ARG G 72 -28.93 -2.37 -32.32
C ARG G 72 -28.44 -1.17 -33.12
N ASP G 73 -29.36 -0.23 -33.38
CA ASP G 73 -29.07 0.97 -34.15
C ASP G 73 -29.89 2.15 -33.63
N LYS G 74 -29.22 3.09 -32.99
CA LYS G 74 -29.88 4.25 -32.37
C LYS G 74 -30.54 5.18 -33.39
N SER G 75 -29.94 5.28 -34.58
CA SER G 75 -30.40 6.23 -35.60
C SER G 75 -31.84 5.96 -36.09
N ILE G 76 -32.25 4.69 -36.10
CA ILE G 76 -33.59 4.31 -36.54
C ILE G 76 -34.30 3.36 -35.55
N ASN G 77 -33.90 3.44 -34.28
CA ASN G 77 -34.55 2.70 -33.18
C ASN G 77 -34.90 1.26 -33.50
N THR G 78 -33.92 0.49 -33.98
CA THR G 78 -34.17 -0.88 -34.41
C THR G 78 -33.14 -1.86 -33.83
N ALA G 79 -33.66 -2.89 -33.16
CA ALA G 79 -32.84 -4.01 -32.69
C ALA G 79 -33.06 -5.20 -33.62
N SER G 80 -32.02 -6.03 -33.78
CA SER G 80 -32.07 -7.15 -34.72
C SER G 80 -31.55 -8.44 -34.10
N LEU G 81 -31.75 -9.55 -34.81
CA LEU G 81 -31.34 -10.87 -34.38
C LEU G 81 -30.92 -11.70 -35.59
N GLN G 82 -29.69 -12.20 -35.59
CA GLN G 82 -29.08 -12.79 -36.79
C GLN G 82 -28.65 -14.25 -36.60
N TRP G 83 -28.60 -14.96 -37.73
CA TRP G 83 -28.08 -16.33 -37.79
C TRP G 83 -27.14 -16.46 -38.98
N SER G 84 -26.02 -17.15 -38.78
CA SER G 84 -25.09 -17.44 -39.88
C SER G 84 -25.60 -18.62 -40.69
N SER G 85 -25.97 -19.69 -40.01
CA SER G 85 -26.49 -20.90 -40.64
C SER G 85 -27.70 -21.44 -39.88
N LEU G 86 -28.88 -21.30 -40.49
CA LEU G 86 -30.13 -21.74 -39.86
C LEU G 86 -30.23 -23.27 -39.80
N LYS G 87 -31.04 -23.75 -38.87
CA LYS G 87 -31.32 -25.18 -38.72
C LYS G 87 -32.81 -25.39 -38.49
N ALA G 88 -33.27 -26.63 -38.63
CA ALA G 88 -34.67 -26.98 -38.43
C ALA G 88 -35.13 -26.72 -36.99
N SER G 89 -34.20 -26.81 -36.04
CA SER G 89 -34.48 -26.54 -34.63
C SER G 89 -34.88 -25.08 -34.37
N ASP G 90 -34.43 -24.18 -35.23
CA ASP G 90 -34.72 -22.75 -35.08
C ASP G 90 -36.14 -22.36 -35.51
N THR G 91 -36.93 -23.33 -35.98
CA THR G 91 -38.32 -23.11 -36.34
C THR G 91 -39.15 -22.73 -35.12
N ALA G 92 -39.49 -21.45 -35.01
CA ALA G 92 -40.22 -20.92 -33.86
C ALA G 92 -40.72 -19.51 -34.11
N ILE G 93 -41.47 -18.95 -33.15
CA ILE G 93 -41.87 -17.55 -33.17
C ILE G 93 -40.99 -16.74 -32.21
N TYR G 94 -40.51 -15.59 -32.69
CA TYR G 94 -39.50 -14.81 -31.96
C TYR G 94 -40.06 -13.45 -31.54
N TYR G 95 -40.23 -13.27 -30.23
CA TYR G 95 -40.82 -12.06 -29.68
C TYR G 95 -39.76 -11.00 -29.35
N CYS G 96 -40.05 -9.77 -29.74
CA CYS G 96 -39.25 -8.61 -29.36
C CYS G 96 -39.93 -7.97 -28.15
N ALA G 97 -39.15 -7.58 -27.15
CA ALA G 97 -39.72 -7.05 -25.91
C ALA G 97 -38.78 -6.05 -25.22
N ARG G 98 -39.35 -4.94 -24.74
CA ARG G 98 -38.60 -3.93 -24.01
C ARG G 98 -38.36 -4.40 -22.58
N HIS G 99 -37.19 -4.06 -22.04
CA HIS G 99 -36.80 -4.45 -20.68
C HIS G 99 -36.62 -3.20 -19.81
N ALA G 100 -35.91 -3.33 -18.69
CA ALA G 100 -35.72 -2.23 -17.74
C ALA G 100 -34.98 -1.03 -18.33
N SER G 101 -35.26 0.15 -17.78
CA SER G 101 -34.47 1.35 -18.04
C SER G 101 -33.42 1.47 -16.96
N CYS G 102 -32.36 0.67 -17.10
CA CYS G 102 -31.27 0.62 -16.14
C CYS G 102 -29.94 0.87 -16.84
N SER G 103 -29.22 1.90 -16.40
CA SER G 103 -27.91 2.24 -16.97
C SER G 103 -26.79 1.74 -16.04
N ALA G 104 -26.83 0.45 -15.73
CA ALA G 104 -25.85 -0.17 -14.83
C ALA G 104 -25.70 -1.65 -15.12
N ARG G 105 -24.63 -2.25 -14.59
CA ARG G 105 -24.29 -3.65 -14.87
C ARG G 105 -24.99 -4.63 -13.93
N SER G 106 -25.57 -4.14 -12.84
CA SER G 106 -26.31 -4.98 -11.89
C SER G 106 -27.58 -4.28 -11.42
N CYS G 107 -28.74 -4.82 -11.81
CA CYS G 107 -30.02 -4.18 -11.50
C CYS G 107 -31.24 -5.04 -11.79
N TYR G 108 -32.42 -4.51 -11.44
CA TYR G 108 -33.70 -5.10 -11.79
C TYR G 108 -33.90 -5.04 -13.30
N TRP G 109 -33.80 -6.21 -13.95
CA TRP G 109 -33.85 -6.30 -15.41
C TRP G 109 -35.26 -6.16 -15.98
N GLY G 110 -36.26 -6.31 -15.10
CA GLY G 110 -37.66 -6.14 -15.50
C GLY G 110 -38.16 -4.73 -15.23
N PRO G 111 -39.45 -4.49 -15.50
CA PRO G 111 -40.40 -5.45 -16.06
C PRO G 111 -40.34 -5.48 -17.58
N VAL G 112 -40.65 -6.64 -18.17
CA VAL G 112 -40.73 -6.77 -19.62
C VAL G 112 -42.11 -6.28 -20.04
N ASP G 113 -42.29 -4.96 -19.97
CA ASP G 113 -43.62 -4.34 -20.00
C ASP G 113 -44.29 -4.36 -21.38
N TYR G 114 -43.56 -3.97 -22.42
CA TYR G 114 -44.12 -3.90 -23.77
C TYR G 114 -43.50 -4.94 -24.69
N TRP G 115 -44.34 -5.82 -25.23
CA TRP G 115 -43.90 -6.89 -26.13
C TRP G 115 -44.31 -6.61 -27.56
N GLY G 116 -43.56 -7.18 -28.50
CA GLY G 116 -43.92 -7.12 -29.92
C GLY G 116 -44.95 -8.16 -30.27
N GLN G 117 -45.36 -8.20 -31.53
CA GLN G 117 -46.36 -9.15 -32.00
C GLN G 117 -45.74 -10.44 -32.55
N GLY G 118 -44.40 -10.52 -32.53
CA GLY G 118 -43.69 -11.73 -32.91
C GLY G 118 -43.43 -11.86 -34.40
N THR G 119 -42.48 -12.72 -34.75
CA THR G 119 -42.17 -13.05 -36.14
C THR G 119 -42.04 -14.55 -36.32
N LEU G 120 -42.89 -15.12 -37.18
CA LEU G 120 -42.82 -16.54 -37.48
C LEU G 120 -41.59 -16.81 -38.34
N VAL G 121 -40.77 -17.77 -37.90
CA VAL G 121 -39.60 -18.20 -38.64
C VAL G 121 -39.69 -19.71 -38.85
N THR G 122 -39.76 -20.12 -40.12
CA THR G 122 -39.90 -21.53 -40.48
C THR G 122 -38.66 -21.99 -41.24
N VAL G 123 -38.01 -23.04 -40.73
CA VAL G 123 -36.81 -23.59 -41.36
C VAL G 123 -37.03 -25.07 -41.67
N SER G 124 -36.99 -25.41 -42.95
CA SER G 124 -37.22 -26.79 -43.40
C SER G 124 -36.70 -26.98 -44.83
N SER G 125 -36.32 -28.21 -45.14
CA SER G 125 -35.81 -28.55 -46.47
C SER G 125 -36.90 -28.50 -47.55
N ALA G 126 -38.16 -28.63 -47.13
CA ALA G 126 -39.30 -28.57 -48.04
C ALA G 126 -39.40 -27.21 -48.71
N SER G 127 -39.82 -27.21 -49.98
CA SER G 127 -40.03 -25.98 -50.75
C SER G 127 -41.47 -25.51 -50.60
N THR G 128 -41.73 -24.28 -51.03
CA THR G 128 -43.08 -23.69 -50.98
C THR G 128 -44.02 -24.46 -51.92
N LYS G 129 -45.23 -24.70 -51.44
CA LYS G 129 -46.20 -25.51 -52.18
C LYS G 129 -47.64 -25.14 -51.80
N GLY G 130 -48.51 -25.05 -52.80
CA GLY G 130 -49.92 -24.77 -52.57
C GLY G 130 -50.66 -26.00 -52.09
N PRO G 131 -51.74 -25.81 -51.30
CA PRO G 131 -52.49 -26.94 -50.74
C PRO G 131 -53.41 -27.63 -51.75
N SER G 132 -53.79 -28.86 -51.43
CA SER G 132 -54.82 -29.58 -52.17
C SER G 132 -56.04 -29.72 -51.27
N VAL G 133 -57.19 -29.29 -51.77
CA VAL G 133 -58.45 -29.32 -51.00
C VAL G 133 -59.30 -30.52 -51.42
N PHE G 134 -59.85 -31.21 -50.43
CA PHE G 134 -60.73 -32.36 -50.68
C PHE G 134 -61.98 -32.29 -49.79
N PRO G 135 -63.16 -32.63 -50.35
CA PRO G 135 -64.36 -32.76 -49.53
C PRO G 135 -64.35 -34.13 -48.84
N LEU G 136 -65.23 -34.33 -47.87
CA LEU G 136 -65.14 -35.54 -47.04
C LEU G 136 -65.98 -36.76 -47.50
N ALA G 137 -67.32 -36.71 -47.53
CA ALA G 137 -68.17 -35.55 -47.22
C ALA G 137 -69.29 -36.06 -46.28
N PRO G 138 -70.45 -35.38 -46.20
CA PRO G 138 -71.50 -35.85 -45.27
C PRO G 138 -72.03 -37.28 -45.50
N SER G 139 -72.70 -37.81 -44.48
CA SER G 139 -73.48 -39.05 -44.58
C SER G 139 -74.82 -38.68 -45.23
N SER G 140 -75.67 -39.62 -45.69
CA SER G 140 -75.58 -41.10 -45.58
C SER G 140 -76.12 -41.68 -44.26
N LYS G 141 -76.51 -40.82 -43.32
CA LYS G 141 -77.09 -41.23 -42.04
C LYS G 141 -77.87 -40.07 -41.41
N SER G 142 -78.89 -40.36 -40.57
CA SER G 142 -79.30 -41.73 -40.20
C SER G 142 -80.82 -41.90 -40.35
N THR G 143 -81.60 -41.25 -39.49
CA THR G 143 -83.07 -41.29 -39.54
C THR G 143 -83.66 -39.95 -39.15
N SER G 144 -83.44 -39.55 -37.90
CA SER G 144 -83.90 -38.24 -37.41
C SER G 144 -83.07 -37.11 -38.01
N GLY G 145 -81.79 -37.38 -38.25
CA GLY G 145 -80.89 -36.40 -38.86
C GLY G 145 -80.53 -35.30 -37.89
N GLY G 146 -81.29 -34.22 -37.91
CA GLY G 146 -81.02 -33.06 -37.07
C GLY G 146 -79.67 -32.44 -37.41
N THR G 147 -78.66 -32.75 -36.61
CA THR G 147 -77.30 -32.28 -36.86
C THR G 147 -76.62 -33.12 -37.95
N ALA G 148 -75.68 -32.49 -38.67
CA ALA G 148 -74.93 -33.18 -39.73
C ALA G 148 -73.59 -32.49 -39.96
N ALA G 149 -72.52 -33.29 -40.04
CA ALA G 149 -71.15 -32.76 -40.14
C ALA G 149 -70.63 -32.76 -41.56
N LEU G 150 -69.73 -31.81 -41.85
CA LEU G 150 -69.05 -31.72 -43.13
C LEU G 150 -67.78 -30.90 -42.95
N GLY G 151 -67.01 -30.70 -44.03
CA GLY G 151 -65.80 -29.88 -43.96
C GLY G 151 -64.91 -29.92 -45.18
N CYS G 152 -63.62 -29.66 -44.95
CA CYS G 152 -62.59 -29.78 -45.98
C CYS G 152 -61.34 -30.46 -45.43
N LEU G 153 -60.48 -30.91 -46.33
CA LEU G 153 -59.18 -31.47 -45.98
C LEU G 153 -58.10 -30.75 -46.76
N VAL G 154 -57.45 -29.78 -46.11
CA VAL G 154 -56.38 -29.00 -46.72
C VAL G 154 -55.06 -29.74 -46.46
N LYS G 155 -54.57 -30.46 -47.47
CA LYS G 155 -53.45 -31.38 -47.32
C LYS G 155 -52.24 -31.00 -48.18
N ASP G 156 -51.04 -31.30 -47.66
CA ASP G 156 -49.77 -31.08 -48.37
C ASP G 156 -49.55 -29.63 -48.81
N TYR G 157 -49.17 -28.80 -47.85
CA TYR G 157 -48.81 -27.40 -48.14
C TYR G 157 -47.64 -26.95 -47.26
N PHE G 158 -46.96 -25.89 -47.70
CA PHE G 158 -45.81 -25.37 -46.99
C PHE G 158 -45.51 -23.94 -47.46
N PRO G 159 -45.23 -23.01 -46.53
CA PRO G 159 -45.26 -23.13 -45.07
C PRO G 159 -46.63 -22.72 -44.50
N GLU G 160 -46.73 -22.61 -43.18
CA GLU G 160 -47.91 -22.02 -42.55
C GLU G 160 -47.82 -20.49 -42.67
N PRO G 161 -48.96 -19.79 -42.52
CA PRO G 161 -50.30 -20.26 -42.21
C PRO G 161 -51.21 -20.36 -43.43
N VAL G 162 -52.38 -20.96 -43.23
CA VAL G 162 -53.46 -20.95 -44.21
C VAL G 162 -54.75 -20.55 -43.51
N THR G 163 -55.53 -19.67 -44.15
CA THR G 163 -56.78 -19.16 -43.57
C THR G 163 -57.97 -19.82 -44.24
N VAL G 164 -58.93 -20.28 -43.44
CA VAL G 164 -60.12 -20.96 -43.93
C VAL G 164 -61.36 -20.19 -43.50
N SER G 165 -62.36 -20.14 -44.40
CA SER G 165 -63.67 -19.58 -44.08
C SER G 165 -64.75 -20.28 -44.91
N TRP G 166 -66.01 -19.91 -44.68
CA TRP G 166 -67.13 -20.57 -45.34
C TRP G 166 -68.12 -19.55 -45.92
N ASN G 167 -68.47 -19.75 -47.19
CA ASN G 167 -69.42 -18.89 -47.89
C ASN G 167 -69.02 -17.41 -47.84
N SER G 168 -67.75 -17.15 -48.16
CA SER G 168 -67.18 -15.80 -48.11
C SER G 168 -67.28 -15.18 -46.71
N GLY G 169 -67.09 -16.01 -45.69
CA GLY G 169 -67.16 -15.56 -44.29
C GLY G 169 -68.57 -15.37 -43.75
N ALA G 170 -69.57 -15.84 -44.49
CA ALA G 170 -70.98 -15.72 -44.08
C ALA G 170 -71.33 -16.75 -43.03
N LEU G 171 -70.83 -17.98 -43.20
CA LEU G 171 -71.04 -19.06 -42.24
C LEU G 171 -69.89 -19.10 -41.23
N THR G 172 -70.23 -18.88 -39.96
CA THR G 172 -69.23 -18.90 -38.87
C THR G 172 -69.66 -19.72 -37.64
N SER G 173 -70.96 -19.93 -37.47
CA SER G 173 -71.47 -20.66 -36.30
C SER G 173 -71.12 -22.14 -36.38
N GLY G 174 -70.50 -22.66 -35.32
CA GLY G 174 -70.18 -24.08 -35.21
C GLY G 174 -69.05 -24.56 -36.11
N VAL G 175 -68.18 -23.64 -36.51
CA VAL G 175 -67.03 -23.97 -37.37
C VAL G 175 -65.79 -24.23 -36.51
N HIS G 176 -65.06 -25.30 -36.84
CA HIS G 176 -63.84 -25.67 -36.10
C HIS G 176 -62.68 -25.97 -37.05
N THR G 177 -61.86 -24.95 -37.32
CA THR G 177 -60.65 -25.13 -38.13
C THR G 177 -59.51 -25.59 -37.22
N PHE G 178 -59.05 -26.81 -37.44
CA PHE G 178 -58.05 -27.43 -36.56
C PHE G 178 -56.65 -26.87 -36.80
N PRO G 179 -55.79 -26.88 -35.76
CA PRO G 179 -54.37 -26.58 -35.97
C PRO G 179 -53.71 -27.59 -36.89
N ALA G 180 -52.81 -27.13 -37.75
CA ALA G 180 -52.16 -28.00 -38.72
C ALA G 180 -51.19 -28.97 -38.06
N VAL G 181 -51.11 -30.18 -38.60
CA VAL G 181 -50.13 -31.18 -38.17
C VAL G 181 -49.01 -31.28 -39.20
N LEU G 182 -47.78 -31.45 -38.73
CA LEU G 182 -46.62 -31.57 -39.61
C LEU G 182 -46.41 -33.05 -39.96
N GLN G 183 -46.63 -33.39 -41.23
CA GLN G 183 -46.48 -34.76 -41.70
C GLN G 183 -45.01 -35.15 -41.85
N SER G 184 -44.77 -36.45 -42.03
CA SER G 184 -43.40 -36.97 -42.16
C SER G 184 -42.72 -36.54 -43.45
N SER G 185 -43.51 -36.16 -44.46
CA SER G 185 -42.99 -35.61 -45.71
C SER G 185 -42.51 -34.17 -45.57
N GLY G 186 -42.75 -33.55 -44.40
CA GLY G 186 -42.33 -32.19 -44.13
C GLY G 186 -43.36 -31.16 -44.55
N LEU G 187 -44.53 -31.62 -44.98
CA LEU G 187 -45.62 -30.75 -45.42
C LEU G 187 -46.71 -30.69 -44.38
N TYR G 188 -47.40 -29.55 -44.31
CA TYR G 188 -48.48 -29.35 -43.36
C TYR G 188 -49.80 -29.88 -43.90
N SER G 189 -50.75 -30.13 -43.00
CA SER G 189 -52.07 -30.62 -43.38
C SER G 189 -53.07 -30.37 -42.25
N LEU G 190 -54.27 -29.92 -42.61
CA LEU G 190 -55.33 -29.66 -41.63
C LEU G 190 -56.71 -29.92 -42.20
N SER G 191 -57.71 -29.84 -41.33
CA SER G 191 -59.11 -29.92 -41.75
C SER G 191 -59.93 -28.84 -41.05
N SER G 192 -60.99 -28.39 -41.71
CA SER G 192 -61.92 -27.42 -41.13
C SER G 192 -63.32 -27.98 -41.30
N VAL G 193 -64.05 -28.13 -40.18
CA VAL G 193 -65.36 -28.77 -40.19
C VAL G 193 -66.44 -27.89 -39.57
N VAL G 194 -67.68 -28.16 -39.92
CA VAL G 194 -68.82 -27.40 -39.43
C VAL G 194 -70.08 -28.28 -39.34
N THR G 195 -70.82 -28.15 -38.25
CA THR G 195 -72.08 -28.88 -38.06
C THR G 195 -73.25 -28.03 -38.54
N VAL G 196 -74.15 -28.65 -39.30
CA VAL G 196 -75.29 -27.95 -39.89
C VAL G 196 -76.57 -28.81 -39.87
N PRO G 197 -77.75 -28.18 -39.99
CA PRO G 197 -79.00 -28.94 -40.00
C PRO G 197 -79.16 -29.87 -41.21
N SER G 198 -79.83 -31.00 -41.01
CA SER G 198 -80.09 -31.95 -42.10
C SER G 198 -81.18 -31.46 -43.04
N SER G 199 -82.12 -30.66 -42.52
CA SER G 199 -83.15 -30.02 -43.35
C SER G 199 -82.55 -28.97 -44.28
N SER G 200 -81.47 -28.33 -43.83
CA SER G 200 -80.84 -27.25 -44.57
C SER G 200 -80.00 -27.73 -45.74
N LEU G 201 -79.36 -28.89 -45.61
CA LEU G 201 -78.34 -29.36 -46.57
C LEU G 201 -78.79 -29.30 -48.04
N GLY G 202 -80.06 -29.62 -48.29
CA GLY G 202 -80.59 -29.65 -49.66
C GLY G 202 -80.67 -28.26 -50.26
N THR G 203 -81.10 -27.29 -49.46
CA THR G 203 -81.19 -25.90 -49.89
C THR G 203 -79.85 -25.18 -49.85
N GLN G 204 -79.05 -25.48 -48.83
CA GLN G 204 -77.86 -24.67 -48.52
C GLN G 204 -76.65 -24.94 -49.42
N THR G 205 -75.78 -23.94 -49.50
CA THR G 205 -74.57 -23.98 -50.30
C THR G 205 -73.36 -23.89 -49.38
N TYR G 206 -72.54 -24.94 -49.35
CA TYR G 206 -71.37 -24.99 -48.48
C TYR G 206 -70.10 -25.10 -49.31
N ILE G 207 -69.28 -24.04 -49.24
CA ILE G 207 -68.04 -23.96 -50.02
C ILE G 207 -66.89 -23.47 -49.14
N CYS G 208 -65.73 -24.12 -49.26
CA CYS G 208 -64.54 -23.74 -48.51
C CYS G 208 -63.87 -22.53 -49.14
N ASN G 209 -63.11 -21.80 -48.33
CA ASN G 209 -62.38 -20.63 -48.81
C ASN G 209 -60.94 -20.67 -48.32
N VAL G 210 -60.11 -21.43 -49.05
CA VAL G 210 -58.71 -21.60 -48.69
C VAL G 210 -57.88 -20.45 -49.25
N ASN G 211 -56.91 -20.00 -48.47
CA ASN G 211 -56.05 -18.89 -48.87
C ASN G 211 -54.63 -19.08 -48.32
N HIS G 212 -53.66 -19.18 -49.23
CA HIS G 212 -52.27 -19.42 -48.88
C HIS G 212 -51.38 -18.31 -49.46
N LYS G 213 -51.06 -17.32 -48.62
CA LYS G 213 -50.33 -16.12 -49.04
C LYS G 213 -48.89 -16.35 -49.51
N PRO G 214 -48.12 -17.22 -48.81
CA PRO G 214 -46.75 -17.47 -49.28
C PRO G 214 -46.69 -18.19 -50.64
N SER G 215 -47.67 -19.03 -50.93
CA SER G 215 -47.77 -19.70 -52.22
C SER G 215 -48.60 -18.90 -53.24
N ASN G 216 -49.38 -17.94 -52.74
CA ASN G 216 -50.31 -17.17 -53.56
C ASN G 216 -51.33 -18.08 -54.25
N THR G 217 -52.06 -18.85 -53.45
CA THR G 217 -53.04 -19.81 -53.95
C THR G 217 -54.38 -19.63 -53.26
N LYS G 218 -55.40 -19.28 -54.03
CA LYS G 218 -56.78 -19.19 -53.56
C LYS G 218 -57.60 -20.35 -54.14
N VAL G 219 -58.06 -21.25 -53.28
CA VAL G 219 -58.86 -22.40 -53.70
C VAL G 219 -60.22 -22.38 -53.02
N ASP G 220 -61.27 -22.61 -53.82
CA ASP G 220 -62.64 -22.72 -53.31
C ASP G 220 -63.23 -24.04 -53.77
N LYS G 221 -63.72 -24.84 -52.82
CA LYS G 221 -64.20 -26.19 -53.12
C LYS G 221 -65.57 -26.45 -52.47
N ARG G 222 -66.53 -26.88 -53.28
CA ARG G 222 -67.89 -27.15 -52.81
C ARG G 222 -67.97 -28.48 -52.08
N VAL G 223 -68.91 -28.57 -51.14
CA VAL G 223 -69.15 -29.80 -50.36
C VAL G 223 -70.62 -30.21 -50.46
N GLU G 224 -70.87 -31.39 -51.01
CA GLU G 224 -72.22 -31.96 -51.11
C GLU G 224 -72.20 -33.42 -50.62
N PRO G 225 -73.39 -34.03 -50.47
CA PRO G 225 -73.43 -35.46 -50.12
C PRO G 225 -72.92 -36.38 -51.23
N LYS G 226 -72.72 -37.66 -50.90
CA LYS G 226 -72.24 -38.66 -51.85
C LYS G 226 -70.88 -38.28 -52.43
N ASP H 1 -27.27 -20.58 -14.39
CA ASP H 1 -28.71 -20.24 -14.61
C ASP H 1 -29.53 -20.48 -13.34
N ILE H 2 -30.60 -19.69 -13.20
CA ILE H 2 -31.54 -19.86 -12.10
C ILE H 2 -32.78 -20.56 -12.64
N VAL H 3 -33.04 -21.78 -12.16
CA VAL H 3 -34.19 -22.56 -12.63
C VAL H 3 -35.46 -22.22 -11.85
N MET H 4 -36.51 -21.87 -12.57
CA MET H 4 -37.81 -21.55 -11.98
C MET H 4 -38.74 -22.73 -12.20
N THR H 5 -39.32 -23.24 -11.11
CA THR H 5 -40.24 -24.38 -11.19
C THR H 5 -41.66 -23.90 -10.85
N GLN H 6 -42.60 -24.19 -11.75
CA GLN H 6 -44.00 -23.83 -11.56
C GLN H 6 -44.87 -25.04 -11.26
N SER H 7 -46.04 -24.79 -10.68
CA SER H 7 -47.01 -25.85 -10.39
C SER H 7 -48.39 -25.25 -10.19
N PRO H 8 -49.43 -25.87 -10.79
CA PRO H 8 -49.41 -27.04 -11.65
C PRO H 8 -49.21 -26.69 -13.12
N LEU H 9 -49.09 -27.72 -13.97
CA LEU H 9 -48.97 -27.53 -15.42
C LEU H 9 -50.34 -27.16 -15.99
N SER H 10 -51.32 -28.00 -15.71
CA SER H 10 -52.71 -27.76 -16.10
C SER H 10 -53.51 -27.31 -14.88
N LEU H 11 -54.50 -26.44 -15.09
CA LEU H 11 -55.35 -25.97 -14.00
C LEU H 11 -56.74 -25.59 -14.51
N PRO H 12 -57.62 -26.60 -14.70
CA PRO H 12 -59.03 -26.30 -14.99
C PRO H 12 -59.73 -25.74 -13.77
N VAL H 13 -60.39 -24.59 -13.92
CA VAL H 13 -61.06 -23.91 -12.81
C VAL H 13 -62.48 -23.52 -13.19
N SER H 14 -63.42 -23.72 -12.26
CA SER H 14 -64.82 -23.36 -12.49
C SER H 14 -64.99 -21.83 -12.40
N PRO H 15 -65.97 -21.28 -13.13
CA PRO H 15 -66.17 -19.82 -13.20
C PRO H 15 -66.14 -19.09 -11.85
N GLY H 16 -66.91 -19.58 -10.88
CA GLY H 16 -67.00 -18.95 -9.57
C GLY H 16 -65.78 -19.15 -8.68
N GLU H 17 -65.14 -20.31 -8.82
CA GLU H 17 -64.05 -20.72 -7.92
C GLU H 17 -62.77 -19.92 -8.17
N PRO H 18 -61.89 -19.83 -7.13
CA PRO H 18 -60.60 -19.16 -7.28
C PRO H 18 -59.53 -20.07 -7.87
N ALA H 19 -58.32 -19.54 -8.02
CA ALA H 19 -57.19 -20.31 -8.55
C ALA H 19 -55.87 -19.79 -8.00
N SER H 20 -55.01 -20.70 -7.55
CA SER H 20 -53.69 -20.36 -7.02
C SER H 20 -52.59 -21.10 -7.79
N ILE H 21 -51.63 -20.34 -8.29
CA ILE H 21 -50.49 -20.89 -9.02
C ILE H 21 -49.22 -20.58 -8.23
N SER H 22 -48.35 -21.58 -8.06
CA SER H 22 -47.13 -21.43 -7.27
C SER H 22 -45.90 -21.40 -8.16
N CYS H 23 -44.89 -20.63 -7.74
CA CYS H 23 -43.65 -20.48 -8.50
C CYS H 23 -42.46 -20.51 -7.55
N ARG H 24 -41.65 -21.57 -7.65
CA ARG H 24 -40.49 -21.77 -6.79
C ARG H 24 -39.20 -21.43 -7.52
N SER H 25 -38.24 -20.87 -6.79
CA SER H 25 -36.94 -20.50 -7.34
C SER H 25 -35.83 -21.34 -6.73
N SER H 26 -34.74 -21.51 -7.48
CA SER H 26 -33.57 -22.24 -6.99
C SER H 26 -32.62 -21.33 -6.20
N GLN H 27 -32.87 -20.03 -6.24
CA GLN H 27 -32.05 -19.04 -5.55
C GLN H 27 -32.94 -17.89 -5.07
N SER H 28 -32.54 -17.25 -3.97
CA SER H 28 -33.32 -16.15 -3.39
C SER H 28 -33.33 -14.95 -4.32
N LEU H 29 -34.50 -14.29 -4.42
CA LEU H 29 -34.67 -13.14 -5.30
C LEU H 29 -34.84 -11.82 -4.52
N LEU H 30 -34.66 -11.88 -3.20
CA LEU H 30 -34.75 -10.68 -2.36
C LEU H 30 -33.47 -9.86 -2.56
N HIS H 31 -33.62 -8.59 -2.92
CA HIS H 31 -32.51 -7.77 -3.38
C HIS H 31 -31.65 -7.20 -2.25
N GLY H 32 -32.31 -6.65 -1.23
CA GLY H 32 -31.63 -5.90 -0.17
C GLY H 32 -32.28 -4.56 0.04
N ASN H 33 -32.91 -4.03 -1.01
CA ASN H 33 -33.77 -2.85 -0.89
C ASN H 33 -35.14 -3.20 -0.31
N GLY H 34 -35.46 -4.49 -0.29
CA GLY H 34 -36.70 -4.99 0.31
C GLY H 34 -37.53 -5.82 -0.65
N TYR H 35 -37.48 -5.48 -1.93
CA TYR H 35 -38.33 -6.09 -2.95
C TYR H 35 -37.75 -7.37 -3.53
N ASN H 36 -38.64 -8.22 -4.04
CA ASN H 36 -38.26 -9.46 -4.72
C ASN H 36 -38.35 -9.29 -6.23
N TYR H 37 -37.24 -9.55 -6.91
CA TYR H 37 -37.16 -9.33 -8.36
C TYR H 37 -37.83 -10.48 -9.12
N LEU H 38 -39.16 -10.47 -9.12
CA LEU H 38 -39.96 -11.49 -9.80
C LEU H 38 -41.15 -10.85 -10.51
N ASP H 39 -41.40 -11.27 -11.75
CA ASP H 39 -42.53 -10.80 -12.53
C ASP H 39 -43.39 -11.97 -13.02
N TRP H 40 -44.70 -11.76 -13.07
CA TRP H 40 -45.62 -12.72 -13.70
C TRP H 40 -46.04 -12.19 -15.07
N TYR H 41 -46.40 -13.12 -15.96
CA TYR H 41 -46.79 -12.78 -17.33
C TYR H 41 -47.93 -13.69 -17.81
N LEU H 42 -48.78 -13.14 -18.68
CA LEU H 42 -49.92 -13.87 -19.23
C LEU H 42 -49.83 -13.87 -20.75
N GLN H 43 -49.95 -15.06 -21.34
CA GLN H 43 -50.06 -15.20 -22.79
C GLN H 43 -51.37 -15.88 -23.15
N LYS H 44 -52.32 -15.08 -23.65
CA LYS H 44 -53.63 -15.61 -24.06
C LYS H 44 -53.48 -16.31 -25.42
N PRO H 45 -54.40 -17.25 -25.74
CA PRO H 45 -54.27 -18.02 -26.97
C PRO H 45 -54.16 -17.15 -28.21
N GLY H 46 -53.12 -17.36 -29.02
CA GLY H 46 -52.92 -16.62 -30.26
C GLY H 46 -52.14 -15.32 -30.12
N GLN H 47 -52.20 -14.70 -28.94
CA GLN H 47 -51.54 -13.41 -28.70
C GLN H 47 -50.07 -13.59 -28.32
N SER H 48 -49.38 -12.46 -28.16
CA SER H 48 -48.03 -12.44 -27.59
C SER H 48 -48.13 -12.29 -26.08
N PRO H 49 -47.04 -12.56 -25.34
CA PRO H 49 -47.09 -12.41 -23.88
C PRO H 49 -47.33 -10.96 -23.42
N ARG H 50 -47.90 -10.81 -22.24
CA ARG H 50 -48.23 -9.49 -21.68
C ARG H 50 -47.90 -9.45 -20.19
N LEU H 51 -47.51 -8.27 -19.70
CA LEU H 51 -47.12 -8.10 -18.29
C LEU H 51 -48.33 -8.18 -17.37
N LEU H 52 -48.13 -8.77 -16.19
CA LEU H 52 -49.20 -9.00 -15.23
C LEU H 52 -48.84 -8.47 -13.84
N ILE H 53 -47.75 -8.96 -13.27
CA ILE H 53 -47.31 -8.57 -11.92
C ILE H 53 -45.82 -8.18 -11.90
N TYR H 54 -45.50 -7.24 -11.03
CA TYR H 54 -44.12 -6.79 -10.79
C TYR H 54 -44.14 -5.95 -9.50
N LEU H 55 -43.12 -5.97 -8.65
CA LEU H 55 -42.05 -6.94 -8.64
C LEU H 55 -42.51 -8.01 -7.64
N GLY H 56 -43.39 -8.89 -8.10
CA GLY H 56 -43.96 -9.92 -7.24
C GLY H 56 -45.27 -9.56 -6.58
N SER H 57 -45.57 -8.26 -6.45
CA SER H 57 -46.78 -7.82 -5.74
C SER H 57 -47.61 -6.73 -6.46
N ASN H 58 -46.96 -5.73 -7.05
CA ASN H 58 -47.68 -4.63 -7.70
C ASN H 58 -48.30 -5.08 -9.02
N ARG H 59 -49.43 -4.46 -9.40
CA ARG H 59 -50.15 -4.82 -10.61
C ARG H 59 -49.75 -3.93 -11.79
N ALA H 60 -49.90 -4.46 -13.00
CA ALA H 60 -49.62 -3.70 -14.23
C ALA H 60 -50.74 -2.68 -14.49
N SER H 61 -50.63 -1.94 -15.59
CA SER H 61 -51.52 -0.82 -15.87
C SER H 61 -52.99 -1.20 -16.01
N GLY H 62 -53.27 -2.25 -16.77
CA GLY H 62 -54.66 -2.66 -17.07
C GLY H 62 -55.12 -3.92 -16.37
N VAL H 63 -54.47 -4.29 -15.27
CA VAL H 63 -54.82 -5.51 -14.53
C VAL H 63 -55.83 -5.19 -13.43
N PRO H 64 -56.93 -5.96 -13.35
CA PRO H 64 -57.94 -5.71 -12.30
C PRO H 64 -57.48 -6.08 -10.89
N ASP H 65 -58.34 -5.83 -9.90
CA ASP H 65 -58.04 -6.09 -8.49
C ASP H 65 -58.04 -7.58 -8.13
N ARG H 66 -58.67 -8.40 -8.97
CA ARG H 66 -58.78 -9.84 -8.75
C ARG H 66 -57.42 -10.52 -8.66
N PHE H 67 -56.49 -10.11 -9.51
CA PHE H 67 -55.14 -10.67 -9.52
C PHE H 67 -54.29 -10.06 -8.40
N SER H 68 -53.70 -10.91 -7.57
CA SER H 68 -52.85 -10.47 -6.47
C SER H 68 -51.64 -11.38 -6.31
N GLY H 69 -50.45 -10.78 -6.29
CA GLY H 69 -49.19 -11.52 -6.13
C GLY H 69 -48.68 -11.48 -4.70
N SER H 70 -47.89 -12.49 -4.34
CA SER H 70 -47.31 -12.58 -3.00
C SER H 70 -46.13 -13.55 -2.96
N GLY H 71 -45.46 -13.60 -1.81
CA GLY H 71 -44.30 -14.47 -1.61
C GLY H 71 -43.01 -13.68 -1.56
N SER H 72 -41.99 -14.27 -0.93
CA SER H 72 -40.68 -13.64 -0.80
C SER H 72 -39.56 -14.68 -0.86
N GLY H 73 -38.34 -14.20 -1.04
CA GLY H 73 -37.16 -15.07 -1.07
C GLY H 73 -37.12 -15.97 -2.27
N THR H 74 -37.58 -17.21 -2.09
CA THR H 74 -37.45 -18.26 -3.11
C THR H 74 -38.75 -19.01 -3.39
N ASP H 75 -39.88 -18.47 -2.94
CA ASP H 75 -41.18 -19.12 -3.10
C ASP H 75 -42.29 -18.09 -3.27
N PHE H 76 -42.97 -18.14 -4.41
CA PHE H 76 -43.97 -17.13 -4.78
C PHE H 76 -45.25 -17.76 -5.31
N THR H 77 -46.37 -17.05 -5.17
CA THR H 77 -47.66 -17.52 -5.66
C THR H 77 -48.45 -16.40 -6.35
N LEU H 78 -49.39 -16.81 -7.21
CA LEU H 78 -50.28 -15.88 -7.89
C LEU H 78 -51.73 -16.26 -7.61
N LYS H 79 -52.49 -15.34 -7.01
CA LYS H 79 -53.90 -15.57 -6.69
C LYS H 79 -54.82 -14.98 -7.76
N ILE H 80 -55.92 -15.69 -8.03
CA ILE H 80 -57.03 -15.17 -8.81
C ILE H 80 -58.31 -15.53 -8.06
N SER H 81 -58.96 -14.53 -7.47
CA SER H 81 -60.14 -14.76 -6.62
C SER H 81 -61.32 -15.32 -7.41
N ARG H 82 -61.56 -14.77 -8.60
CA ARG H 82 -62.60 -15.25 -9.50
C ARG H 82 -62.06 -15.28 -10.92
N VAL H 83 -62.11 -16.44 -11.56
CA VAL H 83 -61.58 -16.60 -12.92
C VAL H 83 -62.69 -16.43 -13.95
N GLU H 84 -62.46 -15.54 -14.92
CA GLU H 84 -63.41 -15.29 -16.01
C GLU H 84 -62.94 -15.97 -17.29
N ALA H 85 -63.79 -15.92 -18.32
CA ALA H 85 -63.47 -16.52 -19.62
C ALA H 85 -62.33 -15.80 -20.34
N GLU H 86 -62.13 -14.53 -19.99
CA GLU H 86 -61.04 -13.73 -20.54
C GLU H 86 -59.67 -14.03 -19.90
N ASP H 87 -59.69 -14.70 -18.74
CA ASP H 87 -58.45 -15.04 -18.02
C ASP H 87 -57.77 -16.31 -18.51
N VAL H 88 -58.40 -17.01 -19.46
CA VAL H 88 -57.81 -18.22 -20.03
C VAL H 88 -56.48 -17.91 -20.73
N GLY H 89 -55.54 -18.84 -20.61
CA GLY H 89 -54.21 -18.67 -21.19
C GLY H 89 -53.14 -19.35 -20.36
N VAL H 90 -51.88 -19.01 -20.62
CA VAL H 90 -50.75 -19.58 -19.90
C VAL H 90 -50.07 -18.50 -19.07
N TYR H 91 -49.84 -18.79 -17.79
CA TYR H 91 -49.27 -17.84 -16.84
C TYR H 91 -47.81 -18.20 -16.52
N TYR H 92 -46.90 -17.29 -16.84
CA TYR H 92 -45.47 -17.50 -16.63
C TYR H 92 -44.92 -16.61 -15.52
N CYS H 93 -44.15 -17.19 -14.60
CA CYS H 93 -43.36 -16.43 -13.64
C CYS H 93 -41.93 -16.40 -14.15
N MET H 94 -41.22 -15.30 -13.90
CA MET H 94 -39.81 -15.20 -14.28
C MET H 94 -39.02 -14.38 -13.27
N GLN H 95 -37.75 -14.71 -13.12
CA GLN H 95 -36.83 -13.95 -12.27
C GLN H 95 -36.12 -12.87 -13.09
N ALA H 96 -35.95 -11.70 -12.50
CA ALA H 96 -35.23 -10.60 -13.13
C ALA H 96 -34.10 -10.11 -12.22
N LEU H 97 -33.45 -11.05 -11.53
CA LEU H 97 -32.39 -10.75 -10.58
C LEU H 97 -31.03 -10.78 -11.26
N GLN H 98 -30.78 -11.86 -12.00
CA GLN H 98 -29.51 -12.07 -12.70
C GLN H 98 -29.72 -12.45 -14.16
N THR H 99 -28.75 -12.09 -14.99
CA THR H 99 -28.68 -12.58 -16.37
C THR H 99 -28.03 -13.96 -16.33
N PRO H 100 -28.58 -14.93 -17.07
CA PRO H 100 -29.73 -14.83 -17.98
C PRO H 100 -31.07 -14.90 -17.27
N LEU H 101 -32.05 -14.16 -17.78
CA LEU H 101 -33.42 -14.23 -17.27
C LEU H 101 -34.03 -15.58 -17.63
N THR H 102 -34.86 -16.11 -16.75
CA THR H 102 -35.41 -17.45 -16.92
C THR H 102 -36.89 -17.50 -16.53
N PHE H 103 -37.71 -18.06 -17.41
CA PHE H 103 -39.14 -18.24 -17.16
C PHE H 103 -39.42 -19.63 -16.58
N GLY H 104 -40.61 -19.78 -16.01
CA GLY H 104 -41.08 -21.09 -15.55
C GLY H 104 -41.64 -21.89 -16.72
N GLY H 105 -42.08 -23.11 -16.42
CA GLY H 105 -42.68 -23.97 -17.43
C GLY H 105 -44.01 -23.45 -17.96
N GLY H 106 -44.71 -22.70 -17.11
CA GLY H 106 -46.00 -22.11 -17.48
C GLY H 106 -47.17 -22.91 -16.92
N THR H 107 -48.25 -22.22 -16.57
CA THR H 107 -49.45 -22.85 -16.03
C THR H 107 -50.65 -22.63 -16.94
N LYS H 108 -51.04 -23.68 -17.65
CA LYS H 108 -52.23 -23.67 -18.50
C LYS H 108 -53.49 -23.67 -17.65
N VAL H 109 -54.30 -22.62 -17.78
CA VAL H 109 -55.57 -22.53 -17.06
C VAL H 109 -56.75 -22.48 -18.04
N GLU H 110 -57.75 -23.32 -17.78
CA GLU H 110 -58.92 -23.42 -18.64
C GLU H 110 -60.20 -23.40 -17.79
N ILE H 111 -61.35 -23.35 -18.46
CA ILE H 111 -62.64 -23.35 -17.78
C ILE H 111 -63.06 -24.77 -17.46
N LYS H 112 -63.56 -24.98 -16.24
CA LYS H 112 -64.03 -26.30 -15.81
C LYS H 112 -65.55 -26.37 -15.86
N ARG H 113 -66.06 -27.12 -16.82
CA ARG H 113 -67.50 -27.35 -16.96
C ARG H 113 -67.82 -28.82 -16.76
N THR H 114 -69.11 -29.16 -16.78
CA THR H 114 -69.55 -30.54 -16.60
C THR H 114 -69.14 -31.42 -17.77
N VAL H 115 -69.20 -32.74 -17.56
CA VAL H 115 -68.78 -33.72 -18.56
C VAL H 115 -69.74 -33.75 -19.74
N ALA H 116 -69.20 -33.52 -20.94
CA ALA H 116 -69.97 -33.57 -22.17
C ALA H 116 -69.39 -34.62 -23.10
N ALA H 117 -70.24 -35.55 -23.56
CA ALA H 117 -69.81 -36.60 -24.48
C ALA H 117 -69.60 -36.03 -25.88
N PRO H 118 -68.73 -36.68 -26.69
CA PRO H 118 -68.46 -36.21 -28.03
C PRO H 118 -69.47 -36.70 -29.07
N SER H 119 -69.76 -35.86 -30.06
CA SER H 119 -70.50 -36.28 -31.25
C SER H 119 -69.49 -36.83 -32.24
N VAL H 120 -69.67 -38.09 -32.65
CA VAL H 120 -68.70 -38.80 -33.49
C VAL H 120 -69.13 -38.82 -34.95
N PHE H 121 -68.18 -38.57 -35.85
CA PHE H 121 -68.41 -38.59 -37.29
C PHE H 121 -67.21 -39.22 -37.99
N ILE H 122 -67.48 -40.13 -38.94
CA ILE H 122 -66.42 -40.74 -39.74
C ILE H 122 -66.50 -40.22 -41.19
N PHE H 123 -65.35 -40.14 -41.85
CA PHE H 123 -65.26 -39.63 -43.21
C PHE H 123 -64.28 -40.43 -44.06
N PRO H 124 -64.73 -40.96 -45.21
CA PRO H 124 -63.83 -41.68 -46.10
C PRO H 124 -63.04 -40.75 -47.03
N PRO H 125 -62.08 -41.30 -47.80
CA PRO H 125 -61.36 -40.50 -48.79
C PRO H 125 -62.20 -40.21 -50.04
N SER H 126 -62.18 -38.97 -50.51
CA SER H 126 -62.91 -38.58 -51.72
C SER H 126 -62.21 -39.07 -52.97
N ASP H 127 -62.96 -39.16 -54.07
CA ASP H 127 -62.47 -39.75 -55.32
C ASP H 127 -61.33 -38.96 -55.97
N GLU H 128 -61.23 -37.66 -55.68
CA GLU H 128 -60.13 -36.84 -56.19
C GLU H 128 -58.81 -37.24 -55.54
N GLN H 129 -58.87 -37.59 -54.25
CA GLN H 129 -57.67 -37.99 -53.50
C GLN H 129 -57.17 -39.37 -53.90
N LEU H 130 -58.09 -40.28 -54.25
CA LEU H 130 -57.70 -41.62 -54.72
C LEU H 130 -56.84 -41.52 -55.99
N LYS H 131 -57.21 -40.61 -56.88
CA LYS H 131 -56.43 -40.35 -58.10
C LYS H 131 -54.96 -40.00 -57.78
N SER H 132 -54.75 -39.27 -56.70
CA SER H 132 -53.40 -38.81 -56.33
C SER H 132 -52.48 -39.98 -55.98
N GLY H 133 -52.94 -40.89 -55.13
CA GLY H 133 -52.15 -42.04 -54.70
C GLY H 133 -52.34 -42.39 -53.24
N THR H 134 -52.55 -41.37 -52.40
CA THR H 134 -52.79 -41.56 -50.98
C THR H 134 -54.29 -41.58 -50.68
N ALA H 135 -54.64 -41.90 -49.44
CA ALA H 135 -56.03 -41.97 -49.00
C ALA H 135 -56.13 -41.58 -47.53
N SER H 136 -56.92 -40.55 -47.25
CA SER H 136 -57.04 -40.00 -45.90
C SER H 136 -58.42 -40.21 -45.30
N VAL H 137 -58.47 -40.93 -44.18
CA VAL H 137 -59.71 -41.17 -43.44
C VAL H 137 -59.71 -40.29 -42.19
N VAL H 138 -60.85 -39.66 -41.90
CA VAL H 138 -60.95 -38.73 -40.77
C VAL H 138 -62.02 -39.18 -39.76
N CYS H 139 -61.63 -39.23 -38.49
CA CYS H 139 -62.56 -39.48 -37.40
C CYS H 139 -62.69 -38.21 -36.58
N LEU H 140 -63.92 -37.72 -36.41
CA LEU H 140 -64.18 -36.44 -35.76
C LEU H 140 -64.77 -36.64 -34.36
N LEU H 141 -64.20 -35.95 -33.37
CA LEU H 141 -64.78 -35.87 -32.03
C LEU H 141 -65.16 -34.42 -31.76
N ASN H 142 -66.45 -34.15 -31.67
CA ASN H 142 -66.96 -32.77 -31.66
C ASN H 142 -67.61 -32.37 -30.33
N ASN H 143 -67.18 -31.23 -29.79
CA ASN H 143 -67.78 -30.62 -28.60
C ASN H 143 -67.89 -31.57 -27.39
N PHE H 144 -66.77 -31.78 -26.71
CA PHE H 144 -66.71 -32.67 -25.54
C PHE H 144 -65.85 -32.09 -24.42
N TYR H 145 -65.91 -32.74 -23.26
CA TYR H 145 -65.12 -32.35 -22.09
C TYR H 145 -65.04 -33.52 -21.11
N PRO H 146 -63.86 -33.76 -20.51
CA PRO H 146 -62.58 -33.03 -20.61
C PRO H 146 -61.82 -33.31 -21.91
N ARG H 147 -60.59 -32.82 -21.99
CA ARG H 147 -59.75 -33.00 -23.18
C ARG H 147 -59.31 -34.45 -23.38
N GLU H 148 -59.20 -35.20 -22.28
CA GLU H 148 -58.73 -36.59 -22.33
C GLU H 148 -59.66 -37.49 -23.15
N ALA H 149 -59.12 -38.04 -24.24
CA ALA H 149 -59.88 -38.94 -25.11
C ALA H 149 -58.93 -39.84 -25.89
N LYS H 150 -59.38 -41.07 -26.16
CA LYS H 150 -58.57 -42.06 -26.86
C LYS H 150 -59.28 -42.56 -28.11
N VAL H 151 -58.56 -42.57 -29.23
CA VAL H 151 -59.09 -43.03 -30.51
C VAL H 151 -58.36 -44.31 -30.93
N GLN H 152 -59.11 -45.28 -31.45
CA GLN H 152 -58.56 -46.57 -31.84
C GLN H 152 -58.98 -46.89 -33.29
N TRP H 153 -58.02 -46.82 -34.20
CA TRP H 153 -58.27 -47.14 -35.61
C TRP H 153 -58.21 -48.64 -35.84
N LYS H 154 -59.28 -49.21 -36.41
CA LYS H 154 -59.33 -50.63 -36.75
C LYS H 154 -59.77 -50.85 -38.20
N VAL H 155 -59.03 -51.70 -38.90
CA VAL H 155 -59.35 -52.08 -40.28
C VAL H 155 -59.56 -53.59 -40.32
N ASP H 156 -60.80 -54.02 -40.49
CA ASP H 156 -61.19 -55.44 -40.37
C ASP H 156 -60.75 -56.00 -39.02
N ASN H 157 -61.08 -55.26 -37.95
CA ASN H 157 -60.75 -55.63 -36.57
C ASN H 157 -59.25 -55.85 -36.35
N ALA H 158 -58.42 -55.00 -36.96
CA ALA H 158 -56.97 -55.06 -36.81
C ALA H 158 -56.45 -53.67 -36.42
N LEU H 159 -55.74 -53.61 -35.29
CA LEU H 159 -55.33 -52.33 -34.70
C LEU H 159 -54.27 -51.64 -35.56
N GLN H 160 -54.51 -50.36 -35.86
CA GLN H 160 -53.56 -49.55 -36.64
C GLN H 160 -52.67 -48.74 -35.72
N SER H 161 -51.39 -48.65 -36.06
CA SER H 161 -50.42 -47.91 -35.26
C SER H 161 -49.30 -47.35 -36.13
N GLY H 162 -48.81 -46.16 -35.77
CA GLY H 162 -47.74 -45.51 -36.51
C GLY H 162 -48.16 -44.92 -37.84
N ASN H 163 -49.46 -44.70 -38.02
CA ASN H 163 -50.00 -44.13 -39.25
C ASN H 163 -51.23 -43.24 -39.02
N SER H 164 -51.34 -42.67 -37.82
CA SER H 164 -52.48 -41.84 -37.45
C SER H 164 -52.01 -40.60 -36.67
N GLN H 165 -52.44 -39.43 -37.14
CA GLN H 165 -52.09 -38.16 -36.50
C GLN H 165 -53.34 -37.50 -35.95
N GLU H 166 -53.19 -36.78 -34.84
CA GLU H 166 -54.33 -36.12 -34.19
C GLU H 166 -54.07 -34.64 -33.98
N SER H 167 -55.15 -33.85 -34.04
CA SER H 167 -55.10 -32.41 -33.80
C SER H 167 -56.25 -32.01 -32.87
N VAL H 168 -55.98 -31.07 -31.98
CA VAL H 168 -56.96 -30.62 -30.98
C VAL H 168 -57.12 -29.11 -31.04
N THR H 169 -58.38 -28.64 -31.13
CA THR H 169 -58.67 -27.21 -31.10
C THR H 169 -58.57 -26.68 -29.68
N GLU H 170 -58.40 -25.36 -29.57
CA GLU H 170 -58.41 -24.69 -28.27
C GLU H 170 -59.81 -24.75 -27.67
N GLN H 171 -59.91 -24.49 -26.36
CA GLN H 171 -61.19 -24.56 -25.67
C GLN H 171 -62.14 -23.51 -26.22
N ASP H 172 -63.36 -23.94 -26.54
CA ASP H 172 -64.37 -23.05 -27.11
C ASP H 172 -64.75 -21.99 -26.09
N SER H 173 -64.82 -20.73 -26.55
CA SER H 173 -65.07 -19.60 -25.67
C SER H 173 -66.50 -19.61 -25.10
N LYS H 174 -67.47 -19.96 -25.95
CA LYS H 174 -68.88 -19.87 -25.57
C LYS H 174 -69.38 -21.07 -24.76
N ASP H 175 -68.97 -22.28 -25.16
CA ASP H 175 -69.48 -23.50 -24.53
C ASP H 175 -68.42 -24.34 -23.79
N SER H 176 -67.17 -23.88 -23.80
CA SER H 176 -66.09 -24.47 -23.00
C SER H 176 -65.73 -25.92 -23.35
N THR H 177 -66.12 -26.38 -24.55
CA THR H 177 -65.85 -27.75 -24.98
C THR H 177 -64.63 -27.79 -25.90
N TYR H 178 -64.19 -29.00 -26.21
CA TYR H 178 -63.08 -29.22 -27.13
C TYR H 178 -63.54 -30.01 -28.36
N SER H 179 -62.71 -30.01 -29.40
CA SER H 179 -62.95 -30.82 -30.58
C SER H 179 -61.63 -31.44 -31.05
N LEU H 180 -61.69 -32.71 -31.45
CA LEU H 180 -60.50 -33.46 -31.85
C LEU H 180 -60.75 -34.19 -33.17
N SER H 181 -59.73 -34.20 -34.03
CA SER H 181 -59.79 -34.91 -35.31
C SER H 181 -58.59 -35.85 -35.45
N SER H 182 -58.88 -37.13 -35.71
CA SER H 182 -57.84 -38.14 -35.90
C SER H 182 -57.83 -38.57 -37.37
N THR H 183 -56.67 -38.48 -38.01
CA THR H 183 -56.54 -38.72 -39.45
C THR H 183 -55.67 -39.93 -39.76
N LEU H 184 -56.29 -40.99 -40.28
CA LEU H 184 -55.56 -42.18 -40.74
C LEU H 184 -55.17 -42.01 -42.20
N THR H 185 -53.88 -42.05 -42.48
CA THR H 185 -53.36 -41.85 -43.83
C THR H 185 -52.74 -43.15 -44.36
N LEU H 186 -53.28 -43.64 -45.48
CA LEU H 186 -52.78 -44.84 -46.14
C LEU H 186 -52.66 -44.62 -47.65
N SER H 187 -51.96 -45.52 -48.32
CA SER H 187 -51.87 -45.49 -49.78
C SER H 187 -53.17 -46.03 -50.38
N LYS H 188 -53.39 -45.74 -51.66
CA LYS H 188 -54.53 -46.29 -52.38
C LYS H 188 -54.40 -47.81 -52.49
N ALA H 189 -53.17 -48.29 -52.64
CA ALA H 189 -52.89 -49.72 -52.71
C ALA H 189 -53.32 -50.47 -51.44
N ASP H 190 -53.15 -49.83 -50.28
CA ASP H 190 -53.58 -50.42 -49.01
C ASP H 190 -55.08 -50.27 -48.78
N TYR H 191 -55.64 -49.14 -49.19
CA TYR H 191 -57.06 -48.84 -48.97
C TYR H 191 -57.99 -49.76 -49.76
N GLU H 192 -57.57 -50.14 -50.96
CA GLU H 192 -58.36 -51.05 -51.81
C GLU H 192 -58.32 -52.51 -51.35
N LYS H 193 -57.44 -52.82 -50.39
CA LYS H 193 -57.27 -54.19 -49.88
C LYS H 193 -58.39 -54.60 -48.93
N HIS H 194 -58.84 -53.65 -48.10
CA HIS H 194 -59.74 -53.94 -46.99
C HIS H 194 -61.13 -53.35 -47.21
N LYS H 195 -62.09 -53.82 -46.41
CA LYS H 195 -63.49 -53.42 -46.54
C LYS H 195 -63.96 -52.55 -45.38
N VAL H 196 -63.90 -53.11 -44.17
CA VAL H 196 -64.41 -52.43 -42.97
C VAL H 196 -63.37 -51.48 -42.40
N TYR H 197 -63.73 -50.20 -42.31
CA TYR H 197 -62.89 -49.18 -41.66
C TYR H 197 -63.67 -48.54 -40.53
N ALA H 198 -63.03 -48.41 -39.36
CA ALA H 198 -63.73 -47.94 -38.16
C ALA H 198 -62.80 -47.30 -37.15
N CYS H 199 -63.25 -46.19 -36.55
CA CYS H 199 -62.56 -45.56 -35.42
C CYS H 199 -63.38 -45.78 -34.14
N GLU H 200 -62.75 -46.36 -33.13
CA GLU H 200 -63.41 -46.67 -31.86
C GLU H 200 -63.04 -45.63 -30.80
N VAL H 201 -64.02 -44.88 -30.33
CA VAL H 201 -63.81 -43.80 -29.37
C VAL H 201 -64.14 -44.27 -27.95
N THR H 202 -63.33 -43.83 -26.99
CA THR H 202 -63.57 -44.10 -25.58
C THR H 202 -63.37 -42.82 -24.75
N HIS H 203 -64.48 -42.18 -24.40
CA HIS H 203 -64.45 -40.93 -23.63
C HIS H 203 -65.15 -41.11 -22.28
N GLN H 204 -64.71 -40.34 -21.28
CA GLN H 204 -65.24 -40.42 -19.92
C GLN H 204 -66.77 -40.33 -19.87
N GLY H 205 -67.34 -39.37 -20.58
CA GLY H 205 -68.78 -39.13 -20.59
C GLY H 205 -69.63 -40.13 -21.36
N LEU H 206 -69.00 -41.18 -21.89
CA LEU H 206 -69.73 -42.26 -22.57
C LEU H 206 -69.70 -43.52 -21.72
N SER H 207 -70.86 -44.15 -21.54
CA SER H 207 -70.97 -45.39 -20.78
C SER H 207 -70.41 -46.57 -21.58
N SER H 208 -70.70 -46.59 -22.88
CA SER H 208 -70.20 -47.63 -23.79
C SER H 208 -69.35 -47.00 -24.89
N PRO H 209 -68.42 -47.79 -25.48
CA PRO H 209 -67.54 -47.27 -26.53
C PRO H 209 -68.22 -47.14 -27.90
N VAL H 210 -68.33 -45.91 -28.40
CA VAL H 210 -68.95 -45.66 -29.70
C VAL H 210 -67.98 -46.03 -30.82
N THR H 211 -68.52 -46.62 -31.89
CA THR H 211 -67.72 -47.04 -33.04
C THR H 211 -68.41 -46.68 -34.35
N LYS H 212 -67.97 -45.57 -34.96
CA LYS H 212 -68.46 -45.17 -36.27
C LYS H 212 -67.62 -45.84 -37.36
N SER H 213 -68.28 -46.42 -38.35
CA SER H 213 -67.61 -47.21 -39.39
C SER H 213 -68.31 -47.09 -40.74
N PHE H 214 -67.70 -47.70 -41.76
CA PHE H 214 -68.28 -47.74 -43.10
C PHE H 214 -67.65 -48.85 -43.94
N ASN H 215 -68.43 -49.36 -44.90
CA ASN H 215 -67.92 -50.28 -45.91
C ASN H 215 -67.43 -49.49 -47.12
N ARG H 216 -66.36 -49.96 -47.74
CA ARG H 216 -65.74 -49.26 -48.86
C ARG H 216 -66.64 -49.30 -50.10
N GLY H 217 -67.20 -48.14 -50.46
CA GLY H 217 -68.04 -48.00 -51.66
C GLY H 217 -69.53 -47.93 -51.35
N GLU H 218 -69.89 -47.18 -50.31
CA GLU H 218 -71.28 -47.03 -49.86
C GLU H 218 -71.92 -48.38 -49.53
#